data_6CZU
# 
_entry.id   6CZU 
# 
_audit_conform.dict_name       mmcif_pdbx.dic 
_audit_conform.dict_version    5.398 
_audit_conform.dict_location   http://mmcif.pdb.org/dictionaries/ascii/mmcif_pdbx.dic 
# 
loop_
_database_2.database_id 
_database_2.database_code 
_database_2.pdbx_database_accession 
_database_2.pdbx_DOI 
PDB   6CZU         pdb_00006czu 10.2210/pdb6czu/pdb 
WWPDB D_1000231585 ?            ?                   
# 
loop_
_pdbx_audit_revision_history.ordinal 
_pdbx_audit_revision_history.data_content_type 
_pdbx_audit_revision_history.major_revision 
_pdbx_audit_revision_history.minor_revision 
_pdbx_audit_revision_history.revision_date 
1 'Structure model' 1 0 2018-09-26 
2 'Structure model' 1 1 2018-10-10 
3 'Structure model' 1 2 2024-11-06 
# 
_pdbx_audit_revision_details.ordinal             1 
_pdbx_audit_revision_details.revision_ordinal    1 
_pdbx_audit_revision_details.data_content_type   'Structure model' 
_pdbx_audit_revision_details.provider            repository 
_pdbx_audit_revision_details.type                'Initial release' 
_pdbx_audit_revision_details.description         ? 
_pdbx_audit_revision_details.details             ? 
# 
loop_
_pdbx_audit_revision_group.ordinal 
_pdbx_audit_revision_group.revision_ordinal 
_pdbx_audit_revision_group.data_content_type 
_pdbx_audit_revision_group.group 
1 2 'Structure model' 'Data collection'     
2 2 'Structure model' 'Database references' 
3 3 'Structure model' 'Data collection'     
4 3 'Structure model' 'Database references' 
5 3 'Structure model' 'Structure summary'   
# 
loop_
_pdbx_audit_revision_category.ordinal 
_pdbx_audit_revision_category.revision_ordinal 
_pdbx_audit_revision_category.data_content_type 
_pdbx_audit_revision_category.category 
1 2 'Structure model' citation                  
2 2 'Structure model' citation_author           
3 3 'Structure model' chem_comp_atom            
4 3 'Structure model' chem_comp_bond            
5 3 'Structure model' database_2                
6 3 'Structure model' pdbx_entry_details        
7 3 'Structure model' pdbx_modification_feature 
# 
loop_
_pdbx_audit_revision_item.ordinal 
_pdbx_audit_revision_item.revision_ordinal 
_pdbx_audit_revision_item.data_content_type 
_pdbx_audit_revision_item.item 
1 2 'Structure model' '_citation.journal_volume'            
2 2 'Structure model' '_citation.page_first'                
3 2 'Structure model' '_citation.page_last'                 
4 2 'Structure model' '_citation_author.identifier_ORCID'   
5 3 'Structure model' '_database_2.pdbx_DOI'                
6 3 'Structure model' '_database_2.pdbx_database_accession' 
# 
_pdbx_database_status.status_code                     REL 
_pdbx_database_status.status_code_sf                  REL 
_pdbx_database_status.status_code_mr                  ? 
_pdbx_database_status.entry_id                        6CZU 
_pdbx_database_status.recvd_initial_deposition_date   2018-04-09 
_pdbx_database_status.SG_entry                        N 
_pdbx_database_status.deposit_site                    RCSB 
_pdbx_database_status.process_site                    RCSB 
_pdbx_database_status.status_code_cs                  ? 
_pdbx_database_status.methods_development_category    ? 
_pdbx_database_status.pdb_format_compatible           Y 
_pdbx_database_status.status_code_nmr_data            ? 
# 
loop_
_audit_author.name 
_audit_author.pdbx_ordinal 
_audit_author.identifier_ORCID 
'Lakshminarasimhan, D.' 1 ? 
'White, A.'             2 ? 
'Suto, R.K.'            3 ? 
# 
_citation.abstract                  ? 
_citation.abstract_id_CAS           ? 
_citation.book_id_ISBN              ? 
_citation.book_publisher            ? 
_citation.book_publisher_city       ? 
_citation.book_title                ? 
_citation.coordinate_linkage        ? 
_citation.country                   US 
_citation.database_id_Medline       ? 
_citation.details                   ? 
_citation.id                        primary 
_citation.journal_abbrev            'J. Med. Chem.' 
_citation.journal_id_ASTM           JMCMAR 
_citation.journal_id_CSD            0151 
_citation.journal_id_ISSN           1520-4804 
_citation.journal_full              ? 
_citation.journal_issue             ? 
_citation.journal_volume            61 
_citation.language                  ? 
_citation.page_first                8202 
_citation.page_last                 8211 
_citation.title                     
'Design and Characterization of Novel Covalent Bromodomain and Extra-Terminal Domain (BET) Inhibitors Targeting a Methionine.' 
_citation.year                      2018 
_citation.database_id_CSD           ? 
_citation.pdbx_database_id_DOI      10.1021/acs.jmedchem.8b00666 
_citation.pdbx_database_id_PubMed   30165024 
_citation.unpublished_flag          ? 
# 
loop_
_citation_author.citation_id 
_citation_author.name 
_citation_author.ordinal 
_citation_author.identifier_ORCID 
primary 'Kharenko, O.A.'        1  ? 
primary 'Patel, R.G.'           2  ? 
primary 'Brown, S.D.'           3  ? 
primary 'Calosing, C.'          4  ? 
primary 'White, A.'             5  ? 
primary 'Lakshminarasimhan, D.' 6  ? 
primary 'Suto, R.K.'            7  ? 
primary 'Duffy, B.C.'           8  ? 
primary 'Kitchen, D.B.'         9  ? 
primary 'McLure, K.G.'          10 ? 
primary 'Hansen, H.C.'          11 ? 
primary 'van der Horst, E.H.'   12 ? 
primary 'Young, P.R.'           13 ? 
# 
loop_
_entity.id 
_entity.type 
_entity.src_method 
_entity.pdbx_description 
_entity.formula_weight 
_entity.pdbx_number_of_molecules 
_entity.pdbx_ec 
_entity.pdbx_mutation 
_entity.pdbx_fragment 
_entity.details 
1 polymer     man 'Bromodomain-containing protein 4'                                                            15329.598 1   ? ? 
? ? 
2 non-polymer syn '5-(3,5-dimethyl-1,2-oxazol-4-yl)-1-({4-[(1R)-1-hydroxyethyl]phenyl}methyl)pyridin-2(1H)-one' 324.374   1   ? ? 
? ? 
3 non-polymer syn 1,2-ETHANEDIOL                                                                                62.068    7   ? ? 
? ? 
4 non-polymer syn 'DIMETHYL SULFOXIDE'                                                                          78.133    1   ? ? 
? ? 
5 water       nat water                                                                                         18.015    216 ? ? 
? ? 
# 
_entity_name_com.entity_id   1 
_entity_name_com.name        'Protein HUNK1' 
# 
_entity_poly.entity_id                      1 
_entity_poly.type                           'polypeptide(L)' 
_entity_poly.nstd_linkage                   no 
_entity_poly.nstd_monomer                   no 
_entity_poly.pdbx_seq_one_letter_code       
;SMNPPPPETSNPNKPKRQTNQLQYLLRVVLKTLWKHQFAWPFQQPVDAVKLNLPDYYKIIKTPMDMGTIKKRLENNYYWN
AQECIQDFNTMFTNCYIYNKPGDDIVLMAEALEKLFLQKINELPTEETE
;
_entity_poly.pdbx_seq_one_letter_code_can   
;SMNPPPPETSNPNKPKRQTNQLQYLLRVVLKTLWKHQFAWPFQQPVDAVKLNLPDYYKIIKTPMDMGTIKKRLENNYYWN
AQECIQDFNTMFTNCYIYNKPGDDIVLMAEALEKLFLQKINELPTEETE
;
_entity_poly.pdbx_strand_id                 A 
_entity_poly.pdbx_target_identifier         ? 
# 
loop_
_pdbx_entity_nonpoly.entity_id 
_pdbx_entity_nonpoly.name 
_pdbx_entity_nonpoly.comp_id 
2 '5-(3,5-dimethyl-1,2-oxazol-4-yl)-1-({4-[(1R)-1-hydroxyethyl]phenyl}methyl)pyridin-2(1H)-one' FP7 
3 1,2-ETHANEDIOL                                                                                EDO 
4 'DIMETHYL SULFOXIDE'                                                                          DMS 
5 water                                                                                         HOH 
# 
loop_
_entity_poly_seq.entity_id 
_entity_poly_seq.num 
_entity_poly_seq.mon_id 
_entity_poly_seq.hetero 
1 1   SER n 
1 2   MET n 
1 3   ASN n 
1 4   PRO n 
1 5   PRO n 
1 6   PRO n 
1 7   PRO n 
1 8   GLU n 
1 9   THR n 
1 10  SER n 
1 11  ASN n 
1 12  PRO n 
1 13  ASN n 
1 14  LYS n 
1 15  PRO n 
1 16  LYS n 
1 17  ARG n 
1 18  GLN n 
1 19  THR n 
1 20  ASN n 
1 21  GLN n 
1 22  LEU n 
1 23  GLN n 
1 24  TYR n 
1 25  LEU n 
1 26  LEU n 
1 27  ARG n 
1 28  VAL n 
1 29  VAL n 
1 30  LEU n 
1 31  LYS n 
1 32  THR n 
1 33  LEU n 
1 34  TRP n 
1 35  LYS n 
1 36  HIS n 
1 37  GLN n 
1 38  PHE n 
1 39  ALA n 
1 40  TRP n 
1 41  PRO n 
1 42  PHE n 
1 43  GLN n 
1 44  GLN n 
1 45  PRO n 
1 46  VAL n 
1 47  ASP n 
1 48  ALA n 
1 49  VAL n 
1 50  LYS n 
1 51  LEU n 
1 52  ASN n 
1 53  LEU n 
1 54  PRO n 
1 55  ASP n 
1 56  TYR n 
1 57  TYR n 
1 58  LYS n 
1 59  ILE n 
1 60  ILE n 
1 61  LYS n 
1 62  THR n 
1 63  PRO n 
1 64  MET n 
1 65  ASP n 
1 66  MET n 
1 67  GLY n 
1 68  THR n 
1 69  ILE n 
1 70  LYS n 
1 71  LYS n 
1 72  ARG n 
1 73  LEU n 
1 74  GLU n 
1 75  ASN n 
1 76  ASN n 
1 77  TYR n 
1 78  TYR n 
1 79  TRP n 
1 80  ASN n 
1 81  ALA n 
1 82  GLN n 
1 83  GLU n 
1 84  CYS n 
1 85  ILE n 
1 86  GLN n 
1 87  ASP n 
1 88  PHE n 
1 89  ASN n 
1 90  THR n 
1 91  MET n 
1 92  PHE n 
1 93  THR n 
1 94  ASN n 
1 95  CYS n 
1 96  TYR n 
1 97  ILE n 
1 98  TYR n 
1 99  ASN n 
1 100 LYS n 
1 101 PRO n 
1 102 GLY n 
1 103 ASP n 
1 104 ASP n 
1 105 ILE n 
1 106 VAL n 
1 107 LEU n 
1 108 MET n 
1 109 ALA n 
1 110 GLU n 
1 111 ALA n 
1 112 LEU n 
1 113 GLU n 
1 114 LYS n 
1 115 LEU n 
1 116 PHE n 
1 117 LEU n 
1 118 GLN n 
1 119 LYS n 
1 120 ILE n 
1 121 ASN n 
1 122 GLU n 
1 123 LEU n 
1 124 PRO n 
1 125 THR n 
1 126 GLU n 
1 127 GLU n 
1 128 THR n 
1 129 GLU n 
# 
_entity_src_gen.entity_id                          1 
_entity_src_gen.pdbx_src_id                        1 
_entity_src_gen.pdbx_alt_source_flag               sample 
_entity_src_gen.pdbx_seq_type                      'Biological sequence' 
_entity_src_gen.pdbx_beg_seq_num                   1 
_entity_src_gen.pdbx_end_seq_num                   129 
_entity_src_gen.gene_src_common_name               Human 
_entity_src_gen.gene_src_genus                     ? 
_entity_src_gen.pdbx_gene_src_gene                 'BRD4, HUNK1' 
_entity_src_gen.gene_src_species                   ? 
_entity_src_gen.gene_src_strain                    ? 
_entity_src_gen.gene_src_tissue                    ? 
_entity_src_gen.gene_src_tissue_fraction           ? 
_entity_src_gen.gene_src_details                   ? 
_entity_src_gen.pdbx_gene_src_fragment             ? 
_entity_src_gen.pdbx_gene_src_scientific_name      'Homo sapiens' 
_entity_src_gen.pdbx_gene_src_ncbi_taxonomy_id     9606 
_entity_src_gen.pdbx_gene_src_variant              ? 
_entity_src_gen.pdbx_gene_src_cell_line            ? 
_entity_src_gen.pdbx_gene_src_atcc                 ? 
_entity_src_gen.pdbx_gene_src_organ                ? 
_entity_src_gen.pdbx_gene_src_organelle            ? 
_entity_src_gen.pdbx_gene_src_cell                 ? 
_entity_src_gen.pdbx_gene_src_cellular_location    ? 
_entity_src_gen.host_org_common_name               ? 
_entity_src_gen.pdbx_host_org_scientific_name      'Escherichia coli BL21(DE3)' 
_entity_src_gen.pdbx_host_org_ncbi_taxonomy_id     469008 
_entity_src_gen.host_org_genus                     ? 
_entity_src_gen.pdbx_host_org_gene                 ? 
_entity_src_gen.pdbx_host_org_organ                ? 
_entity_src_gen.host_org_species                   ? 
_entity_src_gen.pdbx_host_org_tissue               ? 
_entity_src_gen.pdbx_host_org_tissue_fraction      ? 
_entity_src_gen.pdbx_host_org_strain               ? 
_entity_src_gen.pdbx_host_org_variant              ? 
_entity_src_gen.pdbx_host_org_cell_line            ? 
_entity_src_gen.pdbx_host_org_atcc                 ? 
_entity_src_gen.pdbx_host_org_culture_collection   ? 
_entity_src_gen.pdbx_host_org_cell                 ? 
_entity_src_gen.pdbx_host_org_organelle            ? 
_entity_src_gen.pdbx_host_org_cellular_location    ? 
_entity_src_gen.pdbx_host_org_vector_type          Plasmid 
_entity_src_gen.pdbx_host_org_vector               ? 
_entity_src_gen.host_org_details                   ? 
_entity_src_gen.expression_system_id               ? 
_entity_src_gen.plasmid_name                       PJEXPRESS401 
_entity_src_gen.plasmid_details                    ? 
_entity_src_gen.pdbx_description                   ? 
# 
loop_
_chem_comp.id 
_chem_comp.type 
_chem_comp.mon_nstd_flag 
_chem_comp.name 
_chem_comp.pdbx_synonyms 
_chem_comp.formula 
_chem_comp.formula_weight 
ALA 'L-peptide linking' y ALANINE                                                                                       ? 
'C3 H7 N O2'     89.093  
ARG 'L-peptide linking' y ARGININE                                                                                      ? 
'C6 H15 N4 O2 1' 175.209 
ASN 'L-peptide linking' y ASPARAGINE                                                                                    ? 
'C4 H8 N2 O3'    132.118 
ASP 'L-peptide linking' y 'ASPARTIC ACID'                                                                               ? 
'C4 H7 N O4'     133.103 
CYS 'L-peptide linking' y CYSTEINE                                                                                      ? 
'C3 H7 N O2 S'   121.158 
DMS non-polymer         . 'DIMETHYL SULFOXIDE'                                                                          ? 
'C2 H6 O S'      78.133  
EDO non-polymer         . 1,2-ETHANEDIOL                                                                                
'ETHYLENE GLYCOL' 'C2 H6 O2'       62.068  
FP7 non-polymer         . '5-(3,5-dimethyl-1,2-oxazol-4-yl)-1-({4-[(1R)-1-hydroxyethyl]phenyl}methyl)pyridin-2(1H)-one' ? 
'C19 H20 N2 O3'  324.374 
GLN 'L-peptide linking' y GLUTAMINE                                                                                     ? 
'C5 H10 N2 O3'   146.144 
GLU 'L-peptide linking' y 'GLUTAMIC ACID'                                                                               ? 
'C5 H9 N O4'     147.129 
GLY 'peptide linking'   y GLYCINE                                                                                       ? 
'C2 H5 N O2'     75.067  
HIS 'L-peptide linking' y HISTIDINE                                                                                     ? 
'C6 H10 N3 O2 1' 156.162 
HOH non-polymer         . WATER                                                                                         ? 'H2 O' 
18.015  
ILE 'L-peptide linking' y ISOLEUCINE                                                                                    ? 
'C6 H13 N O2'    131.173 
LEU 'L-peptide linking' y LEUCINE                                                                                       ? 
'C6 H13 N O2'    131.173 
LYS 'L-peptide linking' y LYSINE                                                                                        ? 
'C6 H15 N2 O2 1' 147.195 
MET 'L-peptide linking' y METHIONINE                                                                                    ? 
'C5 H11 N O2 S'  149.211 
PHE 'L-peptide linking' y PHENYLALANINE                                                                                 ? 
'C9 H11 N O2'    165.189 
PRO 'L-peptide linking' y PROLINE                                                                                       ? 
'C5 H9 N O2'     115.130 
SER 'L-peptide linking' y SERINE                                                                                        ? 
'C3 H7 N O3'     105.093 
THR 'L-peptide linking' y THREONINE                                                                                     ? 
'C4 H9 N O3'     119.119 
TRP 'L-peptide linking' y TRYPTOPHAN                                                                                    ? 
'C11 H12 N2 O2'  204.225 
TYR 'L-peptide linking' y TYROSINE                                                                                      ? 
'C9 H11 N O3'    181.189 
VAL 'L-peptide linking' y VALINE                                                                                        ? 
'C5 H11 N O2'    117.146 
# 
loop_
_pdbx_poly_seq_scheme.asym_id 
_pdbx_poly_seq_scheme.entity_id 
_pdbx_poly_seq_scheme.seq_id 
_pdbx_poly_seq_scheme.mon_id 
_pdbx_poly_seq_scheme.ndb_seq_num 
_pdbx_poly_seq_scheme.pdb_seq_num 
_pdbx_poly_seq_scheme.auth_seq_num 
_pdbx_poly_seq_scheme.pdb_mon_id 
_pdbx_poly_seq_scheme.auth_mon_id 
_pdbx_poly_seq_scheme.pdb_strand_id 
_pdbx_poly_seq_scheme.pdb_ins_code 
_pdbx_poly_seq_scheme.hetero 
A 1 1   SER 1   42  42  SER SER A . n 
A 1 2   MET 2   43  43  MET MET A . n 
A 1 3   ASN 3   44  44  ASN ASN A . n 
A 1 4   PRO 4   45  45  PRO PRO A . n 
A 1 5   PRO 5   46  46  PRO PRO A . n 
A 1 6   PRO 6   47  47  PRO PRO A . n 
A 1 7   PRO 7   48  48  PRO PRO A . n 
A 1 8   GLU 8   49  49  GLU GLU A . n 
A 1 9   THR 9   50  50  THR THR A . n 
A 1 10  SER 10  51  51  SER SER A . n 
A 1 11  ASN 11  52  52  ASN ASN A . n 
A 1 12  PRO 12  53  53  PRO PRO A . n 
A 1 13  ASN 13  54  54  ASN ASN A . n 
A 1 14  LYS 14  55  55  LYS LYS A . n 
A 1 15  PRO 15  56  56  PRO PRO A . n 
A 1 16  LYS 16  57  57  LYS LYS A . n 
A 1 17  ARG 17  58  58  ARG ARG A . n 
A 1 18  GLN 18  59  59  GLN GLN A . n 
A 1 19  THR 19  60  60  THR THR A . n 
A 1 20  ASN 20  61  61  ASN ASN A . n 
A 1 21  GLN 21  62  62  GLN GLN A . n 
A 1 22  LEU 22  63  63  LEU LEU A . n 
A 1 23  GLN 23  64  64  GLN GLN A . n 
A 1 24  TYR 24  65  65  TYR TYR A . n 
A 1 25  LEU 25  66  66  LEU LEU A . n 
A 1 26  LEU 26  67  67  LEU LEU A . n 
A 1 27  ARG 27  68  68  ARG ARG A . n 
A 1 28  VAL 28  69  69  VAL VAL A . n 
A 1 29  VAL 29  70  70  VAL VAL A . n 
A 1 30  LEU 30  71  71  LEU LEU A . n 
A 1 31  LYS 31  72  72  LYS LYS A . n 
A 1 32  THR 32  73  73  THR THR A . n 
A 1 33  LEU 33  74  74  LEU LEU A . n 
A 1 34  TRP 34  75  75  TRP TRP A . n 
A 1 35  LYS 35  76  76  LYS LYS A . n 
A 1 36  HIS 36  77  77  HIS HIS A . n 
A 1 37  GLN 37  78  78  GLN GLN A . n 
A 1 38  PHE 38  79  79  PHE PHE A . n 
A 1 39  ALA 39  80  80  ALA ALA A . n 
A 1 40  TRP 40  81  81  TRP TRP A . n 
A 1 41  PRO 41  82  82  PRO PRO A . n 
A 1 42  PHE 42  83  83  PHE PHE A . n 
A 1 43  GLN 43  84  84  GLN GLN A . n 
A 1 44  GLN 44  85  85  GLN GLN A . n 
A 1 45  PRO 45  86  86  PRO PRO A . n 
A 1 46  VAL 46  87  87  VAL VAL A . n 
A 1 47  ASP 47  88  88  ASP ASP A . n 
A 1 48  ALA 48  89  89  ALA ALA A . n 
A 1 49  VAL 49  90  90  VAL VAL A . n 
A 1 50  LYS 50  91  91  LYS LYS A . n 
A 1 51  LEU 51  92  92  LEU LEU A . n 
A 1 52  ASN 52  93  93  ASN ASN A . n 
A 1 53  LEU 53  94  94  LEU LEU A . n 
A 1 54  PRO 54  95  95  PRO PRO A . n 
A 1 55  ASP 55  96  96  ASP ASP A . n 
A 1 56  TYR 56  97  97  TYR TYR A . n 
A 1 57  TYR 57  98  98  TYR TYR A . n 
A 1 58  LYS 58  99  99  LYS LYS A . n 
A 1 59  ILE 59  100 100 ILE ILE A . n 
A 1 60  ILE 60  101 101 ILE ILE A . n 
A 1 61  LYS 61  102 102 LYS LYS A . n 
A 1 62  THR 62  103 103 THR THR A . n 
A 1 63  PRO 63  104 104 PRO PRO A . n 
A 1 64  MET 64  105 105 MET MET A . n 
A 1 65  ASP 65  106 106 ASP ASP A . n 
A 1 66  MET 66  107 107 MET MET A . n 
A 1 67  GLY 67  108 108 GLY GLY A . n 
A 1 68  THR 68  109 109 THR THR A . n 
A 1 69  ILE 69  110 110 ILE ILE A . n 
A 1 70  LYS 70  111 111 LYS LYS A . n 
A 1 71  LYS 71  112 112 LYS LYS A . n 
A 1 72  ARG 72  113 113 ARG ARG A . n 
A 1 73  LEU 73  114 114 LEU LEU A . n 
A 1 74  GLU 74  115 115 GLU GLU A . n 
A 1 75  ASN 75  116 116 ASN ASN A . n 
A 1 76  ASN 76  117 117 ASN ASN A . n 
A 1 77  TYR 77  118 118 TYR TYR A . n 
A 1 78  TYR 78  119 119 TYR TYR A . n 
A 1 79  TRP 79  120 120 TRP TRP A . n 
A 1 80  ASN 80  121 121 ASN ASN A . n 
A 1 81  ALA 81  122 122 ALA ALA A . n 
A 1 82  GLN 82  123 123 GLN GLN A . n 
A 1 83  GLU 83  124 124 GLU GLU A . n 
A 1 84  CYS 84  125 125 CYS CYS A . n 
A 1 85  ILE 85  126 126 ILE ILE A . n 
A 1 86  GLN 86  127 127 GLN GLN A . n 
A 1 87  ASP 87  128 128 ASP ASP A . n 
A 1 88  PHE 88  129 129 PHE PHE A . n 
A 1 89  ASN 89  130 130 ASN ASN A . n 
A 1 90  THR 90  131 131 THR THR A . n 
A 1 91  MET 91  132 132 MET MET A . n 
A 1 92  PHE 92  133 133 PHE PHE A . n 
A 1 93  THR 93  134 134 THR THR A . n 
A 1 94  ASN 94  135 135 ASN ASN A . n 
A 1 95  CYS 95  136 136 CYS CYS A . n 
A 1 96  TYR 96  137 137 TYR TYR A . n 
A 1 97  ILE 97  138 138 ILE ILE A . n 
A 1 98  TYR 98  139 139 TYR TYR A . n 
A 1 99  ASN 99  140 140 ASN ASN A . n 
A 1 100 LYS 100 141 141 LYS LYS A . n 
A 1 101 PRO 101 142 142 PRO PRO A . n 
A 1 102 GLY 102 143 143 GLY GLY A . n 
A 1 103 ASP 103 144 144 ASP ASP A . n 
A 1 104 ASP 104 145 145 ASP ASP A . n 
A 1 105 ILE 105 146 146 ILE ILE A . n 
A 1 106 VAL 106 147 147 VAL VAL A . n 
A 1 107 LEU 107 148 148 LEU LEU A . n 
A 1 108 MET 108 149 149 MET MET A . n 
A 1 109 ALA 109 150 150 ALA ALA A . n 
A 1 110 GLU 110 151 151 GLU GLU A . n 
A 1 111 ALA 111 152 152 ALA ALA A . n 
A 1 112 LEU 112 153 153 LEU LEU A . n 
A 1 113 GLU 113 154 154 GLU GLU A . n 
A 1 114 LYS 114 155 155 LYS LYS A . n 
A 1 115 LEU 115 156 156 LEU LEU A . n 
A 1 116 PHE 116 157 157 PHE PHE A . n 
A 1 117 LEU 117 158 158 LEU LEU A . n 
A 1 118 GLN 118 159 159 GLN GLN A . n 
A 1 119 LYS 119 160 160 LYS LYS A . n 
A 1 120 ILE 120 161 161 ILE ILE A . n 
A 1 121 ASN 121 162 162 ASN ASN A . n 
A 1 122 GLU 122 163 163 GLU GLU A . n 
A 1 123 LEU 123 164 164 LEU LEU A . n 
A 1 124 PRO 124 165 165 PRO PRO A . n 
A 1 125 THR 125 166 166 THR THR A . n 
A 1 126 GLU 126 167 167 GLU GLU A . n 
A 1 127 GLU 127 168 168 GLU GLU A . n 
A 1 128 THR 128 169 169 THR THR A . n 
A 1 129 GLU 129 170 170 GLU GLU A . n 
# 
loop_
_pdbx_nonpoly_scheme.asym_id 
_pdbx_nonpoly_scheme.entity_id 
_pdbx_nonpoly_scheme.mon_id 
_pdbx_nonpoly_scheme.ndb_seq_num 
_pdbx_nonpoly_scheme.pdb_seq_num 
_pdbx_nonpoly_scheme.auth_seq_num 
_pdbx_nonpoly_scheme.pdb_mon_id 
_pdbx_nonpoly_scheme.auth_mon_id 
_pdbx_nonpoly_scheme.pdb_strand_id 
_pdbx_nonpoly_scheme.pdb_ins_code 
B 2 FP7 1   201 1   FP7 219 A . 
C 3 EDO 1   202 1   EDO EDO A . 
D 3 EDO 1   203 2   EDO EDO A . 
E 3 EDO 1   204 3   EDO EDO A . 
F 4 DMS 1   205 4   DMS DMS A . 
G 3 EDO 1   206 5   EDO EDO A . 
H 3 EDO 1   207 6   EDO EDO A . 
I 3 EDO 1   208 7   EDO EDO A . 
J 3 EDO 1   209 9   EDO EDO A . 
K 5 HOH 1   301 106 HOH HOH A . 
K 5 HOH 2   302 165 HOH HOH A . 
K 5 HOH 3   303 118 HOH HOH A . 
K 5 HOH 4   304 68  HOH HOH A . 
K 5 HOH 5   305 146 HOH HOH A . 
K 5 HOH 6   306 205 HOH HOH A . 
K 5 HOH 7   307 132 HOH HOH A . 
K 5 HOH 8   308 46  HOH HOH A . 
K 5 HOH 9   309 100 HOH HOH A . 
K 5 HOH 10  310 145 HOH HOH A . 
K 5 HOH 11  311 172 HOH HOH A . 
K 5 HOH 12  312 112 HOH HOH A . 
K 5 HOH 13  313 59  HOH HOH A . 
K 5 HOH 14  314 60  HOH HOH A . 
K 5 HOH 15  315 117 HOH HOH A . 
K 5 HOH 16  316 71  HOH HOH A . 
K 5 HOH 17  317 58  HOH HOH A . 
K 5 HOH 18  318 158 HOH HOH A . 
K 5 HOH 19  319 164 HOH HOH A . 
K 5 HOH 20  320 75  HOH HOH A . 
K 5 HOH 21  321 62  HOH HOH A . 
K 5 HOH 22  322 214 HOH HOH A . 
K 5 HOH 23  323 130 HOH HOH A . 
K 5 HOH 24  324 55  HOH HOH A . 
K 5 HOH 25  325 107 HOH HOH A . 
K 5 HOH 26  326 185 HOH HOH A . 
K 5 HOH 27  327 33  HOH HOH A . 
K 5 HOH 28  328 125 HOH HOH A . 
K 5 HOH 29  329 26  HOH HOH A . 
K 5 HOH 30  330 4   HOH HOH A . 
K 5 HOH 31  331 70  HOH HOH A . 
K 5 HOH 32  332 156 HOH HOH A . 
K 5 HOH 33  333 20  HOH HOH A . 
K 5 HOH 34  334 88  HOH HOH A . 
K 5 HOH 35  335 14  HOH HOH A . 
K 5 HOH 36  336 72  HOH HOH A . 
K 5 HOH 37  337 49  HOH HOH A . 
K 5 HOH 38  338 1   HOH HOH A . 
K 5 HOH 39  339 140 HOH HOH A . 
K 5 HOH 40  340 96  HOH HOH A . 
K 5 HOH 41  341 37  HOH HOH A . 
K 5 HOH 42  342 143 HOH HOH A . 
K 5 HOH 43  343 209 HOH HOH A . 
K 5 HOH 44  344 61  HOH HOH A . 
K 5 HOH 45  345 121 HOH HOH A . 
K 5 HOH 46  346 25  HOH HOH A . 
K 5 HOH 47  347 44  HOH HOH A . 
K 5 HOH 48  348 109 HOH HOH A . 
K 5 HOH 49  349 16  HOH HOH A . 
K 5 HOH 50  350 201 HOH HOH A . 
K 5 HOH 51  351 89  HOH HOH A . 
K 5 HOH 52  352 92  HOH HOH A . 
K 5 HOH 53  353 126 HOH HOH A . 
K 5 HOH 54  354 65  HOH HOH A . 
K 5 HOH 55  355 9   HOH HOH A . 
K 5 HOH 56  356 29  HOH HOH A . 
K 5 HOH 57  357 6   HOH HOH A . 
K 5 HOH 58  358 38  HOH HOH A . 
K 5 HOH 59  359 123 HOH HOH A . 
K 5 HOH 60  360 27  HOH HOH A . 
K 5 HOH 61  361 212 HOH HOH A . 
K 5 HOH 62  362 97  HOH HOH A . 
K 5 HOH 63  363 8   HOH HOH A . 
K 5 HOH 64  364 31  HOH HOH A . 
K 5 HOH 65  365 7   HOH HOH A . 
K 5 HOH 66  366 52  HOH HOH A . 
K 5 HOH 67  367 217 HOH HOH A . 
K 5 HOH 68  368 43  HOH HOH A . 
K 5 HOH 69  369 24  HOH HOH A . 
K 5 HOH 70  370 77  HOH HOH A . 
K 5 HOH 71  371 3   HOH HOH A . 
K 5 HOH 72  372 2   HOH HOH A . 
K 5 HOH 73  373 40  HOH HOH A . 
K 5 HOH 74  374 11  HOH HOH A . 
K 5 HOH 75  375 30  HOH HOH A . 
K 5 HOH 76  376 19  HOH HOH A . 
K 5 HOH 77  377 213 HOH HOH A . 
K 5 HOH 78  378 15  HOH HOH A . 
K 5 HOH 79  379 120 HOH HOH A . 
K 5 HOH 80  380 56  HOH HOH A . 
K 5 HOH 81  381 36  HOH HOH A . 
K 5 HOH 82  382 216 HOH HOH A . 
K 5 HOH 83  383 206 HOH HOH A . 
K 5 HOH 84  384 211 HOH HOH A . 
K 5 HOH 85  385 41  HOH HOH A . 
K 5 HOH 86  386 69  HOH HOH A . 
K 5 HOH 87  387 21  HOH HOH A . 
K 5 HOH 88  388 114 HOH HOH A . 
K 5 HOH 89  389 136 HOH HOH A . 
K 5 HOH 90  390 18  HOH HOH A . 
K 5 HOH 91  391 73  HOH HOH A . 
K 5 HOH 92  392 196 HOH HOH A . 
K 5 HOH 93  393 190 HOH HOH A . 
K 5 HOH 94  394 45  HOH HOH A . 
K 5 HOH 95  395 48  HOH HOH A . 
K 5 HOH 96  396 113 HOH HOH A . 
K 5 HOH 97  397 176 HOH HOH A . 
K 5 HOH 98  398 208 HOH HOH A . 
K 5 HOH 99  399 141 HOH HOH A . 
K 5 HOH 100 400 204 HOH HOH A . 
K 5 HOH 101 401 57  HOH HOH A . 
K 5 HOH 102 402 198 HOH HOH A . 
K 5 HOH 103 403 189 HOH HOH A . 
K 5 HOH 104 404 79  HOH HOH A . 
K 5 HOH 105 405 98  HOH HOH A . 
K 5 HOH 106 406 177 HOH HOH A . 
K 5 HOH 107 407 93  HOH HOH A . 
K 5 HOH 108 408 87  HOH HOH A . 
K 5 HOH 109 409 105 HOH HOH A . 
K 5 HOH 110 410 84  HOH HOH A . 
K 5 HOH 111 411 151 HOH HOH A . 
K 5 HOH 112 412 17  HOH HOH A . 
K 5 HOH 113 413 32  HOH HOH A . 
K 5 HOH 114 414 138 HOH HOH A . 
K 5 HOH 115 415 78  HOH HOH A . 
K 5 HOH 116 416 35  HOH HOH A . 
K 5 HOH 117 417 160 HOH HOH A . 
K 5 HOH 118 418 191 HOH HOH A . 
K 5 HOH 119 419 22  HOH HOH A . 
K 5 HOH 120 420 179 HOH HOH A . 
K 5 HOH 121 421 67  HOH HOH A . 
K 5 HOH 122 422 85  HOH HOH A . 
K 5 HOH 123 423 108 HOH HOH A . 
K 5 HOH 124 424 12  HOH HOH A . 
K 5 HOH 125 425 91  HOH HOH A . 
K 5 HOH 126 426 94  HOH HOH A . 
K 5 HOH 127 427 74  HOH HOH A . 
K 5 HOH 128 428 50  HOH HOH A . 
K 5 HOH 129 429 66  HOH HOH A . 
K 5 HOH 130 430 23  HOH HOH A . 
K 5 HOH 131 431 81  HOH HOH A . 
K 5 HOH 132 432 76  HOH HOH A . 
K 5 HOH 133 433 137 HOH HOH A . 
K 5 HOH 134 434 13  HOH HOH A . 
K 5 HOH 135 435 115 HOH HOH A . 
K 5 HOH 136 436 82  HOH HOH A . 
K 5 HOH 137 437 63  HOH HOH A . 
K 5 HOH 138 438 80  HOH HOH A . 
K 5 HOH 139 439 51  HOH HOH A . 
K 5 HOH 140 440 5   HOH HOH A . 
K 5 HOH 141 441 139 HOH HOH A . 
K 5 HOH 142 442 39  HOH HOH A . 
K 5 HOH 143 443 163 HOH HOH A . 
K 5 HOH 144 444 83  HOH HOH A . 
K 5 HOH 145 445 210 HOH HOH A . 
K 5 HOH 146 446 128 HOH HOH A . 
K 5 HOH 147 447 197 HOH HOH A . 
K 5 HOH 148 448 10  HOH HOH A . 
K 5 HOH 149 449 199 HOH HOH A . 
K 5 HOH 150 450 95  HOH HOH A . 
K 5 HOH 151 451 34  HOH HOH A . 
K 5 HOH 152 452 200 HOH HOH A . 
K 5 HOH 153 453 157 HOH HOH A . 
K 5 HOH 154 454 168 HOH HOH A . 
K 5 HOH 155 455 180 HOH HOH A . 
K 5 HOH 156 456 166 HOH HOH A . 
K 5 HOH 157 457 122 HOH HOH A . 
K 5 HOH 158 458 131 HOH HOH A . 
K 5 HOH 159 459 161 HOH HOH A . 
K 5 HOH 160 460 155 HOH HOH A . 
K 5 HOH 161 461 119 HOH HOH A . 
K 5 HOH 162 462 174 HOH HOH A . 
K 5 HOH 163 463 64  HOH HOH A . 
K 5 HOH 164 464 162 HOH HOH A . 
K 5 HOH 165 465 202 HOH HOH A . 
K 5 HOH 166 466 215 HOH HOH A . 
K 5 HOH 167 467 193 HOH HOH A . 
K 5 HOH 168 468 103 HOH HOH A . 
K 5 HOH 169 469 218 HOH HOH A . 
K 5 HOH 170 470 147 HOH HOH A . 
K 5 HOH 171 471 152 HOH HOH A . 
K 5 HOH 172 472 184 HOH HOH A . 
K 5 HOH 173 473 90  HOH HOH A . 
K 5 HOH 174 474 175 HOH HOH A . 
K 5 HOH 175 475 111 HOH HOH A . 
K 5 HOH 176 476 178 HOH HOH A . 
K 5 HOH 177 477 167 HOH HOH A . 
K 5 HOH 178 478 134 HOH HOH A . 
K 5 HOH 179 479 53  HOH HOH A . 
K 5 HOH 180 480 173 HOH HOH A . 
K 5 HOH 181 481 99  HOH HOH A . 
K 5 HOH 182 482 192 HOH HOH A . 
K 5 HOH 183 483 154 HOH HOH A . 
K 5 HOH 184 484 150 HOH HOH A . 
K 5 HOH 185 485 195 HOH HOH A . 
K 5 HOH 186 486 203 HOH HOH A . 
K 5 HOH 187 487 110 HOH HOH A . 
K 5 HOH 188 488 116 HOH HOH A . 
K 5 HOH 189 489 144 HOH HOH A . 
K 5 HOH 190 490 186 HOH HOH A . 
K 5 HOH 191 491 47  HOH HOH A . 
K 5 HOH 192 492 101 HOH HOH A . 
K 5 HOH 193 493 187 HOH HOH A . 
K 5 HOH 194 494 153 HOH HOH A . 
K 5 HOH 195 495 194 HOH HOH A . 
K 5 HOH 196 496 159 HOH HOH A . 
K 5 HOH 197 497 54  HOH HOH A . 
K 5 HOH 198 498 28  HOH HOH A . 
K 5 HOH 199 499 170 HOH HOH A . 
K 5 HOH 200 500 42  HOH HOH A . 
K 5 HOH 201 501 148 HOH HOH A . 
K 5 HOH 202 502 142 HOH HOH A . 
K 5 HOH 203 503 86  HOH HOH A . 
K 5 HOH 204 504 124 HOH HOH A . 
K 5 HOH 205 505 171 HOH HOH A . 
K 5 HOH 206 506 104 HOH HOH A . 
K 5 HOH 207 507 127 HOH HOH A . 
K 5 HOH 208 508 133 HOH HOH A . 
K 5 HOH 209 509 149 HOH HOH A . 
K 5 HOH 210 510 181 HOH HOH A . 
K 5 HOH 211 511 129 HOH HOH A . 
K 5 HOH 212 512 183 HOH HOH A . 
K 5 HOH 213 513 102 HOH HOH A . 
K 5 HOH 214 514 135 HOH HOH A . 
K 5 HOH 215 515 207 HOH HOH A . 
K 5 HOH 216 516 188 HOH HOH A . 
# 
loop_
_software.citation_id 
_software.classification 
_software.compiler_name 
_software.compiler_version 
_software.contact_author 
_software.contact_author_email 
_software.date 
_software.description 
_software.dependencies 
_software.hardware 
_software.language 
_software.location 
_software.mods 
_software.name 
_software.os 
_software.os_version 
_software.type 
_software.version 
_software.pdbx_ordinal 
? 'data scaling'    ? ? ? ? ? ? ? ? ? ? ? SCALEPACK   ? ? ? .        1 
? refinement        ? ? ? ? ? ? ? ? ? ? ? REFMAC      ? ? ? 5.8.0135 2 
? 'data extraction' ? ? ? ? ? ? ? ? ? ? ? PDB_EXTRACT ? ? ? 3.24     3 
? 'data reduction'  ? ? ? ? ? ? ? ? ? ? ? HKL-2000    ? ? ? .        4 
? phasing           ? ? ? ? ? ? ? ? ? ? ? MOLREP      ? ? ? .        5 
# 
_cell.angle_alpha                  90.000 
_cell.angle_alpha_esd              ? 
_cell.angle_beta                   90.000 
_cell.angle_beta_esd               ? 
_cell.angle_gamma                  90.000 
_cell.angle_gamma_esd              ? 
_cell.entry_id                     6CZU 
_cell.details                      ? 
_cell.formula_units_Z              ? 
_cell.length_a                     43.066 
_cell.length_a_esd                 ? 
_cell.length_b                     48.967 
_cell.length_b_esd                 ? 
_cell.length_c                     59.880 
_cell.length_c_esd                 ? 
_cell.volume                       ? 
_cell.volume_esd                   ? 
_cell.Z_PDB                        4 
_cell.reciprocal_angle_alpha       ? 
_cell.reciprocal_angle_beta        ? 
_cell.reciprocal_angle_gamma       ? 
_cell.reciprocal_angle_alpha_esd   ? 
_cell.reciprocal_angle_beta_esd    ? 
_cell.reciprocal_angle_gamma_esd   ? 
_cell.reciprocal_length_a          ? 
_cell.reciprocal_length_b          ? 
_cell.reciprocal_length_c          ? 
_cell.reciprocal_length_a_esd      ? 
_cell.reciprocal_length_b_esd      ? 
_cell.reciprocal_length_c_esd      ? 
_cell.pdbx_unique_axis             ? 
# 
_symmetry.entry_id                         6CZU 
_symmetry.cell_setting                     ? 
_symmetry.Int_Tables_number                19 
_symmetry.space_group_name_Hall            ? 
_symmetry.space_group_name_H-M             'P 21 21 21' 
_symmetry.pdbx_full_space_group_name_H-M   ? 
# 
_exptl.absorpt_coefficient_mu     ? 
_exptl.absorpt_correction_T_max   ? 
_exptl.absorpt_correction_T_min   ? 
_exptl.absorpt_correction_type    ? 
_exptl.absorpt_process_details    ? 
_exptl.entry_id                   6CZU 
_exptl.crystals_number            1 
_exptl.details                    ? 
_exptl.method                     'X-RAY DIFFRACTION' 
_exptl.method_details             ? 
# 
_exptl_crystal.colour                      ? 
_exptl_crystal.density_diffrn              ? 
_exptl_crystal.density_Matthews            2.06 
_exptl_crystal.density_method              ? 
_exptl_crystal.density_percent_sol         40.27 
_exptl_crystal.description                 ? 
_exptl_crystal.F_000                       ? 
_exptl_crystal.id                          1 
_exptl_crystal.preparation                 ? 
_exptl_crystal.size_max                    ? 
_exptl_crystal.size_mid                    ? 
_exptl_crystal.size_min                    ? 
_exptl_crystal.size_rad                    ? 
_exptl_crystal.colour_lustre               ? 
_exptl_crystal.colour_modifier             ? 
_exptl_crystal.colour_primary              ? 
_exptl_crystal.density_meas                ? 
_exptl_crystal.density_meas_esd            ? 
_exptl_crystal.density_meas_gt             ? 
_exptl_crystal.density_meas_lt             ? 
_exptl_crystal.density_meas_temp           ? 
_exptl_crystal.density_meas_temp_esd       ? 
_exptl_crystal.density_meas_temp_gt        ? 
_exptl_crystal.density_meas_temp_lt        ? 
_exptl_crystal.pdbx_crystal_image_url      ? 
_exptl_crystal.pdbx_crystal_image_format   ? 
_exptl_crystal.pdbx_mosaicity              ? 
_exptl_crystal.pdbx_mosaicity_esd          ? 
# 
_exptl_crystal_grow.apparatus       ? 
_exptl_crystal_grow.atmosphere      ? 
_exptl_crystal_grow.crystal_id      1 
_exptl_crystal_grow.details         ? 
_exptl_crystal_grow.method          'VAPOR DIFFUSION, SITTING DROP' 
_exptl_crystal_grow.method_ref      ? 
_exptl_crystal_grow.pH              6.5 
_exptl_crystal_grow.pressure        ? 
_exptl_crystal_grow.pressure_esd    ? 
_exptl_crystal_grow.seeding         ? 
_exptl_crystal_grow.seeding_ref     ? 
_exptl_crystal_grow.temp            297 
_exptl_crystal_grow.temp_details    ? 
_exptl_crystal_grow.temp_esd        ? 
_exptl_crystal_grow.time            ? 
_exptl_crystal_grow.pdbx_details    '0.2 M Ammonium Sulfate, 0.1 M Bis-Tris pH 6.5, 25% PEG 3350' 
_exptl_crystal_grow.pdbx_pH_range   ? 
# 
_diffrn.ambient_environment    ? 
_diffrn.ambient_temp           100 
_diffrn.ambient_temp_details   ? 
_diffrn.ambient_temp_esd       ? 
_diffrn.crystal_id             1 
_diffrn.crystal_support        ? 
_diffrn.crystal_treatment      ? 
_diffrn.details                ? 
_diffrn.id                     1 
_diffrn.ambient_pressure       ? 
_diffrn.ambient_pressure_esd   ? 
_diffrn.ambient_pressure_gt    ? 
_diffrn.ambient_pressure_lt    ? 
_diffrn.ambient_temp_gt        ? 
_diffrn.ambient_temp_lt        ? 
# 
_diffrn_detector.details                      ? 
_diffrn_detector.detector                     CCD 
_diffrn_detector.diffrn_id                    1 
_diffrn_detector.type                         'ADSC QUANTUM 315r' 
_diffrn_detector.area_resol_mean              ? 
_diffrn_detector.dtime                        ? 
_diffrn_detector.pdbx_frames_total            ? 
_diffrn_detector.pdbx_collection_time_total   ? 
_diffrn_detector.pdbx_collection_date         2013-11-25 
# 
_diffrn_radiation.collimation                      ? 
_diffrn_radiation.diffrn_id                        1 
_diffrn_radiation.filter_edge                      ? 
_diffrn_radiation.inhomogeneity                    ? 
_diffrn_radiation.monochromator                    ? 
_diffrn_radiation.polarisn_norm                    ? 
_diffrn_radiation.polarisn_ratio                   ? 
_diffrn_radiation.probe                            ? 
_diffrn_radiation.type                             ? 
_diffrn_radiation.xray_symbol                      ? 
_diffrn_radiation.wavelength_id                    1 
_diffrn_radiation.pdbx_monochromatic_or_laue_m_l   M 
_diffrn_radiation.pdbx_wavelength_list             ? 
_diffrn_radiation.pdbx_wavelength                  ? 
_diffrn_radiation.pdbx_diffrn_protocol             'SINGLE WAVELENGTH' 
_diffrn_radiation.pdbx_analyzer                    ? 
_diffrn_radiation.pdbx_scattering_type             x-ray 
# 
_diffrn_radiation_wavelength.id           1 
_diffrn_radiation_wavelength.wavelength   1.075 
_diffrn_radiation_wavelength.wt           1.0 
# 
_diffrn_source.current                     ? 
_diffrn_source.details                     ? 
_diffrn_source.diffrn_id                   1 
_diffrn_source.power                       ? 
_diffrn_source.size                        ? 
_diffrn_source.source                      SYNCHROTRON 
_diffrn_source.target                      ? 
_diffrn_source.type                        'NSLS BEAMLINE X29A' 
_diffrn_source.voltage                     ? 
_diffrn_source.take-off_angle              ? 
_diffrn_source.pdbx_wavelength_list        1.075 
_diffrn_source.pdbx_wavelength             ? 
_diffrn_source.pdbx_synchrotron_beamline   X29A 
_diffrn_source.pdbx_synchrotron_site       NSLS 
# 
_reflns.B_iso_Wilson_estimate            ? 
_reflns.entry_id                         6CZU 
_reflns.data_reduction_details           ? 
_reflns.data_reduction_method            ? 
_reflns.d_resolution_high                1.470 
_reflns.d_resolution_low                 50.000 
_reflns.details                          ? 
_reflns.limit_h_max                      ? 
_reflns.limit_h_min                      ? 
_reflns.limit_k_max                      ? 
_reflns.limit_k_min                      ? 
_reflns.limit_l_max                      ? 
_reflns.limit_l_min                      ? 
_reflns.number_all                       ? 
_reflns.number_obs                       22125 
_reflns.observed_criterion               ? 
_reflns.observed_criterion_F_max         ? 
_reflns.observed_criterion_F_min         ? 
_reflns.observed_criterion_I_max         ? 
_reflns.observed_criterion_I_min         ? 
_reflns.observed_criterion_sigma_F       ? 
_reflns.observed_criterion_sigma_I       ? 
_reflns.percent_possible_obs             99.900 
_reflns.R_free_details                   ? 
_reflns.Rmerge_F_all                     ? 
_reflns.Rmerge_F_obs                     ? 
_reflns.Friedel_coverage                 ? 
_reflns.number_gt                        ? 
_reflns.threshold_expression             ? 
_reflns.pdbx_redundancy                  6.700 
_reflns.pdbx_Rmerge_I_obs                0.129 
_reflns.pdbx_Rmerge_I_all                ? 
_reflns.pdbx_Rsym_value                  ? 
_reflns.pdbx_netI_over_av_sigmaI         ? 
_reflns.pdbx_netI_over_sigmaI            17.000 
_reflns.pdbx_res_netI_over_av_sigmaI_2   ? 
_reflns.pdbx_res_netI_over_sigmaI_2      ? 
_reflns.pdbx_chi_squared                 1.078 
_reflns.pdbx_scaling_rejects             ? 
_reflns.pdbx_d_res_high_opt              ? 
_reflns.pdbx_d_res_low_opt               ? 
_reflns.pdbx_d_res_opt_method            ? 
_reflns.phase_calculation_details        ? 
_reflns.pdbx_Rrim_I_all                  ? 
_reflns.pdbx_Rpim_I_all                  ? 
_reflns.pdbx_d_opt                       ? 
_reflns.pdbx_number_measured_all         148794 
_reflns.pdbx_diffrn_id                   1 
_reflns.pdbx_ordinal                     1 
_reflns.pdbx_CC_half                     ? 
_reflns.pdbx_R_split                     ? 
# 
loop_
_reflns_shell.d_res_high 
_reflns_shell.d_res_low 
_reflns_shell.meanI_over_sigI_all 
_reflns_shell.meanI_over_sigI_obs 
_reflns_shell.number_measured_all 
_reflns_shell.number_measured_obs 
_reflns_shell.number_possible 
_reflns_shell.number_unique_all 
_reflns_shell.number_unique_obs 
_reflns_shell.percent_possible_all 
_reflns_shell.percent_possible_obs 
_reflns_shell.Rmerge_F_all 
_reflns_shell.Rmerge_F_obs 
_reflns_shell.Rmerge_I_all 
_reflns_shell.Rmerge_I_obs 
_reflns_shell.meanI_over_sigI_gt 
_reflns_shell.meanI_over_uI_all 
_reflns_shell.meanI_over_uI_gt 
_reflns_shell.number_measured_gt 
_reflns_shell.number_unique_gt 
_reflns_shell.percent_possible_gt 
_reflns_shell.Rmerge_F_gt 
_reflns_shell.Rmerge_I_gt 
_reflns_shell.pdbx_redundancy 
_reflns_shell.pdbx_Rsym_value 
_reflns_shell.pdbx_chi_squared 
_reflns_shell.pdbx_netI_over_sigmaI_all 
_reflns_shell.pdbx_netI_over_sigmaI_obs 
_reflns_shell.pdbx_Rrim_I_all 
_reflns_shell.pdbx_Rpim_I_all 
_reflns_shell.pdbx_rejects 
_reflns_shell.pdbx_ordinal 
_reflns_shell.pdbx_diffrn_id 
_reflns_shell.pdbx_CC_half 
_reflns_shell.pdbx_R_split 
1.470 1.520  ? ? ? ? ? ? 2168 100.000 ? ? ? ? 0.483 ? ? ? ? ? ? ? ? 6.600 ? 1.171 ? ? ? ? ? 1  1 ? ? 
1.520 1.580  ? ? ? ? ? ? 2187 100.000 ? ? ? ? 0.380 ? ? ? ? ? ? ? ? 6.700 ? 1.125 ? ? ? ? ? 2  1 ? ? 
1.580 1.660  ? ? ? ? ? ? 2161 100.000 ? ? ? ? 0.283 ? ? ? ? ? ? ? ? 6.700 ? 1.077 ? ? ? ? ? 3  1 ? ? 
1.660 1.740  ? ? ? ? ? ? 2183 100.000 ? ? ? ? 0.234 ? ? ? ? ? ? ? ? 6.800 ? 1.092 ? ? ? ? ? 4  1 ? ? 
1.740 1.850  ? ? ? ? ? ? 2183 100.000 ? ? ? ? 0.188 ? ? ? ? ? ? ? ? 6.800 ? 1.090 ? ? ? ? ? 5  1 ? ? 
1.850 2.000  ? ? ? ? ? ? 2197 100.000 ? ? ? ? 0.152 ? ? ? ? ? ? ? ? 6.800 ? 1.066 ? ? ? ? ? 6  1 ? ? 
2.000 2.200  ? ? ? ? ? ? 2210 100.000 ? ? ? ? 0.130 ? ? ? ? ? ? ? ? 6.900 ? 1.035 ? ? ? ? ? 7  1 ? ? 
2.200 2.510  ? ? ? ? ? ? 2229 100.000 ? ? ? ? 0.128 ? ? ? ? ? ? ? ? 6.800 ? 1.063 ? ? ? ? ? 8  1 ? ? 
2.510 3.170  ? ? ? ? ? ? 2245 100.000 ? ? ? ? 0.120 ? ? ? ? ? ? ? ? 6.700 ? 1.075 ? ? ? ? ? 9  1 ? ? 
3.170 50.000 ? ? ? ? ? ? 2362 99.000  ? ? ? ? 0.109 ? ? ? ? ? ? ? ? 6.500 ? 0.995 ? ? ? ? ? 10 1 ? ? 
# 
_refine.aniso_B[1][1]                            -0.0000 
_refine.aniso_B[1][2]                            0.0000 
_refine.aniso_B[1][3]                            0.0000 
_refine.aniso_B[2][2]                            0.0300 
_refine.aniso_B[2][3]                            -0.0000 
_refine.aniso_B[3][3]                            -0.0300 
_refine.B_iso_max                                51.250 
_refine.B_iso_mean                               17.0790 
_refine.B_iso_min                                7.690 
_refine.correlation_coeff_Fo_to_Fc               0.9740 
_refine.correlation_coeff_Fo_to_Fc_free          0.9520 
_refine.details                                  
'HYDROGENS HAVE BEEN ADDED IN THE RIDING POSITIONS U VALUES      : REFINED INDIVIDUALLY' 
_refine.diff_density_max                         ? 
_refine.diff_density_max_esd                     ? 
_refine.diff_density_min                         ? 
_refine.diff_density_min_esd                     ? 
_refine.diff_density_rms                         ? 
_refine.diff_density_rms_esd                     ? 
_refine.entry_id                                 6CZU 
_refine.pdbx_refine_id                           'X-RAY DIFFRACTION' 
_refine.ls_abs_structure_details                 ? 
_refine.ls_abs_structure_Flack                   ? 
_refine.ls_abs_structure_Flack_esd               ? 
_refine.ls_abs_structure_Rogers                  ? 
_refine.ls_abs_structure_Rogers_esd              ? 
_refine.ls_d_res_high                            1.4700 
_refine.ls_d_res_low                             32.3400 
_refine.ls_extinction_coef                       ? 
_refine.ls_extinction_coef_esd                   ? 
_refine.ls_extinction_expression                 ? 
_refine.ls_extinction_method                     ? 
_refine.ls_goodness_of_fit_all                   ? 
_refine.ls_goodness_of_fit_all_esd               ? 
_refine.ls_goodness_of_fit_obs                   ? 
_refine.ls_goodness_of_fit_obs_esd               ? 
_refine.ls_hydrogen_treatment                    ? 
_refine.ls_matrix_type                           ? 
_refine.ls_number_constraints                    ? 
_refine.ls_number_parameters                     ? 
_refine.ls_number_reflns_all                     ? 
_refine.ls_number_reflns_obs                     20962 
_refine.ls_number_reflns_R_free                  1112 
_refine.ls_number_reflns_R_work                  ? 
_refine.ls_number_restraints                     ? 
_refine.ls_percent_reflns_obs                    99.8500 
_refine.ls_percent_reflns_R_free                 5.0000 
_refine.ls_R_factor_all                          ? 
_refine.ls_R_factor_obs                          0.1474 
_refine.ls_R_factor_R_free                       0.1942 
_refine.ls_R_factor_R_free_error                 ? 
_refine.ls_R_factor_R_free_error_details         ? 
_refine.ls_R_factor_R_work                       0.1449 
_refine.ls_R_Fsqd_factor_obs                     ? 
_refine.ls_R_I_factor_obs                        ? 
_refine.ls_redundancy_reflns_all                 ? 
_refine.ls_redundancy_reflns_obs                 ? 
_refine.ls_restrained_S_all                      ? 
_refine.ls_restrained_S_obs                      ? 
_refine.ls_shift_over_esd_max                    ? 
_refine.ls_shift_over_esd_mean                   ? 
_refine.ls_structure_factor_coef                 ? 
_refine.ls_weighting_details                     ? 
_refine.ls_weighting_scheme                      ? 
_refine.ls_wR_factor_all                         ? 
_refine.ls_wR_factor_obs                         ? 
_refine.ls_wR_factor_R_free                      ? 
_refine.ls_wR_factor_R_work                      ? 
_refine.occupancy_max                            ? 
_refine.occupancy_min                            ? 
_refine.solvent_model_details                    ? 
_refine.solvent_model_param_bsol                 ? 
_refine.solvent_model_param_ksol                 ? 
_refine.ls_R_factor_gt                           ? 
_refine.ls_goodness_of_fit_gt                    ? 
_refine.ls_goodness_of_fit_ref                   ? 
_refine.ls_shift_over_su_max                     ? 
_refine.ls_shift_over_su_max_lt                  ? 
_refine.ls_shift_over_su_mean                    ? 
_refine.ls_shift_over_su_mean_lt                 ? 
_refine.pdbx_ls_sigma_I                          ? 
_refine.pdbx_ls_sigma_F                          0.000 
_refine.pdbx_ls_sigma_Fsqd                       ? 
_refine.pdbx_data_cutoff_high_absF               ? 
_refine.pdbx_data_cutoff_high_rms_absF           ? 
_refine.pdbx_data_cutoff_low_absF                ? 
_refine.pdbx_isotropic_thermal_model             ? 
_refine.pdbx_ls_cross_valid_method               THROUGHOUT 
_refine.pdbx_method_to_determine_struct          ? 
_refine.pdbx_starting_model                      ? 
_refine.pdbx_stereochemistry_target_values       ? 
_refine.pdbx_R_Free_selection_details            RANDOM 
_refine.pdbx_stereochem_target_val_spec_case     ? 
_refine.pdbx_overall_ESU_R                       0.0660 
_refine.pdbx_overall_ESU_R_Free                  0.0760 
_refine.pdbx_solvent_vdw_probe_radii             1.2000 
_refine.pdbx_solvent_ion_probe_radii             0.8000 
_refine.pdbx_solvent_shrinkage_radii             0.8000 
_refine.pdbx_real_space_R                        ? 
_refine.pdbx_density_correlation                 ? 
_refine.pdbx_pd_number_of_powder_patterns        ? 
_refine.pdbx_pd_number_of_points                 ? 
_refine.pdbx_pd_meas_number_of_points            ? 
_refine.pdbx_pd_proc_ls_prof_R_factor            ? 
_refine.pdbx_pd_proc_ls_prof_wR_factor           ? 
_refine.pdbx_pd_Marquardt_correlation_coeff      ? 
_refine.pdbx_pd_Fsqrd_R_factor                   ? 
_refine.pdbx_pd_ls_matrix_band_width             ? 
_refine.pdbx_overall_phase_error                 ? 
_refine.pdbx_overall_SU_R_free_Cruickshank_DPI   ? 
_refine.pdbx_overall_SU_R_free_Blow_DPI          ? 
_refine.pdbx_overall_SU_R_Blow_DPI               ? 
_refine.pdbx_TLS_residual_ADP_flag               ? 
_refine.pdbx_diffrn_id                           1 
_refine.overall_SU_B                             1.1700 
_refine.overall_SU_ML                            0.0450 
_refine.overall_SU_R_Cruickshank_DPI             ? 
_refine.overall_SU_R_free                        ? 
_refine.overall_FOM_free_R_set                   ? 
_refine.overall_FOM_work_R_set                   ? 
_refine.pdbx_average_fsc_overall                 ? 
_refine.pdbx_average_fsc_work                    ? 
_refine.pdbx_average_fsc_free                    ? 
# 
_refine_hist.cycle_id                         final 
_refine_hist.pdbx_refine_id                   'X-RAY DIFFRACTION' 
_refine_hist.d_res_high                       1.4700 
_refine_hist.d_res_low                        32.3400 
_refine_hist.pdbx_number_atoms_ligand         64 
_refine_hist.number_atoms_solvent             216 
_refine_hist.number_atoms_total               1358 
_refine_hist.pdbx_number_residues_total       129 
_refine_hist.pdbx_B_iso_mean_ligand           24.48 
_refine_hist.pdbx_B_iso_mean_solvent          31.92 
_refine_hist.pdbx_number_atoms_protein        1078 
_refine_hist.pdbx_number_atoms_nucleic_acid   0 
# 
loop_
_refine_ls_restr.pdbx_refine_id 
_refine_ls_restr.criterion 
_refine_ls_restr.dev_ideal 
_refine_ls_restr.dev_ideal_target 
_refine_ls_restr.number 
_refine_ls_restr.rejects 
_refine_ls_restr.type 
_refine_ls_restr.weight 
_refine_ls_restr.pdbx_restraint_function 
'X-RAY DIFFRACTION' ? 0.023  0.020  1236 ? r_bond_refined_d       ? ? 
'X-RAY DIFFRACTION' ? 0.003  0.020  1197 ? r_bond_other_d         ? ? 
'X-RAY DIFFRACTION' ? 2.246  2.012  1673 ? r_angle_refined_deg    ? ? 
'X-RAY DIFFRACTION' ? 2.228  3.000  2769 ? r_angle_other_deg      ? ? 
'X-RAY DIFFRACTION' ? 6.466  5.000  144  ? r_dihedral_angle_1_deg ? ? 
'X-RAY DIFFRACTION' ? 38.180 26.034 58   ? r_dihedral_angle_2_deg ? ? 
'X-RAY DIFFRACTION' ? 13.121 15.000 220  ? r_dihedral_angle_3_deg ? ? 
'X-RAY DIFFRACTION' ? 19.094 15.000 3    ? r_dihedral_angle_4_deg ? ? 
'X-RAY DIFFRACTION' ? 0.133  0.200  172  ? r_chiral_restr         ? ? 
'X-RAY DIFFRACTION' ? 0.013  0.021  1377 ? r_gen_planes_refined   ? ? 
'X-RAY DIFFRACTION' ? 0.002  0.020  272  ? r_gen_planes_other     ? ? 
# 
_refine_ls_shell.pdbx_refine_id                   'X-RAY DIFFRACTION' 
_refine_ls_shell.d_res_high                       1.4720 
_refine_ls_shell.d_res_low                        1.5100 
_refine_ls_shell.number_reflns_all                1587 
_refine_ls_shell.number_reflns_obs                ? 
_refine_ls_shell.number_reflns_R_free             79 
_refine_ls_shell.number_reflns_R_work             1508 
_refine_ls_shell.percent_reflns_obs               99.5000 
_refine_ls_shell.percent_reflns_R_free            ? 
_refine_ls_shell.R_factor_all                     ? 
_refine_ls_shell.R_factor_obs                     ? 
_refine_ls_shell.R_factor_R_free                  0.2290 
_refine_ls_shell.R_factor_R_free_error            0.0000 
_refine_ls_shell.R_factor_R_work                  0.2050 
_refine_ls_shell.redundancy_reflns_all            ? 
_refine_ls_shell.redundancy_reflns_obs            ? 
_refine_ls_shell.wR_factor_all                    ? 
_refine_ls_shell.wR_factor_obs                    ? 
_refine_ls_shell.wR_factor_R_free                 ? 
_refine_ls_shell.wR_factor_R_work                 ? 
_refine_ls_shell.pdbx_total_number_of_bins_used   20 
_refine_ls_shell.pdbx_phase_error                 ? 
_refine_ls_shell.pdbx_fsc_work                    ? 
_refine_ls_shell.pdbx_fsc_free                    ? 
# 
_struct.entry_id                     6CZU 
_struct.title                        'BRD4(BD1) complexed with 3219' 
_struct.pdbx_model_details           ? 
_struct.pdbx_formula_weight          ? 
_struct.pdbx_formula_weight_method   ? 
_struct.pdbx_model_type_details      ? 
_struct.pdbx_CASP_flag               N 
# 
_struct_keywords.entry_id        6CZU 
_struct_keywords.text            'Bromodomain, BRD4, TRANSCRIPTION-INHIBITOR complex' 
_struct_keywords.pdbx_keywords   TRANSCRIPTION/INHIBITOR 
# 
loop_
_struct_asym.id 
_struct_asym.pdbx_blank_PDB_chainid_flag 
_struct_asym.pdbx_modified 
_struct_asym.entity_id 
_struct_asym.details 
A N N 1 ? 
B N N 2 ? 
C N N 3 ? 
D N N 3 ? 
E N N 3 ? 
F N N 4 ? 
G N N 3 ? 
H N N 3 ? 
I N N 3 ? 
J N N 3 ? 
K N N 5 ? 
# 
_struct_ref.id                         1 
_struct_ref.db_name                    UNP 
_struct_ref.db_code                    BRD4_HUMAN 
_struct_ref.pdbx_db_accession          O60885 
_struct_ref.pdbx_db_isoform            ? 
_struct_ref.entity_id                  1 
_struct_ref.pdbx_seq_one_letter_code   
;STNPPPPETSNPNKPKRQTNQLQYLLRVVLKTLWKHQFAWPFQQPVDAVKLNLPDYYKIIKTPMDMGTIKKRLENNYYWN
AQECIQDFNTMFTNCYIYNKPGDDIVLMAEALEKLFLQKINELPTEETE
;
_struct_ref.pdbx_align_begin           42 
# 
_struct_ref_seq.align_id                      1 
_struct_ref_seq.ref_id                        1 
_struct_ref_seq.pdbx_PDB_id_code              6CZU 
_struct_ref_seq.pdbx_strand_id                A 
_struct_ref_seq.seq_align_beg                 1 
_struct_ref_seq.pdbx_seq_align_beg_ins_code   ? 
_struct_ref_seq.seq_align_end                 129 
_struct_ref_seq.pdbx_seq_align_end_ins_code   ? 
_struct_ref_seq.pdbx_db_accession             O60885 
_struct_ref_seq.db_align_beg                  42 
_struct_ref_seq.pdbx_db_align_beg_ins_code    ? 
_struct_ref_seq.db_align_end                  170 
_struct_ref_seq.pdbx_db_align_end_ins_code    ? 
_struct_ref_seq.pdbx_auth_seq_align_beg       42 
_struct_ref_seq.pdbx_auth_seq_align_end       170 
# 
_struct_ref_seq_dif.align_id                     1 
_struct_ref_seq_dif.pdbx_pdb_id_code             6CZU 
_struct_ref_seq_dif.mon_id                       MET 
_struct_ref_seq_dif.pdbx_pdb_strand_id           A 
_struct_ref_seq_dif.seq_num                      2 
_struct_ref_seq_dif.pdbx_pdb_ins_code            ? 
_struct_ref_seq_dif.pdbx_seq_db_name             UNP 
_struct_ref_seq_dif.pdbx_seq_db_accession_code   O60885 
_struct_ref_seq_dif.db_mon_id                    THR 
_struct_ref_seq_dif.pdbx_seq_db_seq_num          43 
_struct_ref_seq_dif.details                      conflict 
_struct_ref_seq_dif.pdbx_auth_seq_num            43 
_struct_ref_seq_dif.pdbx_ordinal                 1 
# 
_pdbx_struct_assembly.id                   1 
_pdbx_struct_assembly.details              author_and_software_defined_assembly 
_pdbx_struct_assembly.method_details       PISA 
_pdbx_struct_assembly.oligomeric_details   monomeric 
_pdbx_struct_assembly.oligomeric_count     1 
# 
_pdbx_struct_assembly_gen.assembly_id       1 
_pdbx_struct_assembly_gen.oper_expression   1 
_pdbx_struct_assembly_gen.asym_id_list      A,B,C,D,E,F,G,H,I,J,K 
# 
_pdbx_struct_assembly_auth_evidence.id                     1 
_pdbx_struct_assembly_auth_evidence.assembly_id            1 
_pdbx_struct_assembly_auth_evidence.experimental_support   'gel filtration' 
_pdbx_struct_assembly_auth_evidence.details                MONOMERIC 
# 
_pdbx_struct_oper_list.id                   1 
_pdbx_struct_oper_list.type                 'identity operation' 
_pdbx_struct_oper_list.name                 1_555 
_pdbx_struct_oper_list.symmetry_operation   x,y,z 
_pdbx_struct_oper_list.matrix[1][1]         1.0000000000 
_pdbx_struct_oper_list.matrix[1][2]         0.0000000000 
_pdbx_struct_oper_list.matrix[1][3]         0.0000000000 
_pdbx_struct_oper_list.vector[1]            0.0000000000 
_pdbx_struct_oper_list.matrix[2][1]         0.0000000000 
_pdbx_struct_oper_list.matrix[2][2]         1.0000000000 
_pdbx_struct_oper_list.matrix[2][3]         0.0000000000 
_pdbx_struct_oper_list.vector[2]            0.0000000000 
_pdbx_struct_oper_list.matrix[3][1]         0.0000000000 
_pdbx_struct_oper_list.matrix[3][2]         0.0000000000 
_pdbx_struct_oper_list.matrix[3][3]         1.0000000000 
_pdbx_struct_oper_list.vector[3]            0.0000000000 
# 
loop_
_struct_conf.conf_type_id 
_struct_conf.id 
_struct_conf.pdbx_PDB_helix_id 
_struct_conf.beg_label_comp_id 
_struct_conf.beg_label_asym_id 
_struct_conf.beg_label_seq_id 
_struct_conf.pdbx_beg_PDB_ins_code 
_struct_conf.end_label_comp_id 
_struct_conf.end_label_asym_id 
_struct_conf.end_label_seq_id 
_struct_conf.pdbx_end_PDB_ins_code 
_struct_conf.beg_auth_comp_id 
_struct_conf.beg_auth_asym_id 
_struct_conf.beg_auth_seq_id 
_struct_conf.end_auth_comp_id 
_struct_conf.end_auth_asym_id 
_struct_conf.end_auth_seq_id 
_struct_conf.pdbx_PDB_helix_class 
_struct_conf.details 
_struct_conf.pdbx_PDB_helix_length 
HELX_P HELX_P1 AA1 THR A 19  ? VAL A 28  ? THR A 60  VAL A 69  1 ? 10 
HELX_P HELX_P2 AA2 VAL A 28  ? HIS A 36  ? VAL A 69  HIS A 77  1 ? 9  
HELX_P HELX_P3 AA3 ALA A 39  ? GLN A 43  ? ALA A 80  GLN A 84  5 ? 5  
HELX_P HELX_P4 AA4 ASP A 55  ? ILE A 60  ? ASP A 96  ILE A 101 1 ? 6  
HELX_P HELX_P5 AA5 ASP A 65  ? ASN A 75  ? ASP A 106 ASN A 116 1 ? 11 
HELX_P HELX_P6 AA6 ASN A 80  ? ASN A 99  ? ASN A 121 ASN A 140 1 ? 20 
HELX_P HELX_P7 AA7 ASP A 103 ? ASN A 121 ? ASP A 144 ASN A 162 1 ? 19 
# 
_struct_conf_type.id          HELX_P 
_struct_conf_type.criteria    ? 
_struct_conf_type.reference   ? 
# 
_struct_conn.id                            covale1 
_struct_conn.conn_type_id                  covale 
_struct_conn.pdbx_leaving_atom_flag        none 
_struct_conn.pdbx_PDB_id                   ? 
_struct_conn.ptnr1_label_asym_id           A 
_struct_conn.ptnr1_label_comp_id           MET 
_struct_conn.ptnr1_label_seq_id            108 
_struct_conn.ptnr1_label_atom_id           SD 
_struct_conn.pdbx_ptnr1_label_alt_id       ? 
_struct_conn.pdbx_ptnr1_PDB_ins_code       ? 
_struct_conn.pdbx_ptnr1_standard_comp_id   ? 
_struct_conn.ptnr1_symmetry                1_555 
_struct_conn.ptnr2_label_asym_id           B 
_struct_conn.ptnr2_label_comp_id           FP7 
_struct_conn.ptnr2_label_seq_id            . 
_struct_conn.ptnr2_label_atom_id           C18 
_struct_conn.pdbx_ptnr2_label_alt_id       ? 
_struct_conn.pdbx_ptnr2_PDB_ins_code       ? 
_struct_conn.ptnr1_auth_asym_id            A 
_struct_conn.ptnr1_auth_comp_id            MET 
_struct_conn.ptnr1_auth_seq_id             149 
_struct_conn.ptnr2_auth_asym_id            A 
_struct_conn.ptnr2_auth_comp_id            FP7 
_struct_conn.ptnr2_auth_seq_id             201 
_struct_conn.ptnr2_symmetry                1_555 
_struct_conn.pdbx_ptnr3_label_atom_id      ? 
_struct_conn.pdbx_ptnr3_label_seq_id       ? 
_struct_conn.pdbx_ptnr3_label_comp_id      ? 
_struct_conn.pdbx_ptnr3_label_asym_id      ? 
_struct_conn.pdbx_ptnr3_label_alt_id       ? 
_struct_conn.pdbx_ptnr3_PDB_ins_code       ? 
_struct_conn.details                       ? 
_struct_conn.pdbx_dist_value               1.682 
_struct_conn.pdbx_value_order              ? 
_struct_conn.pdbx_role                     ? 
# 
_struct_conn_type.id          covale 
_struct_conn_type.criteria    ? 
_struct_conn_type.reference   ? 
# 
_pdbx_modification_feature.ordinal                            1 
_pdbx_modification_feature.label_comp_id                      FP7 
_pdbx_modification_feature.label_asym_id                      B 
_pdbx_modification_feature.label_seq_id                       . 
_pdbx_modification_feature.label_alt_id                       ? 
_pdbx_modification_feature.modified_residue_label_comp_id     MET 
_pdbx_modification_feature.modified_residue_label_asym_id     A 
_pdbx_modification_feature.modified_residue_label_seq_id      108 
_pdbx_modification_feature.modified_residue_label_alt_id      ? 
_pdbx_modification_feature.auth_comp_id                       FP7 
_pdbx_modification_feature.auth_asym_id                       A 
_pdbx_modification_feature.auth_seq_id                        201 
_pdbx_modification_feature.PDB_ins_code                       ? 
_pdbx_modification_feature.symmetry                           1_555 
_pdbx_modification_feature.modified_residue_auth_comp_id      MET 
_pdbx_modification_feature.modified_residue_auth_asym_id      A 
_pdbx_modification_feature.modified_residue_auth_seq_id       149 
_pdbx_modification_feature.modified_residue_PDB_ins_code      ? 
_pdbx_modification_feature.modified_residue_symmetry          1_555 
_pdbx_modification_feature.comp_id_linking_atom               C18 
_pdbx_modification_feature.modified_residue_id_linking_atom   SD 
_pdbx_modification_feature.modified_residue_id                MET 
_pdbx_modification_feature.ref_pcm_id                         1 
_pdbx_modification_feature.ref_comp_id                        FP7 
_pdbx_modification_feature.type                               None 
_pdbx_modification_feature.category                           'Covalent chemical modification' 
# 
loop_
_struct_site.id 
_struct_site.pdbx_evidence_code 
_struct_site.pdbx_auth_asym_id 
_struct_site.pdbx_auth_comp_id 
_struct_site.pdbx_auth_seq_id 
_struct_site.pdbx_auth_ins_code 
_struct_site.pdbx_num_residues 
_struct_site.details 
AC1 Software A FP7 201 ? 12 'binding site for residue FP7 A 201' 
AC2 Software A EDO 202 ? 6  'binding site for residue EDO A 202' 
AC3 Software A EDO 203 ? 10 'binding site for residue EDO A 203' 
AC4 Software A EDO 204 ? 7  'binding site for residue EDO A 204' 
AC5 Software A DMS 205 ? 7  'binding site for residue DMS A 205' 
AC6 Software A EDO 206 ? 11 'binding site for residue EDO A 206' 
AC7 Software A EDO 207 ? 8  'binding site for residue EDO A 207' 
AC8 Software A EDO 208 ? 5  'binding site for residue EDO A 208' 
AC9 Software A EDO 209 ? 7  'binding site for residue EDO A 209' 
# 
loop_
_struct_site_gen.id 
_struct_site_gen.site_id 
_struct_site_gen.pdbx_num_res 
_struct_site_gen.label_comp_id 
_struct_site_gen.label_asym_id 
_struct_site_gen.label_seq_id 
_struct_site_gen.pdbx_auth_ins_code 
_struct_site_gen.auth_comp_id 
_struct_site_gen.auth_asym_id 
_struct_site_gen.auth_seq_id 
_struct_site_gen.label_atom_id 
_struct_site_gen.label_alt_id 
_struct_site_gen.symmetry 
_struct_site_gen.details 
1  AC1 12 SER A 10  ? SER A 51  . ? 2_454 ? 
2  AC1 12 PRO A 41  ? PRO A 82  . ? 1_555 ? 
3  AC1 12 LEU A 51  ? LEU A 92  . ? 1_555 ? 
4  AC1 12 ASN A 75  ? ASN A 116 . ? 2_454 ? 
5  AC1 12 ASN A 99  ? ASN A 140 . ? 1_555 ? 
6  AC1 12 ASP A 104 ? ASP A 145 . ? 1_555 ? 
7  AC1 12 MET A 108 ? MET A 149 . ? 1_555 ? 
8  AC1 12 HOH K .   ? HOH A 316 . ? 1_555 ? 
9  AC1 12 HOH K .   ? HOH A 330 . ? 1_555 ? 
10 AC1 12 HOH K .   ? HOH A 373 . ? 1_555 ? 
11 AC1 12 HOH K .   ? HOH A 375 . ? 1_555 ? 
12 AC1 12 HOH K .   ? HOH A 384 . ? 2_454 ? 
13 AC2 6  SER A 1   ? SER A 42  . ? 4_546 ? 
14 AC2 6  ASN A 13  ? ASN A 54  . ? 1_555 ? 
15 AC2 6  EDO G .   ? EDO A 206 . ? 4_446 ? 
16 AC2 6  HOH K .   ? HOH A 306 . ? 1_555 ? 
17 AC2 6  HOH K .   ? HOH A 327 . ? 1_555 ? 
18 AC2 6  HOH K .   ? HOH A 431 . ? 1_555 ? 
19 AC3 10 SER A 10  ? SER A 51  . ? 1_555 ? 
20 AC3 10 ASN A 11  ? ASN A 52  . ? 1_555 ? 
21 AC3 10 LYS A 14  ? LYS A 55  . ? 1_555 ? 
22 AC3 10 LYS A 16  ? LYS A 57  . ? 1_555 ? 
23 AC3 10 TRP A 40  ? TRP A 81  . ? 2_455 ? 
24 AC3 10 ASN A 75  ? ASN A 116 . ? 1_555 ? 
25 AC3 10 TYR A 77  ? TYR A 118 . ? 1_555 ? 
26 AC3 10 EDO J .   ? EDO A 209 . ? 1_555 ? 
27 AC3 10 HOH K .   ? HOH A 325 . ? 1_555 ? 
28 AC3 10 HOH K .   ? HOH A 335 . ? 1_555 ? 
29 AC4 7  ILE A 59  ? ILE A 100 . ? 1_555 ? 
30 AC4 7  ILE A 60  ? ILE A 101 . ? 1_555 ? 
31 AC4 7  LYS A 61  ? LYS A 102 . ? 1_555 ? 
32 AC4 7  THR A 62  ? THR A 103 . ? 1_555 ? 
33 AC4 7  ASN A 94  ? ASN A 135 . ? 1_555 ? 
34 AC4 7  LYS A 119 ? LYS A 160 . ? 3_545 ? 
35 AC4 7  GLU A 129 ? GLU A 170 . ? 4_446 ? 
36 AC5 7  LYS A 50  ? LYS A 91  . ? 2_455 ? 
37 AC5 7  LYS A 58  ? LYS A 99  . ? 4_546 ? 
38 AC5 7  LYS A 61  ? LYS A 102 . ? 4_546 ? 
39 AC5 7  EDO I .   ? EDO A 208 . ? 1_555 ? 
40 AC5 7  EDO J .   ? EDO A 209 . ? 1_555 ? 
41 AC5 7  HOH K .   ? HOH A 343 . ? 1_555 ? 
42 AC5 7  HOH K .   ? HOH A 413 . ? 4_546 ? 
43 AC6 11 MET A 2   ? MET A 43  . ? 1_655 ? 
44 AC6 11 ASN A 11  ? ASN A 52  . ? 4_546 ? 
45 AC6 11 GLN A 21  ? GLN A 62  . ? 1_555 ? 
46 AC6 11 GLN A 82  ? GLN A 123 . ? 1_555 ? 
47 AC6 11 ILE A 85  ? ILE A 126 . ? 1_555 ? 
48 AC6 11 EDO C .   ? EDO A 202 . ? 4_546 ? 
49 AC6 11 HOH K .   ? HOH A 306 . ? 4_546 ? 
50 AC6 11 HOH K .   ? HOH A 320 . ? 1_555 ? 
51 AC6 11 HOH K .   ? HOH A 338 . ? 1_555 ? 
52 AC6 11 HOH K .   ? HOH A 345 . ? 1_555 ? 
53 AC6 11 HOH K .   ? HOH A 368 . ? 1_555 ? 
54 AC7 8  THR A 32  ? THR A 73  . ? 1_555 ? 
55 AC7 8  LYS A 35  ? LYS A 76  . ? 1_555 ? 
56 AC7 8  HIS A 36  ? HIS A 77  . ? 1_555 ? 
57 AC7 8  ASN A 89  ? ASN A 130 . ? 3_555 ? 
58 AC7 8  THR A 90  ? THR A 131 . ? 3_555 ? 
59 AC7 8  THR A 93  ? THR A 134 . ? 3_555 ? 
60 AC7 8  HOH K .   ? HOH A 358 . ? 1_555 ? 
61 AC7 8  HOH K .   ? HOH A 415 . ? 1_555 ? 
62 AC8 5  LYS A 16  ? LYS A 57  . ? 1_555 ? 
63 AC8 5  GLN A 18  ? GLN A 59  . ? 1_555 ? 
64 AC8 5  LYS A 50  ? LYS A 91  . ? 2_455 ? 
65 AC8 5  DMS F .   ? DMS A 205 . ? 1_555 ? 
66 AC8 5  HOH K .   ? HOH A 314 . ? 1_555 ? 
67 AC9 7  PRO A 12  ? PRO A 53  . ? 1_555 ? 
68 AC9 7  LYS A 14  ? LYS A 55  . ? 1_555 ? 
69 AC9 7  LYS A 58  ? LYS A 99  . ? 4_546 ? 
70 AC9 7  EDO D .   ? EDO A 203 . ? 1_555 ? 
71 AC9 7  DMS F .   ? DMS A 205 . ? 1_555 ? 
72 AC9 7  HOH K .   ? HOH A 310 . ? 1_555 ? 
73 AC9 7  HOH K .   ? HOH A 325 . ? 1_555 ? 
# 
_pdbx_entry_details.entry_id                   6CZU 
_pdbx_entry_details.compound_details           ? 
_pdbx_entry_details.source_details             ? 
_pdbx_entry_details.nonpolymer_details         ? 
_pdbx_entry_details.sequence_details           ? 
_pdbx_entry_details.has_ligand_of_interest     ? 
_pdbx_entry_details.has_protein_modification   Y 
# 
_pdbx_validate_rmsd_angle.id                         1 
_pdbx_validate_rmsd_angle.PDB_model_num              1 
_pdbx_validate_rmsd_angle.auth_atom_id_1             CB 
_pdbx_validate_rmsd_angle.auth_asym_id_1             A 
_pdbx_validate_rmsd_angle.auth_comp_id_1             ASP 
_pdbx_validate_rmsd_angle.auth_seq_id_1              145 
_pdbx_validate_rmsd_angle.PDB_ins_code_1             ? 
_pdbx_validate_rmsd_angle.label_alt_id_1             ? 
_pdbx_validate_rmsd_angle.auth_atom_id_2             CG 
_pdbx_validate_rmsd_angle.auth_asym_id_2             A 
_pdbx_validate_rmsd_angle.auth_comp_id_2             ASP 
_pdbx_validate_rmsd_angle.auth_seq_id_2              145 
_pdbx_validate_rmsd_angle.PDB_ins_code_2             ? 
_pdbx_validate_rmsd_angle.label_alt_id_2             ? 
_pdbx_validate_rmsd_angle.auth_atom_id_3             OD1 
_pdbx_validate_rmsd_angle.auth_asym_id_3             A 
_pdbx_validate_rmsd_angle.auth_comp_id_3             ASP 
_pdbx_validate_rmsd_angle.auth_seq_id_3              145 
_pdbx_validate_rmsd_angle.PDB_ins_code_3             ? 
_pdbx_validate_rmsd_angle.label_alt_id_3             ? 
_pdbx_validate_rmsd_angle.angle_value                124.10 
_pdbx_validate_rmsd_angle.angle_target_value         118.30 
_pdbx_validate_rmsd_angle.angle_deviation            5.80 
_pdbx_validate_rmsd_angle.angle_standard_deviation   0.90 
_pdbx_validate_rmsd_angle.linker_flag                N 
# 
_pdbx_validate_torsion.id              1 
_pdbx_validate_torsion.PDB_model_num   1 
_pdbx_validate_torsion.auth_comp_id    LEU 
_pdbx_validate_torsion.auth_asym_id    A 
_pdbx_validate_torsion.auth_seq_id     94 
_pdbx_validate_torsion.PDB_ins_code    ? 
_pdbx_validate_torsion.label_alt_id    ? 
_pdbx_validate_torsion.phi             -115.94 
_pdbx_validate_torsion.psi             74.14 
# 
_pdbx_distant_solvent_atoms.id                                1 
_pdbx_distant_solvent_atoms.PDB_model_num                     1 
_pdbx_distant_solvent_atoms.auth_atom_id                      O 
_pdbx_distant_solvent_atoms.label_alt_id                      ? 
_pdbx_distant_solvent_atoms.auth_asym_id                      A 
_pdbx_distant_solvent_atoms.auth_comp_id                      HOH 
_pdbx_distant_solvent_atoms.auth_seq_id                       516 
_pdbx_distant_solvent_atoms.PDB_ins_code                      ? 
_pdbx_distant_solvent_atoms.neighbor_macromolecule_distance   6.18 
_pdbx_distant_solvent_atoms.neighbor_ligand_distance          . 
# 
loop_
_chem_comp_atom.comp_id 
_chem_comp_atom.atom_id 
_chem_comp_atom.type_symbol 
_chem_comp_atom.pdbx_aromatic_flag 
_chem_comp_atom.pdbx_stereo_config 
_chem_comp_atom.pdbx_ordinal 
ALA N    N N N 1   
ALA CA   C N S 2   
ALA C    C N N 3   
ALA O    O N N 4   
ALA CB   C N N 5   
ALA OXT  O N N 6   
ALA H    H N N 7   
ALA H2   H N N 8   
ALA HA   H N N 9   
ALA HB1  H N N 10  
ALA HB2  H N N 11  
ALA HB3  H N N 12  
ALA HXT  H N N 13  
ARG N    N N N 14  
ARG CA   C N S 15  
ARG C    C N N 16  
ARG O    O N N 17  
ARG CB   C N N 18  
ARG CG   C N N 19  
ARG CD   C N N 20  
ARG NE   N N N 21  
ARG CZ   C N N 22  
ARG NH1  N N N 23  
ARG NH2  N N N 24  
ARG OXT  O N N 25  
ARG H    H N N 26  
ARG H2   H N N 27  
ARG HA   H N N 28  
ARG HB2  H N N 29  
ARG HB3  H N N 30  
ARG HG2  H N N 31  
ARG HG3  H N N 32  
ARG HD2  H N N 33  
ARG HD3  H N N 34  
ARG HE   H N N 35  
ARG HH11 H N N 36  
ARG HH12 H N N 37  
ARG HH21 H N N 38  
ARG HH22 H N N 39  
ARG HXT  H N N 40  
ASN N    N N N 41  
ASN CA   C N S 42  
ASN C    C N N 43  
ASN O    O N N 44  
ASN CB   C N N 45  
ASN CG   C N N 46  
ASN OD1  O N N 47  
ASN ND2  N N N 48  
ASN OXT  O N N 49  
ASN H    H N N 50  
ASN H2   H N N 51  
ASN HA   H N N 52  
ASN HB2  H N N 53  
ASN HB3  H N N 54  
ASN HD21 H N N 55  
ASN HD22 H N N 56  
ASN HXT  H N N 57  
ASP N    N N N 58  
ASP CA   C N S 59  
ASP C    C N N 60  
ASP O    O N N 61  
ASP CB   C N N 62  
ASP CG   C N N 63  
ASP OD1  O N N 64  
ASP OD2  O N N 65  
ASP OXT  O N N 66  
ASP H    H N N 67  
ASP H2   H N N 68  
ASP HA   H N N 69  
ASP HB2  H N N 70  
ASP HB3  H N N 71  
ASP HD2  H N N 72  
ASP HXT  H N N 73  
CYS N    N N N 74  
CYS CA   C N R 75  
CYS C    C N N 76  
CYS O    O N N 77  
CYS CB   C N N 78  
CYS SG   S N N 79  
CYS OXT  O N N 80  
CYS H    H N N 81  
CYS H2   H N N 82  
CYS HA   H N N 83  
CYS HB2  H N N 84  
CYS HB3  H N N 85  
CYS HG   H N N 86  
CYS HXT  H N N 87  
DMS S    S N N 88  
DMS O    O N N 89  
DMS C1   C N N 90  
DMS C2   C N N 91  
DMS H11  H N N 92  
DMS H12  H N N 93  
DMS H13  H N N 94  
DMS H21  H N N 95  
DMS H22  H N N 96  
DMS H23  H N N 97  
EDO C1   C N N 98  
EDO O1   O N N 99  
EDO C2   C N N 100 
EDO O2   O N N 101 
EDO H11  H N N 102 
EDO H12  H N N 103 
EDO HO1  H N N 104 
EDO H21  H N N 105 
EDO H22  H N N 106 
EDO HO2  H N N 107 
FP7 C1   C Y N 108 
FP7 C2   C Y N 109 
FP7 C3   C Y N 110 
FP7 C4   C Y N 111 
FP7 C5   C Y N 112 
FP7 C6   C N N 113 
FP7 C7   C N N 114 
FP7 C12  C Y N 115 
FP7 O    O N N 116 
FP7 C11  C N N 117 
FP7 N    N N N 118 
FP7 C    C Y N 119 
FP7 C17  C N R 120 
FP7 O2   O N N 121 
FP7 C18  C N N 122 
FP7 C10  C N N 123 
FP7 C9   C N N 124 
FP7 C8   C N N 125 
FP7 C15  C Y N 126 
FP7 C16  C N N 127 
FP7 N1   N Y N 128 
FP7 O1   O Y N 129 
FP7 C13  C Y N 130 
FP7 C14  C N N 131 
FP7 H1   H N N 132 
FP7 H2   H N N 133 
FP7 H3   H N N 134 
FP7 H4   H N N 135 
FP7 H5   H N N 136 
FP7 H6   H N N 137 
FP7 H7   H N N 138 
FP7 H8   H N N 139 
FP7 H9   H N N 140 
FP7 H10  H N N 141 
FP7 H11  H N N 142 
FP7 H12  H N N 143 
FP7 H13  H N N 144 
FP7 H14  H N N 145 
FP7 H15  H N N 146 
FP7 H16  H N N 147 
FP7 H17  H N N 148 
FP7 H18  H N N 149 
FP7 H19  H N N 150 
FP7 H20  H N N 151 
GLN N    N N N 152 
GLN CA   C N S 153 
GLN C    C N N 154 
GLN O    O N N 155 
GLN CB   C N N 156 
GLN CG   C N N 157 
GLN CD   C N N 158 
GLN OE1  O N N 159 
GLN NE2  N N N 160 
GLN OXT  O N N 161 
GLN H    H N N 162 
GLN H2   H N N 163 
GLN HA   H N N 164 
GLN HB2  H N N 165 
GLN HB3  H N N 166 
GLN HG2  H N N 167 
GLN HG3  H N N 168 
GLN HE21 H N N 169 
GLN HE22 H N N 170 
GLN HXT  H N N 171 
GLU N    N N N 172 
GLU CA   C N S 173 
GLU C    C N N 174 
GLU O    O N N 175 
GLU CB   C N N 176 
GLU CG   C N N 177 
GLU CD   C N N 178 
GLU OE1  O N N 179 
GLU OE2  O N N 180 
GLU OXT  O N N 181 
GLU H    H N N 182 
GLU H2   H N N 183 
GLU HA   H N N 184 
GLU HB2  H N N 185 
GLU HB3  H N N 186 
GLU HG2  H N N 187 
GLU HG3  H N N 188 
GLU HE2  H N N 189 
GLU HXT  H N N 190 
GLY N    N N N 191 
GLY CA   C N N 192 
GLY C    C N N 193 
GLY O    O N N 194 
GLY OXT  O N N 195 
GLY H    H N N 196 
GLY H2   H N N 197 
GLY HA2  H N N 198 
GLY HA3  H N N 199 
GLY HXT  H N N 200 
HIS N    N N N 201 
HIS CA   C N S 202 
HIS C    C N N 203 
HIS O    O N N 204 
HIS CB   C N N 205 
HIS CG   C Y N 206 
HIS ND1  N Y N 207 
HIS CD2  C Y N 208 
HIS CE1  C Y N 209 
HIS NE2  N Y N 210 
HIS OXT  O N N 211 
HIS H    H N N 212 
HIS H2   H N N 213 
HIS HA   H N N 214 
HIS HB2  H N N 215 
HIS HB3  H N N 216 
HIS HD1  H N N 217 
HIS HD2  H N N 218 
HIS HE1  H N N 219 
HIS HE2  H N N 220 
HIS HXT  H N N 221 
HOH O    O N N 222 
HOH H1   H N N 223 
HOH H2   H N N 224 
ILE N    N N N 225 
ILE CA   C N S 226 
ILE C    C N N 227 
ILE O    O N N 228 
ILE CB   C N S 229 
ILE CG1  C N N 230 
ILE CG2  C N N 231 
ILE CD1  C N N 232 
ILE OXT  O N N 233 
ILE H    H N N 234 
ILE H2   H N N 235 
ILE HA   H N N 236 
ILE HB   H N N 237 
ILE HG12 H N N 238 
ILE HG13 H N N 239 
ILE HG21 H N N 240 
ILE HG22 H N N 241 
ILE HG23 H N N 242 
ILE HD11 H N N 243 
ILE HD12 H N N 244 
ILE HD13 H N N 245 
ILE HXT  H N N 246 
LEU N    N N N 247 
LEU CA   C N S 248 
LEU C    C N N 249 
LEU O    O N N 250 
LEU CB   C N N 251 
LEU CG   C N N 252 
LEU CD1  C N N 253 
LEU CD2  C N N 254 
LEU OXT  O N N 255 
LEU H    H N N 256 
LEU H2   H N N 257 
LEU HA   H N N 258 
LEU HB2  H N N 259 
LEU HB3  H N N 260 
LEU HG   H N N 261 
LEU HD11 H N N 262 
LEU HD12 H N N 263 
LEU HD13 H N N 264 
LEU HD21 H N N 265 
LEU HD22 H N N 266 
LEU HD23 H N N 267 
LEU HXT  H N N 268 
LYS N    N N N 269 
LYS CA   C N S 270 
LYS C    C N N 271 
LYS O    O N N 272 
LYS CB   C N N 273 
LYS CG   C N N 274 
LYS CD   C N N 275 
LYS CE   C N N 276 
LYS NZ   N N N 277 
LYS OXT  O N N 278 
LYS H    H N N 279 
LYS H2   H N N 280 
LYS HA   H N N 281 
LYS HB2  H N N 282 
LYS HB3  H N N 283 
LYS HG2  H N N 284 
LYS HG3  H N N 285 
LYS HD2  H N N 286 
LYS HD3  H N N 287 
LYS HE2  H N N 288 
LYS HE3  H N N 289 
LYS HZ1  H N N 290 
LYS HZ2  H N N 291 
LYS HZ3  H N N 292 
LYS HXT  H N N 293 
MET N    N N N 294 
MET CA   C N S 295 
MET C    C N N 296 
MET O    O N N 297 
MET CB   C N N 298 
MET CG   C N N 299 
MET SD   S N N 300 
MET CE   C N N 301 
MET OXT  O N N 302 
MET H    H N N 303 
MET H2   H N N 304 
MET HA   H N N 305 
MET HB2  H N N 306 
MET HB3  H N N 307 
MET HG2  H N N 308 
MET HG3  H N N 309 
MET HE1  H N N 310 
MET HE2  H N N 311 
MET HE3  H N N 312 
MET HXT  H N N 313 
PHE N    N N N 314 
PHE CA   C N S 315 
PHE C    C N N 316 
PHE O    O N N 317 
PHE CB   C N N 318 
PHE CG   C Y N 319 
PHE CD1  C Y N 320 
PHE CD2  C Y N 321 
PHE CE1  C Y N 322 
PHE CE2  C Y N 323 
PHE CZ   C Y N 324 
PHE OXT  O N N 325 
PHE H    H N N 326 
PHE H2   H N N 327 
PHE HA   H N N 328 
PHE HB2  H N N 329 
PHE HB3  H N N 330 
PHE HD1  H N N 331 
PHE HD2  H N N 332 
PHE HE1  H N N 333 
PHE HE2  H N N 334 
PHE HZ   H N N 335 
PHE HXT  H N N 336 
PRO N    N N N 337 
PRO CA   C N S 338 
PRO C    C N N 339 
PRO O    O N N 340 
PRO CB   C N N 341 
PRO CG   C N N 342 
PRO CD   C N N 343 
PRO OXT  O N N 344 
PRO H    H N N 345 
PRO HA   H N N 346 
PRO HB2  H N N 347 
PRO HB3  H N N 348 
PRO HG2  H N N 349 
PRO HG3  H N N 350 
PRO HD2  H N N 351 
PRO HD3  H N N 352 
PRO HXT  H N N 353 
SER N    N N N 354 
SER CA   C N S 355 
SER C    C N N 356 
SER O    O N N 357 
SER CB   C N N 358 
SER OG   O N N 359 
SER OXT  O N N 360 
SER H    H N N 361 
SER H2   H N N 362 
SER HA   H N N 363 
SER HB2  H N N 364 
SER HB3  H N N 365 
SER HG   H N N 366 
SER HXT  H N N 367 
THR N    N N N 368 
THR CA   C N S 369 
THR C    C N N 370 
THR O    O N N 371 
THR CB   C N R 372 
THR OG1  O N N 373 
THR CG2  C N N 374 
THR OXT  O N N 375 
THR H    H N N 376 
THR H2   H N N 377 
THR HA   H N N 378 
THR HB   H N N 379 
THR HG1  H N N 380 
THR HG21 H N N 381 
THR HG22 H N N 382 
THR HG23 H N N 383 
THR HXT  H N N 384 
TRP N    N N N 385 
TRP CA   C N S 386 
TRP C    C N N 387 
TRP O    O N N 388 
TRP CB   C N N 389 
TRP CG   C Y N 390 
TRP CD1  C Y N 391 
TRP CD2  C Y N 392 
TRP NE1  N Y N 393 
TRP CE2  C Y N 394 
TRP CE3  C Y N 395 
TRP CZ2  C Y N 396 
TRP CZ3  C Y N 397 
TRP CH2  C Y N 398 
TRP OXT  O N N 399 
TRP H    H N N 400 
TRP H2   H N N 401 
TRP HA   H N N 402 
TRP HB2  H N N 403 
TRP HB3  H N N 404 
TRP HD1  H N N 405 
TRP HE1  H N N 406 
TRP HE3  H N N 407 
TRP HZ2  H N N 408 
TRP HZ3  H N N 409 
TRP HH2  H N N 410 
TRP HXT  H N N 411 
TYR N    N N N 412 
TYR CA   C N S 413 
TYR C    C N N 414 
TYR O    O N N 415 
TYR CB   C N N 416 
TYR CG   C Y N 417 
TYR CD1  C Y N 418 
TYR CD2  C Y N 419 
TYR CE1  C Y N 420 
TYR CE2  C Y N 421 
TYR CZ   C Y N 422 
TYR OH   O N N 423 
TYR OXT  O N N 424 
TYR H    H N N 425 
TYR H2   H N N 426 
TYR HA   H N N 427 
TYR HB2  H N N 428 
TYR HB3  H N N 429 
TYR HD1  H N N 430 
TYR HD2  H N N 431 
TYR HE1  H N N 432 
TYR HE2  H N N 433 
TYR HH   H N N 434 
TYR HXT  H N N 435 
VAL N    N N N 436 
VAL CA   C N S 437 
VAL C    C N N 438 
VAL O    O N N 439 
VAL CB   C N N 440 
VAL CG1  C N N 441 
VAL CG2  C N N 442 
VAL OXT  O N N 443 
VAL H    H N N 444 
VAL H2   H N N 445 
VAL HA   H N N 446 
VAL HB   H N N 447 
VAL HG11 H N N 448 
VAL HG12 H N N 449 
VAL HG13 H N N 450 
VAL HG21 H N N 451 
VAL HG22 H N N 452 
VAL HG23 H N N 453 
VAL HXT  H N N 454 
# 
loop_
_chem_comp_bond.comp_id 
_chem_comp_bond.atom_id_1 
_chem_comp_bond.atom_id_2 
_chem_comp_bond.value_order 
_chem_comp_bond.pdbx_aromatic_flag 
_chem_comp_bond.pdbx_stereo_config 
_chem_comp_bond.pdbx_ordinal 
ALA N   CA   sing N N 1   
ALA N   H    sing N N 2   
ALA N   H2   sing N N 3   
ALA CA  C    sing N N 4   
ALA CA  CB   sing N N 5   
ALA CA  HA   sing N N 6   
ALA C   O    doub N N 7   
ALA C   OXT  sing N N 8   
ALA CB  HB1  sing N N 9   
ALA CB  HB2  sing N N 10  
ALA CB  HB3  sing N N 11  
ALA OXT HXT  sing N N 12  
ARG N   CA   sing N N 13  
ARG N   H    sing N N 14  
ARG N   H2   sing N N 15  
ARG CA  C    sing N N 16  
ARG CA  CB   sing N N 17  
ARG CA  HA   sing N N 18  
ARG C   O    doub N N 19  
ARG C   OXT  sing N N 20  
ARG CB  CG   sing N N 21  
ARG CB  HB2  sing N N 22  
ARG CB  HB3  sing N N 23  
ARG CG  CD   sing N N 24  
ARG CG  HG2  sing N N 25  
ARG CG  HG3  sing N N 26  
ARG CD  NE   sing N N 27  
ARG CD  HD2  sing N N 28  
ARG CD  HD3  sing N N 29  
ARG NE  CZ   sing N N 30  
ARG NE  HE   sing N N 31  
ARG CZ  NH1  sing N N 32  
ARG CZ  NH2  doub N N 33  
ARG NH1 HH11 sing N N 34  
ARG NH1 HH12 sing N N 35  
ARG NH2 HH21 sing N N 36  
ARG NH2 HH22 sing N N 37  
ARG OXT HXT  sing N N 38  
ASN N   CA   sing N N 39  
ASN N   H    sing N N 40  
ASN N   H2   sing N N 41  
ASN CA  C    sing N N 42  
ASN CA  CB   sing N N 43  
ASN CA  HA   sing N N 44  
ASN C   O    doub N N 45  
ASN C   OXT  sing N N 46  
ASN CB  CG   sing N N 47  
ASN CB  HB2  sing N N 48  
ASN CB  HB3  sing N N 49  
ASN CG  OD1  doub N N 50  
ASN CG  ND2  sing N N 51  
ASN ND2 HD21 sing N N 52  
ASN ND2 HD22 sing N N 53  
ASN OXT HXT  sing N N 54  
ASP N   CA   sing N N 55  
ASP N   H    sing N N 56  
ASP N   H2   sing N N 57  
ASP CA  C    sing N N 58  
ASP CA  CB   sing N N 59  
ASP CA  HA   sing N N 60  
ASP C   O    doub N N 61  
ASP C   OXT  sing N N 62  
ASP CB  CG   sing N N 63  
ASP CB  HB2  sing N N 64  
ASP CB  HB3  sing N N 65  
ASP CG  OD1  doub N N 66  
ASP CG  OD2  sing N N 67  
ASP OD2 HD2  sing N N 68  
ASP OXT HXT  sing N N 69  
CYS N   CA   sing N N 70  
CYS N   H    sing N N 71  
CYS N   H2   sing N N 72  
CYS CA  C    sing N N 73  
CYS CA  CB   sing N N 74  
CYS CA  HA   sing N N 75  
CYS C   O    doub N N 76  
CYS C   OXT  sing N N 77  
CYS CB  SG   sing N N 78  
CYS CB  HB2  sing N N 79  
CYS CB  HB3  sing N N 80  
CYS SG  HG   sing N N 81  
CYS OXT HXT  sing N N 82  
DMS S   O    doub N N 83  
DMS S   C1   sing N N 84  
DMS S   C2   sing N N 85  
DMS C1  H11  sing N N 86  
DMS C1  H12  sing N N 87  
DMS C1  H13  sing N N 88  
DMS C2  H21  sing N N 89  
DMS C2  H22  sing N N 90  
DMS C2  H23  sing N N 91  
EDO C1  O1   sing N N 92  
EDO C1  C2   sing N N 93  
EDO C1  H11  sing N N 94  
EDO C1  H12  sing N N 95  
EDO O1  HO1  sing N N 96  
EDO C2  O2   sing N N 97  
EDO C2  H21  sing N N 98  
EDO C2  H22  sing N N 99  
EDO O2  HO2  sing N N 100 
FP7 O2  C17  sing N N 101 
FP7 C5  C4   doub Y N 102 
FP7 C5  C    sing Y N 103 
FP7 C17 C    sing N N 104 
FP7 C17 C18  sing N N 105 
FP7 C4  C3   sing Y N 106 
FP7 C   C1   doub Y N 107 
FP7 C3  C6   sing N N 108 
FP7 C3  C2   doub Y N 109 
FP7 C1  C2   sing Y N 110 
FP7 C6  N    sing N N 111 
FP7 N   C7   sing N N 112 
FP7 N   C11  sing N N 113 
FP7 C7  C8   doub N N 114 
FP7 C14 C13  sing N N 115 
FP7 O   C11  doub N N 116 
FP7 C11 C10  sing N N 117 
FP7 C13 O1   sing Y N 118 
FP7 C13 C12  doub Y N 119 
FP7 C8  C12  sing N N 120 
FP7 C8  C9   sing N N 121 
FP7 O1  N1   sing Y N 122 
FP7 C12 C15  sing Y N 123 
FP7 C10 C9   doub N N 124 
FP7 N1  C15  doub Y N 125 
FP7 C15 C16  sing N N 126 
FP7 C1  H1   sing N N 127 
FP7 C2  H2   sing N N 128 
FP7 C4  H3   sing N N 129 
FP7 C5  H4   sing N N 130 
FP7 C6  H5   sing N N 131 
FP7 C6  H6   sing N N 132 
FP7 C7  H7   sing N N 133 
FP7 C17 H8   sing N N 134 
FP7 O2  H9   sing N N 135 
FP7 C18 H10  sing N N 136 
FP7 C18 H11  sing N N 137 
FP7 C18 H12  sing N N 138 
FP7 C10 H13  sing N N 139 
FP7 C9  H14  sing N N 140 
FP7 C16 H15  sing N N 141 
FP7 C16 H16  sing N N 142 
FP7 C16 H17  sing N N 143 
FP7 C14 H18  sing N N 144 
FP7 C14 H19  sing N N 145 
FP7 C14 H20  sing N N 146 
GLN N   CA   sing N N 147 
GLN N   H    sing N N 148 
GLN N   H2   sing N N 149 
GLN CA  C    sing N N 150 
GLN CA  CB   sing N N 151 
GLN CA  HA   sing N N 152 
GLN C   O    doub N N 153 
GLN C   OXT  sing N N 154 
GLN CB  CG   sing N N 155 
GLN CB  HB2  sing N N 156 
GLN CB  HB3  sing N N 157 
GLN CG  CD   sing N N 158 
GLN CG  HG2  sing N N 159 
GLN CG  HG3  sing N N 160 
GLN CD  OE1  doub N N 161 
GLN CD  NE2  sing N N 162 
GLN NE2 HE21 sing N N 163 
GLN NE2 HE22 sing N N 164 
GLN OXT HXT  sing N N 165 
GLU N   CA   sing N N 166 
GLU N   H    sing N N 167 
GLU N   H2   sing N N 168 
GLU CA  C    sing N N 169 
GLU CA  CB   sing N N 170 
GLU CA  HA   sing N N 171 
GLU C   O    doub N N 172 
GLU C   OXT  sing N N 173 
GLU CB  CG   sing N N 174 
GLU CB  HB2  sing N N 175 
GLU CB  HB3  sing N N 176 
GLU CG  CD   sing N N 177 
GLU CG  HG2  sing N N 178 
GLU CG  HG3  sing N N 179 
GLU CD  OE1  doub N N 180 
GLU CD  OE2  sing N N 181 
GLU OE2 HE2  sing N N 182 
GLU OXT HXT  sing N N 183 
GLY N   CA   sing N N 184 
GLY N   H    sing N N 185 
GLY N   H2   sing N N 186 
GLY CA  C    sing N N 187 
GLY CA  HA2  sing N N 188 
GLY CA  HA3  sing N N 189 
GLY C   O    doub N N 190 
GLY C   OXT  sing N N 191 
GLY OXT HXT  sing N N 192 
HIS N   CA   sing N N 193 
HIS N   H    sing N N 194 
HIS N   H2   sing N N 195 
HIS CA  C    sing N N 196 
HIS CA  CB   sing N N 197 
HIS CA  HA   sing N N 198 
HIS C   O    doub N N 199 
HIS C   OXT  sing N N 200 
HIS CB  CG   sing N N 201 
HIS CB  HB2  sing N N 202 
HIS CB  HB3  sing N N 203 
HIS CG  ND1  sing Y N 204 
HIS CG  CD2  doub Y N 205 
HIS ND1 CE1  doub Y N 206 
HIS ND1 HD1  sing N N 207 
HIS CD2 NE2  sing Y N 208 
HIS CD2 HD2  sing N N 209 
HIS CE1 NE2  sing Y N 210 
HIS CE1 HE1  sing N N 211 
HIS NE2 HE2  sing N N 212 
HIS OXT HXT  sing N N 213 
HOH O   H1   sing N N 214 
HOH O   H2   sing N N 215 
ILE N   CA   sing N N 216 
ILE N   H    sing N N 217 
ILE N   H2   sing N N 218 
ILE CA  C    sing N N 219 
ILE CA  CB   sing N N 220 
ILE CA  HA   sing N N 221 
ILE C   O    doub N N 222 
ILE C   OXT  sing N N 223 
ILE CB  CG1  sing N N 224 
ILE CB  CG2  sing N N 225 
ILE CB  HB   sing N N 226 
ILE CG1 CD1  sing N N 227 
ILE CG1 HG12 sing N N 228 
ILE CG1 HG13 sing N N 229 
ILE CG2 HG21 sing N N 230 
ILE CG2 HG22 sing N N 231 
ILE CG2 HG23 sing N N 232 
ILE CD1 HD11 sing N N 233 
ILE CD1 HD12 sing N N 234 
ILE CD1 HD13 sing N N 235 
ILE OXT HXT  sing N N 236 
LEU N   CA   sing N N 237 
LEU N   H    sing N N 238 
LEU N   H2   sing N N 239 
LEU CA  C    sing N N 240 
LEU CA  CB   sing N N 241 
LEU CA  HA   sing N N 242 
LEU C   O    doub N N 243 
LEU C   OXT  sing N N 244 
LEU CB  CG   sing N N 245 
LEU CB  HB2  sing N N 246 
LEU CB  HB3  sing N N 247 
LEU CG  CD1  sing N N 248 
LEU CG  CD2  sing N N 249 
LEU CG  HG   sing N N 250 
LEU CD1 HD11 sing N N 251 
LEU CD1 HD12 sing N N 252 
LEU CD1 HD13 sing N N 253 
LEU CD2 HD21 sing N N 254 
LEU CD2 HD22 sing N N 255 
LEU CD2 HD23 sing N N 256 
LEU OXT HXT  sing N N 257 
LYS N   CA   sing N N 258 
LYS N   H    sing N N 259 
LYS N   H2   sing N N 260 
LYS CA  C    sing N N 261 
LYS CA  CB   sing N N 262 
LYS CA  HA   sing N N 263 
LYS C   O    doub N N 264 
LYS C   OXT  sing N N 265 
LYS CB  CG   sing N N 266 
LYS CB  HB2  sing N N 267 
LYS CB  HB3  sing N N 268 
LYS CG  CD   sing N N 269 
LYS CG  HG2  sing N N 270 
LYS CG  HG3  sing N N 271 
LYS CD  CE   sing N N 272 
LYS CD  HD2  sing N N 273 
LYS CD  HD3  sing N N 274 
LYS CE  NZ   sing N N 275 
LYS CE  HE2  sing N N 276 
LYS CE  HE3  sing N N 277 
LYS NZ  HZ1  sing N N 278 
LYS NZ  HZ2  sing N N 279 
LYS NZ  HZ3  sing N N 280 
LYS OXT HXT  sing N N 281 
MET N   CA   sing N N 282 
MET N   H    sing N N 283 
MET N   H2   sing N N 284 
MET CA  C    sing N N 285 
MET CA  CB   sing N N 286 
MET CA  HA   sing N N 287 
MET C   O    doub N N 288 
MET C   OXT  sing N N 289 
MET CB  CG   sing N N 290 
MET CB  HB2  sing N N 291 
MET CB  HB3  sing N N 292 
MET CG  SD   sing N N 293 
MET CG  HG2  sing N N 294 
MET CG  HG3  sing N N 295 
MET SD  CE   sing N N 296 
MET CE  HE1  sing N N 297 
MET CE  HE2  sing N N 298 
MET CE  HE3  sing N N 299 
MET OXT HXT  sing N N 300 
PHE N   CA   sing N N 301 
PHE N   H    sing N N 302 
PHE N   H2   sing N N 303 
PHE CA  C    sing N N 304 
PHE CA  CB   sing N N 305 
PHE CA  HA   sing N N 306 
PHE C   O    doub N N 307 
PHE C   OXT  sing N N 308 
PHE CB  CG   sing N N 309 
PHE CB  HB2  sing N N 310 
PHE CB  HB3  sing N N 311 
PHE CG  CD1  doub Y N 312 
PHE CG  CD2  sing Y N 313 
PHE CD1 CE1  sing Y N 314 
PHE CD1 HD1  sing N N 315 
PHE CD2 CE2  doub Y N 316 
PHE CD2 HD2  sing N N 317 
PHE CE1 CZ   doub Y N 318 
PHE CE1 HE1  sing N N 319 
PHE CE2 CZ   sing Y N 320 
PHE CE2 HE2  sing N N 321 
PHE CZ  HZ   sing N N 322 
PHE OXT HXT  sing N N 323 
PRO N   CA   sing N N 324 
PRO N   CD   sing N N 325 
PRO N   H    sing N N 326 
PRO CA  C    sing N N 327 
PRO CA  CB   sing N N 328 
PRO CA  HA   sing N N 329 
PRO C   O    doub N N 330 
PRO C   OXT  sing N N 331 
PRO CB  CG   sing N N 332 
PRO CB  HB2  sing N N 333 
PRO CB  HB3  sing N N 334 
PRO CG  CD   sing N N 335 
PRO CG  HG2  sing N N 336 
PRO CG  HG3  sing N N 337 
PRO CD  HD2  sing N N 338 
PRO CD  HD3  sing N N 339 
PRO OXT HXT  sing N N 340 
SER N   CA   sing N N 341 
SER N   H    sing N N 342 
SER N   H2   sing N N 343 
SER CA  C    sing N N 344 
SER CA  CB   sing N N 345 
SER CA  HA   sing N N 346 
SER C   O    doub N N 347 
SER C   OXT  sing N N 348 
SER CB  OG   sing N N 349 
SER CB  HB2  sing N N 350 
SER CB  HB3  sing N N 351 
SER OG  HG   sing N N 352 
SER OXT HXT  sing N N 353 
THR N   CA   sing N N 354 
THR N   H    sing N N 355 
THR N   H2   sing N N 356 
THR CA  C    sing N N 357 
THR CA  CB   sing N N 358 
THR CA  HA   sing N N 359 
THR C   O    doub N N 360 
THR C   OXT  sing N N 361 
THR CB  OG1  sing N N 362 
THR CB  CG2  sing N N 363 
THR CB  HB   sing N N 364 
THR OG1 HG1  sing N N 365 
THR CG2 HG21 sing N N 366 
THR CG2 HG22 sing N N 367 
THR CG2 HG23 sing N N 368 
THR OXT HXT  sing N N 369 
TRP N   CA   sing N N 370 
TRP N   H    sing N N 371 
TRP N   H2   sing N N 372 
TRP CA  C    sing N N 373 
TRP CA  CB   sing N N 374 
TRP CA  HA   sing N N 375 
TRP C   O    doub N N 376 
TRP C   OXT  sing N N 377 
TRP CB  CG   sing N N 378 
TRP CB  HB2  sing N N 379 
TRP CB  HB3  sing N N 380 
TRP CG  CD1  doub Y N 381 
TRP CG  CD2  sing Y N 382 
TRP CD1 NE1  sing Y N 383 
TRP CD1 HD1  sing N N 384 
TRP CD2 CE2  doub Y N 385 
TRP CD2 CE3  sing Y N 386 
TRP NE1 CE2  sing Y N 387 
TRP NE1 HE1  sing N N 388 
TRP CE2 CZ2  sing Y N 389 
TRP CE3 CZ3  doub Y N 390 
TRP CE3 HE3  sing N N 391 
TRP CZ2 CH2  doub Y N 392 
TRP CZ2 HZ2  sing N N 393 
TRP CZ3 CH2  sing Y N 394 
TRP CZ3 HZ3  sing N N 395 
TRP CH2 HH2  sing N N 396 
TRP OXT HXT  sing N N 397 
TYR N   CA   sing N N 398 
TYR N   H    sing N N 399 
TYR N   H2   sing N N 400 
TYR CA  C    sing N N 401 
TYR CA  CB   sing N N 402 
TYR CA  HA   sing N N 403 
TYR C   O    doub N N 404 
TYR C   OXT  sing N N 405 
TYR CB  CG   sing N N 406 
TYR CB  HB2  sing N N 407 
TYR CB  HB3  sing N N 408 
TYR CG  CD1  doub Y N 409 
TYR CG  CD2  sing Y N 410 
TYR CD1 CE1  sing Y N 411 
TYR CD1 HD1  sing N N 412 
TYR CD2 CE2  doub Y N 413 
TYR CD2 HD2  sing N N 414 
TYR CE1 CZ   doub Y N 415 
TYR CE1 HE1  sing N N 416 
TYR CE2 CZ   sing Y N 417 
TYR CE2 HE2  sing N N 418 
TYR CZ  OH   sing N N 419 
TYR OH  HH   sing N N 420 
TYR OXT HXT  sing N N 421 
VAL N   CA   sing N N 422 
VAL N   H    sing N N 423 
VAL N   H2   sing N N 424 
VAL CA  C    sing N N 425 
VAL CA  CB   sing N N 426 
VAL CA  HA   sing N N 427 
VAL C   O    doub N N 428 
VAL C   OXT  sing N N 429 
VAL CB  CG1  sing N N 430 
VAL CB  CG2  sing N N 431 
VAL CB  HB   sing N N 432 
VAL CG1 HG11 sing N N 433 
VAL CG1 HG12 sing N N 434 
VAL CG1 HG13 sing N N 435 
VAL CG2 HG21 sing N N 436 
VAL CG2 HG22 sing N N 437 
VAL CG2 HG23 sing N N 438 
VAL OXT HXT  sing N N 439 
# 
_atom_sites.entry_id                    6CZU 
_atom_sites.fract_transf_matrix[1][1]   -0.00838211 
_atom_sites.fract_transf_matrix[1][2]   -0.02149221 
_atom_sites.fract_transf_matrix[1][3]   0.00264453 
_atom_sites.fract_transf_matrix[2][1]   0.00341511 
_atom_sites.fract_transf_matrix[2][2]   0.00114156 
_atom_sites.fract_transf_matrix[2][3]   0.02010204 
_atom_sites.fract_transf_matrix[3][1]   -0.01532150 
_atom_sites.fract_transf_matrix[3][2]   0.00625208 
_atom_sites.fract_transf_matrix[3][3]   0.00224791 
_atom_sites.fract_transf_vector[1]      -0.087828 
_atom_sites.fract_transf_vector[2]      -0.107436 
_atom_sites.fract_transf_vector[3]      0.328296 
# 
loop_
_atom_type.symbol 
C 
N 
O 
S 
# 
loop_
_atom_site.group_PDB 
_atom_site.id 
_atom_site.type_symbol 
_atom_site.label_atom_id 
_atom_site.label_alt_id 
_atom_site.label_comp_id 
_atom_site.label_asym_id 
_atom_site.label_entity_id 
_atom_site.label_seq_id 
_atom_site.pdbx_PDB_ins_code 
_atom_site.Cartn_x 
_atom_site.Cartn_y 
_atom_site.Cartn_z 
_atom_site.occupancy 
_atom_site.B_iso_or_equiv 
_atom_site.pdbx_formal_charge 
_atom_site.auth_seq_id 
_atom_site.auth_comp_id 
_atom_site.auth_asym_id 
_atom_site.auth_atom_id 
_atom_site.pdbx_PDB_model_num 
ATOM   1    N N   . SER A 1 1   ? 11.567  21.509  -7.202  1.00 22.40 ? 42  SER A N   1 
ATOM   2    C CA  . SER A 1 1   ? 10.802  20.237  -7.428  1.00 21.92 ? 42  SER A CA  1 
ATOM   3    C C   . SER A 1 1   ? 9.571   20.228  -6.519  1.00 17.74 ? 42  SER A C   1 
ATOM   4    O O   . SER A 1 1   ? 9.548   20.938  -5.465  1.00 18.03 ? 42  SER A O   1 
ATOM   5    C CB  . SER A 1 1   ? 11.720  19.060  -7.120  1.00 26.59 ? 42  SER A CB  1 
ATOM   6    O OG  . SER A 1 1   ? 12.216  19.213  -5.807  1.00 35.42 ? 42  SER A OG  1 
ATOM   7    N N   A MET A 1 2   ? 8.504   19.484  -6.929  0.50 14.30 ? 43  MET A N   1 
ATOM   8    N N   B MET A 1 2   ? 8.562   19.422  -6.913  0.50 17.41 ? 43  MET A N   1 
ATOM   9    C CA  A MET A 1 2   ? 7.253   19.356  -6.132  0.50 12.40 ? 43  MET A CA  1 
ATOM   10   C CA  B MET A 1 2   ? 7.327   19.285  -6.145  0.50 17.25 ? 43  MET A CA  1 
ATOM   11   C C   A MET A 1 2   ? 6.782   17.903  -6.130  0.50 12.07 ? 43  MET A C   1 
ATOM   12   C C   B MET A 1 2   ? 6.795   17.859  -6.134  0.50 14.32 ? 43  MET A C   1 
ATOM   13   O O   A MET A 1 2   ? 6.892   17.205  -7.103  0.50 13.41 ? 43  MET A O   1 
ATOM   14   O O   B MET A 1 2   ? 6.889   17.125  -7.095  0.50 14.97 ? 43  MET A O   1 
ATOM   15   C CB  A MET A 1 2   ? 6.071   20.182  -6.678  0.50 11.66 ? 43  MET A CB  1 
ATOM   16   C CB  B MET A 1 2   ? 6.224   20.159  -6.712  0.50 21.36 ? 43  MET A CB  1 
ATOM   17   C CG  A MET A 1 2   ? 6.317   21.697  -6.675  0.50 9.93  ? 43  MET A CG  1 
ATOM   18   C CG  B MET A 1 2   ? 6.679   21.571  -6.980  0.50 23.41 ? 43  MET A CG  1 
ATOM   19   S SD  A MET A 1 2   ? 5.372   22.540  -7.978  0.50 9.06  ? 43  MET A SD  1 
ATOM   20   S SD  B MET A 1 2   ? 5.453   22.801  -6.555  0.50 31.58 ? 43  MET A SD  1 
ATOM   21   C CE  A MET A 1 2   ? 3.790   22.221  -7.215  0.50 9.71  ? 43  MET A CE  1 
ATOM   22   C CE  B MET A 1 2   ? 4.129   22.376  -7.670  0.50 29.73 ? 43  MET A CE  1 
ATOM   23   N N   . ASN A 1 3   ? 6.154   17.515  -5.034  1.00 12.60 ? 44  ASN A N   1 
ATOM   24   C CA  . ASN A 1 3   ? 5.453   16.209  -4.952  1.00 12.64 ? 44  ASN A CA  1 
ATOM   25   C C   . ASN A 1 3   ? 4.049   16.388  -5.492  1.00 10.55 ? 44  ASN A C   1 
ATOM   26   O O   . ASN A 1 3   ? 3.483   17.433  -5.395  1.00 11.96 ? 44  ASN A O   1 
ATOM   27   C CB  . ASN A 1 3   ? 5.379   15.758  -3.532  1.00 14.25 ? 44  ASN A CB  1 
ATOM   28   C CG  . ASN A 1 3   ? 6.742   15.331  -2.998  1.00 13.03 ? 44  ASN A CG  1 
ATOM   29   O OD1 . ASN A 1 3   ? 7.495   14.622  -3.652  1.00 15.77 ? 44  ASN A OD1 1 
ATOM   30   N ND2 . ASN A 1 3   ? 7.028   15.814  -1.807  1.00 16.12 ? 44  ASN A ND2 1 
ATOM   31   N N   . PRO A 1 4   ? 3.430   15.319  -5.987  1.00 11.22 ? 45  PRO A N   1 
ATOM   32   C CA  . PRO A 1 4   ? 2.021   15.392  -6.322  1.00 11.43 ? 45  PRO A CA  1 
ATOM   33   C C   . PRO A 1 4   ? 1.176   15.393  -5.092  1.00 12.51 ? 45  PRO A C   1 
ATOM   34   O O   . PRO A 1 4   ? 1.617   14.943  -4.044  1.00 13.00 ? 45  PRO A O   1 
ATOM   35   C CB  . PRO A 1 4   ? 1.787   14.063  -7.080  1.00 11.76 ? 45  PRO A CB  1 
ATOM   36   C CG  . PRO A 1 4   ? 2.850   13.144  -6.476  1.00 11.65 ? 45  PRO A CG  1 
ATOM   37   C CD  . PRO A 1 4   ? 4.030   13.985  -6.230  1.00 10.72 ? 45  PRO A CD  1 
ATOM   38   N N   . PRO A 1 5   ? -0.093  15.737  -5.206  1.00 11.26 ? 46  PRO A N   1 
ATOM   39   C CA  . PRO A 1 5   ? -1.023  15.440  -4.069  1.00 11.58 ? 46  PRO A CA  1 
ATOM   40   C C   . PRO A 1 5   ? -1.042  13.952  -3.837  1.00 11.01 ? 46  PRO A C   1 
ATOM   41   O O   . PRO A 1 5   ? -0.952  13.184  -4.780  1.00 12.54 ? 46  PRO A O   1 
ATOM   42   C CB  . PRO A 1 5   ? -2.392  15.893  -4.619  1.00 14.00 ? 46  PRO A CB  1 
ATOM   43   C CG  . PRO A 1 5   ? -2.223  16.025  -6.086  1.00 16.31 ? 46  PRO A CG  1 
ATOM   44   C CD  . PRO A 1 5   ? -0.775  16.223  -6.428  1.00 12.43 ? 46  PRO A CD  1 
ATOM   45   N N   . PRO A 1 6   ? -1.176  13.556  -2.569  1.00 11.81 ? 47  PRO A N   1 
ATOM   46   C CA  . PRO A 1 6   ? -1.164  12.125  -2.292  1.00 11.33 ? 47  PRO A CA  1 
ATOM   47   C C   . PRO A 1 6   ? -2.444  11.470  -2.731  1.00 11.70 ? 47  PRO A C   1 
ATOM   48   O O   . PRO A 1 6   ? -3.461  12.150  -3.072  1.00 12.20 ? 47  PRO A O   1 
ATOM   49   C CB  . PRO A 1 6   ? -1.062  12.112  -0.789  1.00 12.76 ? 47  PRO A CB  1 
ATOM   50   C CG  . PRO A 1 6   ? -1.743  13.349  -0.349  1.00 15.13 ? 47  PRO A CG  1 
ATOM   51   C CD  . PRO A 1 6   ? -1.385  14.358  -1.392  1.00 15.16 ? 47  PRO A CD  1 
ATOM   52   N N   . PRO A 1 7   ? -2.486  10.137  -2.821  1.00 9.93  ? 48  PRO A N   1 
ATOM   53   C CA  . PRO A 1 7   ? -3.720  9.499   -3.209  1.00 10.08 ? 48  PRO A CA  1 
ATOM   54   C C   . PRO A 1 7   ? -4.813  9.752   -2.169  1.00 10.01 ? 48  PRO A C   1 
ATOM   55   O O   . PRO A 1 7   ? -4.516  9.860   -0.991  1.00 11.04 ? 48  PRO A O   1 
ATOM   56   C CB  . PRO A 1 7   ? -3.355  7.986   -3.189  1.00 10.89 ? 48  PRO A CB  1 
ATOM   57   C CG  . PRO A 1 7   ? -1.863  7.971   -3.283  1.00 11.71 ? 48  PRO A CG  1 
ATOM   58   C CD  . PRO A 1 7   ? -1.410  9.141   -2.517  1.00 11.19 ? 48  PRO A CD  1 
ATOM   59   N N   . GLU A 1 8   ? -6.063  9.905   -2.615  1.00 9.87  ? 49  GLU A N   1 
ATOM   60   C CA  . GLU A 1 8   ? -7.103  10.214  -1.682  1.00 9.61  ? 49  GLU A CA  1 
ATOM   61   C C   . GLU A 1 8   ? -7.267  9.104   -0.650  1.00 9.43  ? 49  GLU A C   1 
ATOM   62   O O   . GLU A 1 8   ? -7.074  7.909   -1.005  1.00 10.92 ? 49  GLU A O   1 
ATOM   63   C CB  . GLU A 1 8   ? -8.432  10.470  -2.437  1.00 11.65 ? 49  GLU A CB  1 
ATOM   64   C CG  . GLU A 1 8   ? -9.005  9.284   -3.107  1.00 12.81 ? 49  GLU A CG  1 
ATOM   65   C CD  . GLU A 1 8   ? -10.292 9.612   -3.905  1.00 14.39 ? 49  GLU A CD  1 
ATOM   66   O OE1 . GLU A 1 8   ? -11.141 8.725   -3.950  1.00 15.58 ? 49  GLU A OE1 1 
ATOM   67   O OE2 . GLU A 1 8   ? -10.497 10.754  -4.355  1.00 16.68 ? 49  GLU A OE2 1 
ATOM   68   N N   . THR A 1 9   ? -7.654  9.423   0.561   1.00 9.67  ? 50  THR A N   1 
ATOM   69   C CA  . THR A 1 9   ? -7.960  8.448   1.586   1.00 9.59  ? 50  THR A CA  1 
ATOM   70   C C   . THR A 1 9   ? -9.411  8.531   2.049   1.00 10.45 ? 50  THR A C   1 
ATOM   71   O O   . THR A 1 9   ? -9.798  7.761   2.904   1.00 10.93 ? 50  THR A O   1 
ATOM   72   C CB  . THR A 1 9   ? -7.010  8.571   2.798   1.00 11.11 ? 50  THR A CB  1 
ATOM   73   O OG1 . THR A 1 9   ? -7.215  9.881   3.334   1.00 13.84 ? 50  THR A OG1 1 
ATOM   74   C CG2 . THR A 1 9   ? -5.558  8.381   2.448   1.00 11.94 ? 50  THR A CG2 1 
ATOM   75   N N   . SER A 1 10  ? -10.195 9.404   1.424   1.00 10.62 ? 51  SER A N   1 
ATOM   76   C CA  . SER A 1 10  ? -11.588 9.597   1.738   1.00 11.71 ? 51  SER A CA  1 
ATOM   77   C C   . SER A 1 10  ? -12.204 10.182  0.478   1.00 11.40 ? 51  SER A C   1 
ATOM   78   O O   . SER A 1 10  ? -11.511 10.780  -0.335  1.00 12.04 ? 51  SER A O   1 
ATOM   79   C CB  . SER A 1 10  ? -11.859 10.550  2.926   1.00 13.52 ? 51  SER A CB  1 
ATOM   80   O OG  . SER A 1 10  ? -11.293 11.796  2.604   1.00 16.03 ? 51  SER A OG  1 
ATOM   81   N N   . ASN A 1 11  ? -13.505 9.972   0.304   1.00 11.92 ? 52  ASN A N   1 
ATOM   82   C CA  . ASN A 1 11  ? -14.234 10.527  -0.850  1.00 12.43 ? 52  ASN A CA  1 
ATOM   83   C C   . ASN A 1 11  ? -15.723 10.568  -0.423  1.00 13.12 ? 52  ASN A C   1 
ATOM   84   O O   . ASN A 1 11  ? -16.297 9.500   -0.134  1.00 14.23 ? 52  ASN A O   1 
ATOM   85   C CB  . ASN A 1 11  ? -14.025 9.602   -2.025  1.00 12.99 ? 52  ASN A CB  1 
ATOM   86   C CG  . ASN A 1 11  ? -14.703 10.046  -3.310  1.00 13.59 ? 52  ASN A CG  1 
ATOM   87   O OD1 . ASN A 1 11  ? -15.741 10.700  -3.262  1.00 15.78 ? 52  ASN A OD1 1 
ATOM   88   N ND2 . ASN A 1 11  ? -14.131 9.652   -4.460  1.00 16.14 ? 52  ASN A ND2 1 
ATOM   89   N N   . PRO A 1 12  ? -16.319 11.769  -0.407  1.00 15.09 ? 53  PRO A N   1 
ATOM   90   C CA  . PRO A 1 12  ? -17.644 11.885  0.097   1.00 16.77 ? 53  PRO A CA  1 
ATOM   91   C C   . PRO A 1 12  ? -18.741 11.069  -0.695  1.00 16.96 ? 53  PRO A C   1 
ATOM   92   O O   . PRO A 1 12  ? -19.766 10.696  -0.089  1.00 19.77 ? 53  PRO A O   1 
ATOM   93   C CB  . PRO A 1 12  ? -17.852 13.435  -0.076  1.00 17.85 ? 53  PRO A CB  1 
ATOM   94   C CG  . PRO A 1 12  ? -17.073 13.867  -1.171  1.00 17.50 ? 53  PRO A CG  1 
ATOM   95   C CD  . PRO A 1 12  ? -15.817 13.017  -0.981  1.00 17.42 ? 53  PRO A CD  1 
ATOM   96   N N   . ASN A 1 13  ? -18.439 10.730  -1.931  1.00 13.68 ? 54  ASN A N   1 
ATOM   97   C CA  . ASN A 1 13  ? -19.418 10.082  -2.784  1.00 15.38 ? 54  ASN A CA  1 
ATOM   98   C C   . ASN A 1 13  ? -19.178 8.633   -2.995  1.00 16.66 ? 54  ASN A C   1 
ATOM   99   O O   . ASN A 1 13  ? -20.020 7.934   -3.566  1.00 15.36 ? 54  ASN A O   1 
ATOM   100  C CB  . ASN A 1 13  ? -19.434 10.816  -4.097  1.00 15.87 ? 54  ASN A CB  1 
ATOM   101  C CG  . ASN A 1 13  ? -20.022 12.217  -3.943  1.00 17.52 ? 54  ASN A CG  1 
ATOM   102  O OD1 . ASN A 1 13  ? -21.171 12.344  -3.500  1.00 20.49 ? 54  ASN A OD1 1 
ATOM   103  N ND2 . ASN A 1 13  ? -19.257 13.230  -4.220  1.00 17.84 ? 54  ASN A ND2 1 
ATOM   104  N N   . LYS A 1 14  ? -18.076 8.134   -2.466  1.00 12.45 ? 55  LYS A N   1 
ATOM   105  C CA  . LYS A 1 14  ? -17.709 6.704   -2.735  1.00 11.05 ? 55  LYS A CA  1 
ATOM   106  C C   . LYS A 1 14  ? -18.349 5.846   -1.673  1.00 10.38 ? 55  LYS A C   1 
ATOM   107  O O   . LYS A 1 14  ? -18.068 5.969   -0.468  1.00 11.38 ? 55  LYS A O   1 
ATOM   108  C CB  . LYS A 1 14  ? -16.197 6.547   -2.670  1.00 11.18 ? 55  LYS A CB  1 
ATOM   109  C CG  . LYS A 1 14  ? -15.696 5.167   -3.003  1.00 10.03 ? 55  LYS A CG  1 
ATOM   110  C CD  . LYS A 1 14  ? -14.207 4.996   -2.922  1.00 10.63 ? 55  LYS A CD  1 
ATOM   111  C CE  . LYS A 1 14  ? -13.684 3.675   -3.432  1.00 10.62 ? 55  LYS A CE  1 
ATOM   112  N NZ  . LYS A 1 14  ? -14.153 2.515   -2.624  1.00 10.39 ? 55  LYS A NZ  1 
ATOM   113  N N   . PRO A 1 15  ? -19.180 4.846   -2.080  1.00 10.95 ? 56  PRO A N   1 
ATOM   114  C CA  . PRO A 1 15  ? -19.836 3.974   -1.086  1.00 11.22 ? 56  PRO A CA  1 
ATOM   115  C C   . PRO A 1 15  ? -18.806 3.238   -0.218  1.00 9.94  ? 56  PRO A C   1 
ATOM   116  O O   . PRO A 1 15  ? -17.728 2.827   -0.756  1.00 11.39 ? 56  PRO A O   1 
ATOM   117  C CB  . PRO A 1 15  ? -20.645 2.999   -1.960  1.00 13.09 ? 56  PRO A CB  1 
ATOM   118  C CG  . PRO A 1 15  ? -20.869 3.708   -3.175  1.00 13.52 ? 56  PRO A CG  1 
ATOM   119  C CD  . PRO A 1 15  ? -19.691 4.608   -3.450  1.00 10.70 ? 56  PRO A CD  1 
ATOM   120  N N   . LYS A 1 16  ? -19.169 3.010   1.022   1.00 12.14 ? 57  LYS A N   1 
ATOM   121  C CA  . LYS A 1 16  ? -18.223 2.495   2.040   1.00 13.29 ? 57  LYS A CA  1 
ATOM   122  C C   . LYS A 1 16  ? -18.771 1.201   2.565   1.00 11.64 ? 57  LYS A C   1 
ATOM   123  O O   . LYS A 1 16  ? -19.982 1.066   2.757   1.00 13.57 ? 57  LYS A O   1 
ATOM   124  C CB  . LYS A 1 16  ? -18.198 3.503   3.287   1.00 14.04 ? 57  LYS A CB  1 
ATOM   125  C CG  . LYS A 1 16  ? -17.709 4.892   3.033   1.00 16.40 ? 57  LYS A CG  1 
ATOM   126  C CD  . LYS A 1 16  ? -18.034 5.826   4.180   1.00 18.65 ? 57  LYS A CD  1 
ATOM   127  C CE  . LYS A 1 16  ? -17.167 5.591   5.349   1.00 22.82 ? 57  LYS A CE  1 
ATOM   128  N NZ  . LYS A 1 16  ? -17.719 6.495   6.458   1.00 24.58 ? 57  LYS A NZ  1 
ATOM   129  N N   . ARG A 1 17  ? -17.900 0.250   2.919   1.00 11.21 ? 58  ARG A N   1 
ATOM   130  C CA  . ARG A 1 17  ? -18.332 -0.959  3.527   1.00 12.51 ? 58  ARG A CA  1 
ATOM   131  C C   . ARG A 1 17  ? -17.286 -1.508  4.444   1.00 15.88 ? 58  ARG A C   1 
ATOM   132  O O   . ARG A 1 17  ? -16.124 -1.349  4.186   1.00 19.17 ? 58  ARG A O   1 
ATOM   133  C CB  . ARG A 1 17  ? -18.739 -1.982  2.355   1.00 14.25 ? 58  ARG A CB  1 
ATOM   134  C CG  . ARG A 1 17  ? -19.420 -3.134  2.856   1.00 13.96 ? 58  ARG A CG  1 
ATOM   135  C CD  . ARG A 1 17  ? -20.056 -3.939  1.728   1.00 12.80 ? 58  ARG A CD  1 
ATOM   136  N NE  . ARG A 1 17  ? -19.038 -4.474  0.858   1.00 11.53 ? 58  ARG A NE  1 
ATOM   137  C CZ  . ARG A 1 17  ? -19.142 -5.579  0.163   1.00 12.25 ? 58  ARG A CZ  1 
ATOM   138  N NH1 . ARG A 1 17  ? -20.243 -6.259  0.115   1.00 13.93 ? 58  ARG A NH1 1 
ATOM   139  N NH2 . ARG A 1 17  ? -18.081 -6.009  -0.573  1.00 13.01 ? 58  ARG A NH2 1 
ATOM   140  N N   A GLN A 1 18  ? -17.697 -2.164  5.506   0.50 15.15 ? 59  GLN A N   1 
ATOM   141  N N   B GLN A 1 18  ? -17.738 -2.084  5.546   0.50 13.91 ? 59  GLN A N   1 
ATOM   142  C CA  A GLN A 1 18  ? -16.802 -2.961  6.291   0.50 16.88 ? 59  GLN A CA  1 
ATOM   143  C CA  B GLN A 1 18  ? -17.004 -3.002  6.386   0.50 14.72 ? 59  GLN A CA  1 
ATOM   144  C C   A GLN A 1 18  ? -17.158 -4.424  6.165   0.50 15.20 ? 59  GLN A C   1 
ATOM   145  C C   B GLN A 1 18  ? -17.283 -4.426  5.924   0.50 14.12 ? 59  GLN A C   1 
ATOM   146  O O   A GLN A 1 18  ? -18.288 -4.848  6.406   0.50 19.93 ? 59  GLN A O   1 
ATOM   147  O O   B GLN A 1 18  ? -18.449 -4.808  5.680   0.50 13.38 ? 59  GLN A O   1 
ATOM   148  C CB  A GLN A 1 18  ? -16.915 -2.518  7.717   0.50 19.54 ? 59  GLN A CB  1 
ATOM   149  C CB  B GLN A 1 18  ? -17.509 -2.781  7.831   0.50 15.11 ? 59  GLN A CB  1 
ATOM   150  C CG  A GLN A 1 18  ? -15.631 -1.926  8.148   0.50 22.04 ? 59  GLN A CG  1 
ATOM   151  C CG  B GLN A 1 18  ? -16.883 -1.522  8.429   0.50 16.43 ? 59  GLN A CG  1 
ATOM   152  C CD  A GLN A 1 18  ? -14.684 -2.984  8.572   0.50 20.57 ? 59  GLN A CD  1 
ATOM   153  C CD  B GLN A 1 18  ? -17.145 -1.370  9.905   0.50 18.23 ? 59  GLN A CD  1 
ATOM   154  O OE1 A GLN A 1 18  ? -14.530 -3.262  9.783   0.50 24.99 ? 59  GLN A OE1 1 
ATOM   155  O OE1 B GLN A 1 18  ? -18.012 -0.579  10.278  0.50 23.00 ? 59  GLN A OE1 1 
ATOM   156  N NE2 A GLN A 1 18  ? -14.112 -3.673  7.593   0.50 16.71 ? 59  GLN A NE2 1 
ATOM   157  N NE2 B GLN A 1 18  ? -16.442 -2.148  10.751  0.50 21.43 ? 59  GLN A NE2 1 
ATOM   158  N N   . THR A 1 19  ? -16.244 -5.156  5.590   1.00 13.18 ? 60  THR A N   1 
ATOM   159  C CA  . THR A 1 19  ? -16.400 -6.582  5.371   1.00 12.77 ? 60  THR A CA  1 
ATOM   160  C C   . THR A 1 19  ? -15.520 -7.412  6.283   1.00 11.19 ? 60  THR A C   1 
ATOM   161  O O   . THR A 1 19  ? -14.536 -6.868  6.866   1.00 11.71 ? 60  THR A O   1 
ATOM   162  C CB  . THR A 1 19  ? -16.149 -7.003  3.963   1.00 13.57 ? 60  THR A CB  1 
ATOM   163  O OG1 . THR A 1 19  ? -14.769 -6.961  3.635   1.00 11.98 ? 60  THR A OG1 1 
ATOM   164  C CG2 . THR A 1 19  ? -16.953 -6.172  2.963   1.00 13.82 ? 60  THR A CG2 1 
ATOM   165  N N   . ASN A 1 20  ? -15.843 -8.684  6.492   1.00 10.90 ? 61  ASN A N   1 
ATOM   166  C CA  . ASN A 1 20  ? -14.965 -9.534  7.246   1.00 12.59 ? 61  ASN A CA  1 
ATOM   167  C C   . ASN A 1 20  ? -13.544 -9.472  6.715   1.00 13.41 ? 61  ASN A C   1 
ATOM   168  O O   . ASN A 1 20  ? -12.533 -9.454  7.497   1.00 13.77 ? 61  ASN A O   1 
ATOM   169  C CB  . ASN A 1 20  ? -15.484 -10.956 7.345   1.00 12.70 ? 61  ASN A CB  1 
ATOM   170  C CG  . ASN A 1 20  ? -15.645 -11.628 5.994   1.00 14.01 ? 61  ASN A CG  1 
ATOM   171  O OD1 . ASN A 1 20  ? -15.730 -10.973 4.947   1.00 12.70 ? 61  ASN A OD1 1 
ATOM   172  N ND2 . ASN A 1 20  ? -15.684 -12.938 5.988   1.00 17.02 ? 61  ASN A ND2 1 
ATOM   173  N N   . GLN A 1 21  ? -13.371 -9.490  5.410   1.00 12.33 ? 62  GLN A N   1 
ATOM   174  C CA  . GLN A 1 21  ? -12.029 -9.458  4.826   1.00 10.27 ? 62  GLN A CA  1 
ATOM   175  C C   . GLN A 1 21  ? -11.356 -8.164  5.033   1.00 10.06 ? 62  GLN A C   1 
ATOM   176  O O   . GLN A 1 21  ? -10.120 -8.145  5.252   1.00 10.46 ? 62  GLN A O   1 
ATOM   177  C CB  . GLN A 1 21  ? -12.068 -9.815  3.312   1.00 11.00 ? 62  GLN A CB  1 
ATOM   178  C CG  . GLN A 1 21  ? -12.532 -11.254 3.029   1.00 12.24 ? 62  GLN A CG  1 
ATOM   179  C CD  . GLN A 1 21  ? -12.490 -11.602 1.589   1.00 15.18 ? 62  GLN A CD  1 
ATOM   180  O OE1 . GLN A 1 21  ? -12.387 -10.727 0.740   1.00 15.41 ? 62  GLN A OE1 1 
ATOM   181  N NE2 . GLN A 1 21  ? -12.506 -12.882 1.281   1.00 14.67 ? 62  GLN A NE2 1 
ATOM   182  N N   . LEU A 1 22  ? -12.042 -7.068  4.858   1.00 10.25 ? 63  LEU A N   1 
ATOM   183  C CA  . LEU A 1 22  ? -11.436 -5.741  5.121   1.00 10.11 ? 63  LEU A CA  1 
ATOM   184  C C   . LEU A 1 22  ? -11.023 -5.598  6.576   1.00 12.83 ? 63  LEU A C   1 
ATOM   185  O O   . LEU A 1 22  ? -9.949  -5.050  6.856   1.00 11.81 ? 63  LEU A O   1 
ATOM   186  C CB  . LEU A 1 22  ? -12.372 -4.619  4.711   1.00 10.08 ? 63  LEU A CB  1 
ATOM   187  C CG  . LEU A 1 22  ? -12.374 -4.334  3.168   1.00 10.47 ? 63  LEU A CG  1 
ATOM   188  C CD1 . LEU A 1 22  ? -13.633 -3.571  2.815   1.00 11.19 ? 63  LEU A CD1 1 
ATOM   189  C CD2 . LEU A 1 22  ? -11.144 -3.617  2.656   1.00 10.75 ? 63  LEU A CD2 1 
ATOM   190  N N   . GLN A 1 23  ? -11.832 -6.136  7.476   1.00 12.35 ? 64  GLN A N   1 
ATOM   191  C CA  . GLN A 1 23  ? -11.451 -6.111  8.867   1.00 13.52 ? 64  GLN A CA  1 
ATOM   192  C C   . GLN A 1 23  ? -10.229 -6.940  9.094   1.00 13.74 ? 64  GLN A C   1 
ATOM   193  O O   . GLN A 1 23  ? -9.298  -6.478  9.858   1.00 14.97 ? 64  GLN A O   1 
ATOM   194  C CB  . GLN A 1 23  ? -12.603 -6.566  9.697   1.00 14.97 ? 64  GLN A CB  1 
ATOM   195  C CG  . GLN A 1 23  ? -12.346 -6.373  11.185  1.00 19.17 ? 64  GLN A CG  1 
ATOM   196  C CD  . GLN A 1 23  ? -13.555 -6.761  12.002  1.00 25.84 ? 64  GLN A CD  1 
ATOM   197  O OE1 . GLN A 1 23  ? -14.483 -5.979  12.165  1.00 32.29 ? 64  GLN A OE1 1 
ATOM   198  N NE2 . GLN A 1 23  ? -13.557 -7.976  12.480  1.00 27.35 ? 64  GLN A NE2 1 
ATOM   199  N N   A TYR A 1 24  ? -10.054 -8.114  8.488   0.50 12.88 ? 65  TYR A N   1 
ATOM   200  N N   B TYR A 1 24  ? -10.132 -8.087  8.488   0.50 13.03 ? 65  TYR A N   1 
ATOM   201  C CA  A TYR A 1 24  ? -8.785  -8.919  8.580   0.50 13.65 ? 65  TYR A CA  1 
ATOM   202  C CA  B TYR A 1 24  ? -8.964  -8.867  8.617   0.50 13.83 ? 65  TYR A CA  1 
ATOM   203  C C   A TYR A 1 24  ? -7.577  -8.252  7.960   0.50 13.08 ? 65  TYR A C   1 
ATOM   204  C C   B TYR A 1 24  ? -7.711  -8.124  8.089   0.50 12.87 ? 65  TYR A C   1 
ATOM   205  O O   A TYR A 1 24  ? -6.404  -8.442  8.369   0.50 11.36 ? 65  TYR A O   1 
ATOM   206  O O   B TYR A 1 24  ? -6.675  -8.042  8.781   0.50 11.89 ? 65  TYR A O   1 
ATOM   207  C CB  A TYR A 1 24  ? -8.995  -10.264 7.893   0.50 14.20 ? 65  TYR A CB  1 
ATOM   208  C CB  B TYR A 1 24  ? -9.239  -10.191 7.929   0.50 14.00 ? 65  TYR A CB  1 
ATOM   209  C CG  A TYR A 1 24  ? -7.765  -11.203 7.839   0.50 14.62 ? 65  TYR A CG  1 
ATOM   210  C CG  B TYR A 1 24  ? -8.326  -11.235 8.452   0.50 15.20 ? 65  TYR A CG  1 
ATOM   211  C CD1 A TYR A 1 24  ? -6.876  -11.151 6.807   0.50 15.28 ? 65  TYR A CD1 1 
ATOM   212  C CD1 B TYR A 1 24  ? -8.670  -12.018 9.564   0.50 15.77 ? 65  TYR A CD1 1 
ATOM   213  C CD2 A TYR A 1 24  ? -7.557  -12.154 8.806   0.50 15.86 ? 65  TYR A CD2 1 
ATOM   214  C CD2 B TYR A 1 24  ? -7.109  -11.439 7.817   0.50 15.03 ? 65  TYR A CD2 1 
ATOM   215  C CE1 A TYR A 1 24  ? -5.778  -11.955 6.742   0.50 16.67 ? 65  TYR A CE1 1 
ATOM   216  C CE1 B TYR A 1 24  ? -7.789  -13.012 10.018  0.50 18.07 ? 65  TYR A CE1 1 
ATOM   217  C CE2 A TYR A 1 24  ? -6.480  -13.016 8.735   0.50 15.99 ? 65  TYR A CE2 1 
ATOM   218  C CE2 B TYR A 1 24  ? -6.199  -12.369 8.296   0.50 17.53 ? 65  TYR A CE2 1 
ATOM   219  C CZ  A TYR A 1 24  ? -5.570  -12.885 7.695   0.50 16.65 ? 65  TYR A CZ  1 
ATOM   220  C CZ  B TYR A 1 24  ? -6.541  -13.155 9.367   0.50 17.92 ? 65  TYR A CZ  1 
ATOM   221  O OH  A TYR A 1 24  ? -4.476  -13.714 7.557   0.50 18.11 ? 65  TYR A OH  1 
ATOM   222  O OH  B TYR A 1 24  ? -5.580  -14.079 9.760   0.50 19.20 ? 65  TYR A OH  1 
ATOM   223  N N   . LEU A 1 25  ? -7.813  -7.472  6.915   1.00 12.72 ? 66  LEU A N   1 
ATOM   224  C CA  . LEU A 1 25  ? -6.720  -6.688  6.321   1.00 12.57 ? 66  LEU A CA  1 
ATOM   225  C C   . LEU A 1 25  ? -6.231  -5.673  7.290   1.00 13.61 ? 66  LEU A C   1 
ATOM   226  O O   . LEU A 1 25  ? -5.004  -5.482  7.323   1.00 15.01 ? 66  LEU A O   1 
ATOM   227  C CB  . LEU A 1 25  ? -7.127  -6.051  5.014   1.00 13.10 ? 66  LEU A CB  1 
ATOM   228  C CG  . LEU A 1 25  ? -7.204  -7.002  3.850   1.00 14.49 ? 66  LEU A CG  1 
ATOM   229  C CD1 . LEU A 1 25  ? -7.940  -6.417  2.642   1.00 14.72 ? 66  LEU A CD1 1 
ATOM   230  C CD2 . LEU A 1 25  ? -5.833  -7.396  3.408   1.00 18.11 ? 66  LEU A CD2 1 
ATOM   231  N N   . LEU A 1 26  ? -7.118  -4.999  8.016   1.00 11.86 ? 67  LEU A N   1 
ATOM   232  C CA  . LEU A 1 26  ? -6.680  -3.984  8.976   1.00 12.95 ? 67  LEU A CA  1 
ATOM   233  C C   . LEU A 1 26  ? -6.050  -4.603  10.225  1.00 15.25 ? 67  LEU A C   1 
ATOM   234  O O   . LEU A 1 26  ? -4.913  -4.206  10.617  1.00 20.12 ? 67  LEU A O   1 
ATOM   235  C CB  . LEU A 1 26  ? -7.804  -3.089  9.281   1.00 14.25 ? 67  LEU A CB  1 
ATOM   236  C CG  . LEU A 1 26  ? -7.521  -1.949  10.276  1.00 17.62 ? 67  LEU A CG  1 
ATOM   237  C CD1 . LEU A 1 26  ? -6.371  -1.082  9.817   1.00 17.11 ? 67  LEU A CD1 1 
ATOM   238  C CD2 . LEU A 1 26  ? -8.741  -1.162  10.608  1.00 18.94 ? 67  LEU A CD2 1 
ATOM   239  N N   . ARG A 1 27  ? -6.792  -5.521  10.803  1.00 14.73 ? 68  ARG A N   1 
ATOM   240  C CA  . ARG A 1 27  ? -6.397  -6.064  12.147  1.00 17.58 ? 68  ARG A CA  1 
ATOM   241  C C   . ARG A 1 27  ? -5.197  -7.018  12.043  1.00 18.80 ? 68  ARG A C   1 
ATOM   242  O O   . ARG A 1 27  ? -4.365  -7.097  13.009  1.00 23.53 ? 68  ARG A O   1 
ATOM   243  C CB  . ARG A 1 27  ? -7.582  -6.735  12.765  1.00 19.76 ? 68  ARG A CB  1 
ATOM   244  C CG  . ARG A 1 27  ? -8.662  -5.788  13.163  1.00 20.77 ? 68  ARG A CG  1 
ATOM   245  C CD  . ARG A 1 27  ? -9.696  -6.525  13.972  1.00 24.00 ? 68  ARG A CD  1 
ATOM   246  N NE  . ARG A 1 27  ? -10.810 -5.734  14.345  1.00 24.25 ? 68  ARG A NE  1 
ATOM   247  C CZ  . ARG A 1 27  ? -11.819 -6.166  15.119  1.00 26.62 ? 68  ARG A CZ  1 
ATOM   248  N NH1 . ARG A 1 27  ? -11.818 -7.402  15.590  1.00 26.73 ? 68  ARG A NH1 1 
ATOM   249  N NH2 . ARG A 1 27  ? -12.800 -5.362  15.415  1.00 29.57 ? 68  ARG A NH2 1 
ATOM   250  N N   . VAL A 1 28  ? -5.001  -7.755  10.968  1.00 16.64 ? 69  VAL A N   1 
ATOM   251  C CA  . VAL A 1 28  ? -3.929  -8.721  10.820  1.00 16.58 ? 69  VAL A CA  1 
ATOM   252  C C   . VAL A 1 28  ? -2.865  -8.433  9.789   1.00 18.32 ? 69  VAL A C   1 
ATOM   253  O O   . VAL A 1 28  ? -1.626  -8.405  10.064  1.00 19.83 ? 69  VAL A O   1 
ATOM   254  C CB  . VAL A 1 28  ? -4.550  -10.107 10.603  1.00 19.36 ? 69  VAL A CB  1 
ATOM   255  C CG1 . VAL A 1 28  ? -3.555  -11.230 10.413  1.00 20.98 ? 69  VAL A CG1 1 
ATOM   256  C CG2 . VAL A 1 28  ? -5.490  -10.417 11.733  1.00 20.47 ? 69  VAL A CG2 1 
ATOM   257  N N   . VAL A 1 29  ? -3.283  -8.211  8.555   1.00 14.92 ? 70  VAL A N   1 
ATOM   258  C CA  . VAL A 1 29  ? -2.346  -8.153  7.468   1.00 17.12 ? 70  VAL A CA  1 
ATOM   259  C C   . VAL A 1 29  ? -1.533  -6.858  7.608   1.00 18.50 ? 70  VAL A C   1 
ATOM   260  O O   . VAL A 1 29  ? -0.310  -6.818  7.599   1.00 16.06 ? 70  VAL A O   1 
ATOM   261  C CB  . VAL A 1 29  ? -2.956  -8.253  6.056   1.00 16.24 ? 70  VAL A CB  1 
ATOM   262  C CG1 . VAL A 1 29  ? -1.913  -8.075  4.951   1.00 17.59 ? 70  VAL A CG1 1 
ATOM   263  C CG2 . VAL A 1 29  ? -3.695  -9.614  5.947   1.00 17.93 ? 70  VAL A CG2 1 
ATOM   264  N N   . LEU A 1 30  ? -2.209  -5.731  7.591   1.00 17.39 ? 71  LEU A N   1 
ATOM   265  C CA  . LEU A 1 30  ? -1.545  -4.449  7.778   1.00 17.88 ? 71  LEU A CA  1 
ATOM   266  C C   . LEU A 1 30  ? -0.824  -4.370  9.133   1.00 16.93 ? 71  LEU A C   1 
ATOM   267  O O   . LEU A 1 30  ? 0.313   -3.845  9.116   1.00 16.65 ? 71  LEU A O   1 
ATOM   268  C CB  . LEU A 1 30  ? -2.543  -3.269  7.685   1.00 18.56 ? 71  LEU A CB  1 
ATOM   269  C CG  . LEU A 1 30  ? -1.884  -1.874  7.910   1.00 20.59 ? 71  LEU A CG  1 
ATOM   270  C CD1 . LEU A 1 30  ? -1.094  -1.551  6.713   1.00 19.63 ? 71  LEU A CD1 1 
ATOM   271  C CD2 . LEU A 1 30  ? -2.963  -0.860  8.236   1.00 25.49 ? 71  LEU A CD2 1 
ATOM   272  N N   . LYS A 1 31  ? -1.336  -4.938  10.184  1.00 17.07 ? 72  LYS A N   1 
ATOM   273  C CA  . LYS A 1 31  ? -0.642  -4.934  11.499  1.00 20.31 ? 72  LYS A CA  1 
ATOM   274  C C   . LYS A 1 31  ? 0.740   -5.559  11.382  1.00 19.76 ? 72  LYS A C   1 
ATOM   275  O O   . LYS A 1 31  ? 1.768   -4.980  11.864  1.00 19.54 ? 72  LYS A O   1 
ATOM   276  C CB  . LYS A 1 31  ? -1.452  -5.753  12.485  1.00 25.81 ? 72  LYS A CB  1 
ATOM   277  C CG  . LYS A 1 31  ? -1.178  -5.500  13.949  1.00 31.62 ? 72  LYS A CG  1 
ATOM   278  C CD  . LYS A 1 31  ? -1.781  -4.183  14.418  1.00 33.69 ? 72  LYS A CD  1 
ATOM   279  C CE  . LYS A 1 31  ? -3.289  -4.156  14.540  1.00 36.03 ? 72  LYS A CE  1 
ATOM   280  N NZ  . LYS A 1 31  ? -3.653  -2.757  14.917  1.00 36.15 ? 72  LYS A NZ  1 
ATOM   281  N N   . THR A 1 32  ? 0.814   -6.721  10.787  1.00 15.23 ? 73  THR A N   1 
ATOM   282  C CA  . THR A 1 32  ? 2.038   -7.452  10.525  1.00 15.67 ? 73  THR A CA  1 
ATOM   283  C C   . THR A 1 32  ? 2.942   -6.622  9.671   1.00 15.53 ? 73  THR A C   1 
ATOM   284  O O   . THR A 1 32  ? 4.138   -6.406  9.958   1.00 18.40 ? 73  THR A O   1 
ATOM   285  C CB  . THR A 1 32  ? 1.755   -8.754  9.806   1.00 16.47 ? 73  THR A CB  1 
ATOM   286  O OG1 . THR A 1 32  ? 0.999   -9.604  10.699  1.00 22.16 ? 73  THR A OG1 1 
ATOM   287  C CG2 . THR A 1 32  ? 2.966   -9.485  9.294   1.00 16.51 ? 73  THR A CG2 1 
ATOM   288  N N   . LEU A 1 33  ? 2.449   -6.066  8.585   1.00 13.36 ? 74  LEU A N   1 
ATOM   289  C CA  A LEU A 1 33  ? 3.384   -5.367  7.699   0.50 15.59 ? 74  LEU A CA  1 
ATOM   290  C CA  B LEU A 1 33  ? 3.385   -5.367  7.722   0.50 14.83 ? 74  LEU A CA  1 
ATOM   291  C C   . LEU A 1 33  ? 3.841   -3.997  8.241   1.00 15.95 ? 74  LEU A C   1 
ATOM   292  O O   . LEU A 1 33  ? 5.060   -3.634  8.080   1.00 16.65 ? 74  LEU A O   1 
ATOM   293  C CB  A LEU A 1 33  ? 2.773   -5.172  6.296   0.50 15.71 ? 74  LEU A CB  1 
ATOM   294  C CB  B LEU A 1 33  ? 2.721   -5.150  6.383   0.50 13.89 ? 74  LEU A CB  1 
ATOM   295  C CG  A LEU A 1 33  ? 3.214   -6.250  5.296   0.50 15.40 ? 74  LEU A CG  1 
ATOM   296  C CG  B LEU A 1 33  ? 2.462   -6.473  5.674   0.50 13.54 ? 74  LEU A CG  1 
ATOM   297  C CD1 A LEU A 1 33  ? 2.319   -7.486  5.607   0.50 16.76 ? 74  LEU A CD1 1 
ATOM   298  C CD1 B LEU A 1 33  ? 1.718   -6.141  4.454   0.50 11.93 ? 74  LEU A CD1 1 
ATOM   299  C CD2 A LEU A 1 33  ? 3.198   -5.787  3.847   0.50 16.51 ? 74  LEU A CD2 1 
ATOM   300  C CD2 B LEU A 1 33  ? 3.669   -7.391  5.377   0.50 12.80 ? 74  LEU A CD2 1 
ATOM   301  N N   . TRP A 1 34  ? 2.901   -3.276  8.846   1.00 14.20 ? 75  TRP A N   1 
ATOM   302  C CA  . TRP A 1 34  ? 3.184   -1.929  9.363   1.00 12.64 ? 75  TRP A CA  1 
ATOM   303  C C   . TRP A 1 34  ? 4.314   -1.904  10.352  1.00 13.41 ? 75  TRP A C   1 
ATOM   304  O O   . TRP A 1 34  ? 5.126   -0.954  10.375  1.00 12.62 ? 75  TRP A O   1 
ATOM   305  C CB  . TRP A 1 34  ? 1.926   -1.293  9.907   1.00 12.01 ? 75  TRP A CB  1 
ATOM   306  C CG  . TRP A 1 34  ? 2.077   0.146   10.318  1.00 11.64 ? 75  TRP A CG  1 
ATOM   307  C CD1 . TRP A 1 34  ? 2.366   0.590   11.597  1.00 13.90 ? 75  TRP A CD1 1 
ATOM   308  C CD2 . TRP A 1 34  ? 1.989   1.289   9.501   1.00 11.60 ? 75  TRP A CD2 1 
ATOM   309  N NE1 . TRP A 1 34  ? 2.433   1.961   11.582  1.00 13.88 ? 75  TRP A NE1 1 
ATOM   310  C CE2 . TRP A 1 34  ? 2.162   2.393   10.299  1.00 12.38 ? 75  TRP A CE2 1 
ATOM   311  C CE3 . TRP A 1 34  ? 1.660   1.499   8.159   1.00 10.62 ? 75  TRP A CE3 1 
ATOM   312  C CZ2 . TRP A 1 34  ? 2.122   3.694   9.820   1.00 12.47 ? 75  TRP A CZ2 1 
ATOM   313  C CZ3 . TRP A 1 34  ? 1.566   2.745   7.674   1.00 11.96 ? 75  TRP A CZ3 1 
ATOM   314  C CH2 . TRP A 1 34  ? 1.761   3.871   8.500   1.00 12.18 ? 75  TRP A CH2 1 
ATOM   315  N N   . LYS A 1 35  ? 4.343   -2.894  11.222  1.00 14.29 ? 76  LYS A N   1 
ATOM   316  C CA  . LYS A 1 35  ? 5.260   -2.985  12.281  1.00 13.01 ? 76  LYS A CA  1 
ATOM   317  C C   . LYS A 1 35  ? 6.557   -3.691  11.964  1.00 14.52 ? 76  LYS A C   1 
ATOM   318  O O   . LYS A 1 35  ? 7.523   -3.625  12.776  1.00 15.70 ? 76  LYS A O   1 
ATOM   319  C CB  . LYS A 1 35  ? 4.523   -3.558  13.509  1.00 13.97 ? 76  LYS A CB  1 
ATOM   320  C CG  . LYS A 1 35  ? 3.352   -2.695  14.012  1.00 18.20 ? 76  LYS A CG  1 
ATOM   321  C CD  . LYS A 1 35  ? 2.643   -3.199  15.298  1.00 19.63 ? 76  LYS A CD  1 
ATOM   322  C CE  . LYS A 1 35  ? 3.510   -2.941  16.542  1.00 24.43 ? 76  LYS A CE  1 
ATOM   323  N NZ  . LYS A 1 35  ? 3.812   -1.500  16.727  1.00 25.61 ? 76  LYS A NZ  1 
ATOM   324  N N   . HIS A 1 36  ? 6.697   -4.228  10.752  1.00 11.93 ? 77  HIS A N   1 
ATOM   325  C CA  . HIS A 1 36  ? 7.894   -4.914  10.313  1.00 12.02 ? 77  HIS A CA  1 
ATOM   326  C C   . HIS A 1 36  ? 9.036   -3.912  10.162  1.00 11.59 ? 77  HIS A C   1 
ATOM   327  O O   . HIS A 1 36  ? 8.853   -2.714  9.824   1.00 12.35 ? 77  HIS A O   1 
ATOM   328  C CB  . HIS A 1 36  ? 7.611   -5.630  9.009   1.00 13.61 ? 77  HIS A CB  1 
ATOM   329  C CG  . HIS A 1 36  ? 8.660   -6.580  8.581   1.00 13.55 ? 77  HIS A CG  1 
ATOM   330  N ND1 . HIS A 1 36  ? 9.838   -6.197  8.000   1.00 12.53 ? 77  HIS A ND1 1 
ATOM   331  C CD2 . HIS A 1 36  ? 8.728   -7.916  8.743   1.00 16.96 ? 77  HIS A CD2 1 
ATOM   332  C CE1 . HIS A 1 36  ? 10.546  -7.274  7.721   1.00 14.35 ? 77  HIS A CE1 1 
ATOM   333  N NE2 . HIS A 1 36  ? 9.884   -8.331  8.155   1.00 16.66 ? 77  HIS A NE2 1 
ATOM   334  N N   . GLN A 1 37  ? 10.262  -4.338  10.397  1.00 13.55 ? 78  GLN A N   1 
ATOM   335  C CA  . GLN A 1 37  ? 11.417  -3.478  10.327  1.00 13.48 ? 78  GLN A CA  1 
ATOM   336  C C   . GLN A 1 37  ? 11.719  -2.905  8.952   1.00 13.22 ? 78  GLN A C   1 
ATOM   337  O O   . GLN A 1 37  ? 12.350  -1.865  8.828   1.00 15.83 ? 78  GLN A O   1 
ATOM   338  C CB  . GLN A 1 37  ? 12.703  -4.183  10.838  1.00 16.66 ? 78  GLN A CB  1 
ATOM   339  C CG  . GLN A 1 37  ? 13.211  -5.271  9.981   1.00 16.28 ? 78  GLN A CG  1 
ATOM   340  C CD  . GLN A 1 37  ? 12.694  -6.597  10.424  1.00 19.88 ? 78  GLN A CD  1 
ATOM   341  O OE1 . GLN A 1 37  ? 11.673  -6.716  11.072  1.00 20.14 ? 78  GLN A OE1 1 
ATOM   342  N NE2 . GLN A 1 37  ? 13.422  -7.640  10.060  1.00 24.17 ? 78  GLN A NE2 1 
ATOM   343  N N   . PHE A 1 38  ? 11.110  -3.482  7.878   1.00 12.24 ? 79  PHE A N   1 
ATOM   344  C CA  . PHE A 1 38  ? 11.253  -2.977  6.542   1.00 11.42 ? 79  PHE A CA  1 
ATOM   345  C C   . PHE A 1 38  ? 10.133  -2.014  6.137   1.00 10.94 ? 79  PHE A C   1 
ATOM   346  O O   . PHE A 1 38  ? 10.186  -1.521  5.019   1.00 11.71 ? 79  PHE A O   1 
ATOM   347  C CB  . PHE A 1 38  ? 11.272  -4.136  5.535   1.00 10.95 ? 79  PHE A CB  1 
ATOM   348  C CG  . PHE A 1 38  ? 12.445  -5.071  5.612   1.00 12.45 ? 79  PHE A CG  1 
ATOM   349  C CD1 . PHE A 1 38  ? 13.570  -4.755  6.351   1.00 13.87 ? 79  PHE A CD1 1 
ATOM   350  C CD2 . PHE A 1 38  ? 12.397  -6.300  4.918   1.00 14.86 ? 79  PHE A CD2 1 
ATOM   351  C CE1 . PHE A 1 38  ? 14.591  -5.710  6.435   1.00 14.78 ? 79  PHE A CE1 1 
ATOM   352  C CE2 . PHE A 1 38  ? 13.440  -7.223  5.010   1.00 15.28 ? 79  PHE A CE2 1 
ATOM   353  C CZ  . PHE A 1 38  ? 14.551  -6.855  5.746   1.00 16.35 ? 79  PHE A CZ  1 
ATOM   354  N N   . ALA A 1 39  ? 9.189   -1.782  7.022   1.00 10.70 ? 80  ALA A N   1 
ATOM   355  C CA  . ALA A 1 39  ? 7.979   -1.041  6.605   1.00 10.04 ? 80  ALA A CA  1 
ATOM   356  C C   . ALA A 1 39  ? 8.248   0.400   6.412   1.00 10.41 ? 80  ALA A C   1 
ATOM   357  O O   . ALA A 1 39  ? 7.550   1.057   5.674   1.00 10.32 ? 80  ALA A O   1 
ATOM   358  C CB  . ALA A 1 39  ? 6.885   -1.209  7.640   1.00 12.56 ? 80  ALA A CB  1 
ATOM   359  N N   . TRP A 1 40  ? 9.105   1.031   7.200   1.00 9.79  ? 81  TRP A N   1 
ATOM   360  C CA  . TRP A 1 40  ? 9.067   2.454   7.324   1.00 11.20 ? 81  TRP A CA  1 
ATOM   361  C C   . TRP A 1 40  ? 9.212   3.243   5.987   1.00 9.72  ? 81  TRP A C   1 
ATOM   362  O O   . TRP A 1 40  ? 8.571   4.305   5.850   1.00 10.33 ? 81  TRP A O   1 
ATOM   363  C CB  . TRP A 1 40  ? 10.077  2.949   8.420   1.00 11.15 ? 81  TRP A CB  1 
ATOM   364  C CG  . TRP A 1 40  ? 11.478  2.790   8.113   1.00 12.11 ? 81  TRP A CG  1 
ATOM   365  C CD1 . TRP A 1 40  ? 12.263  1.689   8.461   1.00 14.77 ? 81  TRP A CD1 1 
ATOM   366  C CD2 . TRP A 1 40  ? 12.292  3.605   7.327   1.00 14.99 ? 81  TRP A CD2 1 
ATOM   367  N NE1 . TRP A 1 40  ? 13.521  1.834   7.981   1.00 16.49 ? 81  TRP A NE1 1 
ATOM   368  C CE2 . TRP A 1 40  ? 13.586  3.001   7.290   1.00 17.09 ? 81  TRP A CE2 1 
ATOM   369  C CE3 . TRP A 1 40  ? 12.109  4.827   6.716   1.00 16.03 ? 81  TRP A CE3 1 
ATOM   370  C CZ2 . TRP A 1 40  ? 14.627  3.568   6.609   1.00 19.29 ? 81  TRP A CZ2 1 
ATOM   371  C CZ3 . TRP A 1 40  ? 13.160  5.400   6.022   1.00 19.95 ? 81  TRP A CZ3 1 
ATOM   372  C CH2 . TRP A 1 40  ? 14.394  4.771   5.967   1.00 20.08 ? 81  TRP A CH2 1 
ATOM   373  N N   . PRO A 1 41  ? 10.015  2.806   4.980   1.00 10.19 ? 82  PRO A N   1 
ATOM   374  C CA  . PRO A 1 41  ? 10.092  3.607   3.749   1.00 10.34 ? 82  PRO A CA  1 
ATOM   375  C C   . PRO A 1 41  ? 8.750   3.683   3.043   1.00 10.03 ? 82  PRO A C   1 
ATOM   376  O O   . PRO A 1 41  ? 8.569   4.455   2.105   1.00 11.86 ? 82  PRO A O   1 
ATOM   377  C CB  . PRO A 1 41  ? 11.149  2.906   2.880   1.00 10.66 ? 82  PRO A CB  1 
ATOM   378  C CG  . PRO A 1 41  ? 12.005  2.138   3.879   1.00 11.85 ? 82  PRO A CG  1 
ATOM   379  C CD  . PRO A 1 41  ? 11.004  1.709   4.920   1.00 10.59 ? 82  PRO A CD  1 
ATOM   380  N N   . PHE A 1 42  ? 7.911   2.717   3.380   1.00 8.65  ? 83  PHE A N   1 
ATOM   381  C CA  . PHE A 1 42  ? 6.587   2.510   2.742   1.00 9.90  ? 83  PHE A CA  1 
ATOM   382  C C   . PHE A 1 42  ? 5.446   3.047   3.540   1.00 10.88 ? 83  PHE A C   1 
ATOM   383  O O   . PHE A 1 42  ? 4.255   2.889   3.171   1.00 11.42 ? 83  PHE A O   1 
ATOM   384  C CB  . PHE A 1 42  ? 6.357   1.009   2.466   1.00 9.31  ? 83  PHE A CB  1 
ATOM   385  C CG  . PHE A 1 42  ? 7.432   0.369   1.626   1.00 10.28 ? 83  PHE A CG  1 
ATOM   386  C CD1 . PHE A 1 42  ? 7.424   0.533   0.241   1.00 12.68 ? 83  PHE A CD1 1 
ATOM   387  C CD2 . PHE A 1 42  ? 8.536   -0.333  2.179   1.00 10.12 ? 83  PHE A CD2 1 
ATOM   388  C CE1 . PHE A 1 42  ? 8.492   -0.008  -0.530  1.00 12.76 ? 83  PHE A CE1 1 
ATOM   389  C CE2 . PHE A 1 42  ? 9.566   -0.827  1.431   1.00 10.52 ? 83  PHE A CE2 1 
ATOM   390  C CZ  . PHE A 1 42  ? 9.556   -0.661  0.077   1.00 12.43 ? 83  PHE A CZ  1 
ATOM   391  N N   . GLN A 1 43  ? 5.683   3.674   4.680   1.00 8.97  ? 84  GLN A N   1 
ATOM   392  C CA  . GLN A 1 43  ? 4.655   4.215   5.588   1.00 9.62  ? 84  GLN A CA  1 
ATOM   393  C C   . GLN A 1 43  ? 4.045   5.529   5.222   1.00 9.14  ? 84  GLN A C   1 
ATOM   394  O O   . GLN A 1 43  ? 3.151   6.016   5.860   1.00 11.42 ? 84  GLN A O   1 
ATOM   395  C CB  . GLN A 1 43  ? 5.182   4.200   7.021   1.00 10.05 ? 84  GLN A CB  1 
ATOM   396  C CG  . GLN A 1 43  ? 5.294   2.841   7.644   1.00 10.24 ? 84  GLN A CG  1 
ATOM   397  C CD  . GLN A 1 43  ? 5.897   2.907   9.060   1.00 10.94 ? 84  GLN A CD  1 
ATOM   398  O OE1 . GLN A 1 43  ? 6.537   3.870   9.432   1.00 14.24 ? 84  GLN A OE1 1 
ATOM   399  N NE2 . GLN A 1 43  ? 5.749   1.843   9.788   1.00 13.51 ? 84  GLN A NE2 1 
ATOM   400  N N   . GLN A 1 44  ? 4.565   6.109   4.186   1.00 10.40 ? 85  GLN A N   1 
ATOM   401  C CA  . GLN A 1 44  ? 4.060   7.427   3.686   1.00 10.60 ? 85  GLN A CA  1 
ATOM   402  C C   . GLN A 1 44  ? 4.425   7.530   2.220   1.00 10.10 ? 85  GLN A C   1 
ATOM   403  O O   . GLN A 1 44  ? 5.291   6.775   1.719   1.00 10.17 ? 85  GLN A O   1 
ATOM   404  C CB  . GLN A 1 44  ? 4.712   8.607   4.448   1.00 11.92 ? 85  GLN A CB  1 
ATOM   405  C CG  . GLN A 1 44  ? 6.200   8.586   4.411   1.00 12.26 ? 85  GLN A CG  1 
ATOM   406  C CD  . GLN A 1 44  ? 6.829   7.576   5.328   1.00 14.89 ? 85  GLN A CD  1 
ATOM   407  O OE1 . GLN A 1 44  ? 6.422   7.401   6.524   1.00 15.97 ? 85  GLN A OE1 1 
ATOM   408  N NE2 . GLN A 1 44  ? 7.755   6.851   4.785   1.00 15.92 ? 85  GLN A NE2 1 
ATOM   409  N N   . PRO A 1 45  ? 3.759   8.429   1.469   1.00 10.48 ? 86  PRO A N   1 
ATOM   410  C CA  . PRO A 1 45  ? 4.131   8.613   0.081   1.00 11.19 ? 86  PRO A CA  1 
ATOM   411  C C   . PRO A 1 45  ? 5.627   8.862   -0.131  1.00 12.33 ? 86  PRO A C   1 
ATOM   412  O O   . PRO A 1 45  ? 6.263   9.526   0.708   1.00 12.87 ? 86  PRO A O   1 
ATOM   413  C CB  . PRO A 1 45  ? 3.311   9.827   -0.342  1.00 11.23 ? 86  PRO A CB  1 
ATOM   414  C CG  . PRO A 1 45  ? 2.111   9.788   0.556   1.00 11.75 ? 86  PRO A CG  1 
ATOM   415  C CD  . PRO A 1 45  ? 2.619   9.274   1.886   1.00 12.93 ? 86  PRO A CD  1 
ATOM   416  N N   . VAL A 1 46  ? 6.162   8.396   -1.227  1.00 12.15 ? 87  VAL A N   1 
ATOM   417  C CA  . VAL A 1 46  ? 7.525   8.680   -1.651  1.00 11.25 ? 87  VAL A CA  1 
ATOM   418  C C   . VAL A 1 46  ? 7.659   10.225  -1.761  1.00 12.33 ? 87  VAL A C   1 
ATOM   419  O O   . VAL A 1 46  ? 6.869   10.910  -2.474  1.00 12.85 ? 87  VAL A O   1 
ATOM   420  C CB  . VAL A 1 46  ? 7.908   7.991   -2.931  1.00 11.22 ? 87  VAL A CB  1 
ATOM   421  C CG1 . VAL A 1 46  ? 9.231   8.539   -3.474  1.00 12.26 ? 87  VAL A CG1 1 
ATOM   422  C CG2 . VAL A 1 46  ? 8.020   6.497   -2.716  1.00 12.22 ? 87  VAL A CG2 1 
ATOM   423  N N   . ASP A 1 47  ? 8.581   10.793  -0.992  1.00 13.00 ? 88  ASP A N   1 
ATOM   424  C CA  . ASP A 1 47  ? 8.849   12.239  -0.972  1.00 12.99 ? 88  ASP A CA  1 
ATOM   425  C C   . ASP A 1 47  ? 9.974   12.487  -1.916  1.00 15.44 ? 88  ASP A C   1 
ATOM   426  O O   . ASP A 1 47  ? 11.129  12.444  -1.604  1.00 14.54 ? 88  ASP A O   1 
ATOM   427  C CB  . ASP A 1 47  ? 9.076   12.740  0.440   1.00 15.24 ? 88  ASP A CB  1 
ATOM   428  C CG  . ASP A 1 47  ? 9.176   14.267  0.557   1.00 16.70 ? 88  ASP A CG  1 
ATOM   429  O OD1 . ASP A 1 47  ? 9.516   14.886  -0.459  1.00 15.89 ? 88  ASP A OD1 1 
ATOM   430  O OD2 . ASP A 1 47  ? 8.953   14.753  1.671   1.00 21.18 ? 88  ASP A OD2 1 
ATOM   431  N N   . ALA A 1 48  ? 9.633   12.743  -3.159  1.00 16.69 ? 89  ALA A N   1 
ATOM   432  C CA  . ALA A 1 48  ? 10.592  12.843  -4.227  1.00 16.91 ? 89  ALA A CA  1 
ATOM   433  C C   . ALA A 1 48  ? 11.439  14.101  -4.063  1.00 17.17 ? 89  ALA A C   1 
ATOM   434  O O   . ALA A 1 48  ? 12.553  14.135  -4.584  1.00 18.87 ? 89  ALA A O   1 
ATOM   435  C CB  . ALA A 1 48  ? 9.917   12.783  -5.595  1.00 20.06 ? 89  ALA A CB  1 
ATOM   436  N N   . VAL A 1 49  ? 10.905  15.093  -3.387  1.00 16.62 ? 90  VAL A N   1 
ATOM   437  C CA  . VAL A 1 49  ? 11.599  16.353  -3.142  1.00 19.14 ? 90  VAL A CA  1 
ATOM   438  C C   . VAL A 1 49  ? 12.680  16.077  -2.126  1.00 19.93 ? 90  VAL A C   1 
ATOM   439  O O   . VAL A 1 49  ? 13.864  16.312  -2.507  1.00 22.00 ? 90  VAL A O   1 
ATOM   440  C CB  . VAL A 1 49  ? 10.615  17.431  -2.628  1.00 20.88 ? 90  VAL A CB  1 
ATOM   441  C CG1 . VAL A 1 49  ? 11.372  18.681  -2.269  1.00 23.13 ? 90  VAL A CG1 1 
ATOM   442  C CG2 . VAL A 1 49  ? 9.590   17.752  -3.729  1.00 20.39 ? 90  VAL A CG2 1 
ATOM   443  N N   . LYS A 1 50  ? 12.342  15.490  -0.958  1.00 18.84 ? 91  LYS A N   1 
ATOM   444  C CA  . LYS A 1 50  ? 13.379  15.242  0.069   1.00 21.71 ? 91  LYS A CA  1 
ATOM   445  C C   . LYS A 1 50  ? 14.376  14.165  -0.321  1.00 24.41 ? 91  LYS A C   1 
ATOM   446  O O   . LYS A 1 50  ? 15.560  14.211  0.071   1.00 24.76 ? 91  LYS A O   1 
ATOM   447  C CB  . LYS A 1 50  ? 12.798  14.927  1.389   1.00 24.15 ? 91  LYS A CB  1 
ATOM   448  C CG  . LYS A 1 50  ? 12.140  16.127  2.045   1.00 30.92 ? 91  LYS A CG  1 
ATOM   449  C CD  . LYS A 1 50  ? 11.529  15.699  3.348   1.00 36.02 ? 91  LYS A CD  1 
ATOM   450  C CE  . LYS A 1 50  ? 11.053  16.843  4.245   1.00 43.68 ? 91  LYS A CE  1 
ATOM   451  N NZ  . LYS A 1 50  ? 10.958  18.202  3.646   1.00 46.75 ? 91  LYS A NZ  1 
ATOM   452  N N   . LEU A 1 51  ? 13.961  13.177  -1.102  1.00 22.18 ? 92  LEU A N   1 
ATOM   453  C CA  . LEU A 1 51  ? 14.888  12.161  -1.622  1.00 17.82 ? 92  LEU A CA  1 
ATOM   454  C C   . LEU A 1 51  ? 15.695  12.540  -2.806  1.00 21.97 ? 92  LEU A C   1 
ATOM   455  O O   . LEU A 1 51  ? 16.541  11.775  -3.244  1.00 25.51 ? 92  LEU A O   1 
ATOM   456  C CB  . LEU A 1 51  ? 14.070  10.853  -1.898  1.00 20.91 ? 92  LEU A CB  1 
ATOM   457  C CG  . LEU A 1 51  ? 13.334  10.294  -0.696  1.00 22.91 ? 92  LEU A CG  1 
ATOM   458  C CD1 . LEU A 1 51  ? 12.342  9.124   -0.908  1.00 24.06 ? 92  LEU A CD1 1 
ATOM   459  C CD2 . LEU A 1 51  ? 14.361  9.752   0.331   1.00 25.65 ? 92  LEU A CD2 1 
ATOM   460  N N   . ASN A 1 52  ? 15.466  13.710  -3.409  1.00 21.94 ? 93  ASN A N   1 
ATOM   461  C CA  . ASN A 1 52  ? 16.108  14.157  -4.640  1.00 27.62 ? 93  ASN A CA  1 
ATOM   462  C C   . ASN A 1 52  ? 15.970  13.206  -5.820  1.00 26.22 ? 93  ASN A C   1 
ATOM   463  O O   . ASN A 1 52  ? 16.915  12.939  -6.579  1.00 26.94 ? 93  ASN A O   1 
ATOM   464  C CB  . ASN A 1 52  ? 17.601  14.561  -4.385  1.00 28.52 ? 93  ASN A CB  1 
ATOM   465  C CG  . ASN A 1 52  ? 18.218  15.244  -5.575  1.00 38.91 ? 93  ASN A CG  1 
ATOM   466  O OD1 . ASN A 1 52  ? 17.559  16.005  -6.306  1.00 40.70 ? 93  ASN A OD1 1 
ATOM   467  N ND2 . ASN A 1 52  ? 19.503  14.945  -5.814  1.00 42.52 ? 93  ASN A ND2 1 
ATOM   468  N N   . LEU A 1 53  ? 14.712  12.811  -6.040  1.00 21.73 ? 94  LEU A N   1 
ATOM   469  C CA  . LEU A 1 53  ? 14.326  11.897  -7.089  1.00 22.92 ? 94  LEU A CA  1 
ATOM   470  C C   . LEU A 1 53  ? 13.427  12.638  -8.055  1.00 23.13 ? 94  LEU A C   1 
ATOM   471  O O   . LEU A 1 53  ? 12.222  12.367  -8.107  1.00 17.97 ? 94  LEU A O   1 
ATOM   472  C CB  . LEU A 1 53  ? 13.511  10.719  -6.494  1.00 24.58 ? 94  LEU A CB  1 
ATOM   473  C CG  . LEU A 1 53  ? 14.129  9.946   -5.339  1.00 29.22 ? 94  LEU A CG  1 
ATOM   474  C CD1 . LEU A 1 53  ? 13.237  8.809   -4.789  1.00 30.33 ? 94  LEU A CD1 1 
ATOM   475  C CD2 . LEU A 1 53  ? 15.446  9.383   -5.828  1.00 31.76 ? 94  LEU A CD2 1 
ATOM   476  N N   . PRO A 1 54  ? 13.945  13.533  -8.902  1.00 24.69 ? 95  PRO A N   1 
ATOM   477  C CA  . PRO A 1 54  ? 12.991  14.325  -9.715  1.00 23.95 ? 95  PRO A CA  1 
ATOM   478  C C   . PRO A 1 54  ? 12.303  13.547  -10.787 1.00 21.81 ? 95  PRO A C   1 
ATOM   479  O O   . PRO A 1 54  ? 11.316  14.030  -11.323 1.00 21.06 ? 95  PRO A O   1 
ATOM   480  C CB  . PRO A 1 54  ? 13.871  15.432  -10.314 1.00 27.74 ? 95  PRO A CB  1 
ATOM   481  C CG  . PRO A 1 54  ? 15.197  14.773  -10.440 1.00 27.86 ? 95  PRO A CG  1 
ATOM   482  C CD  . PRO A 1 54  ? 15.356  13.893  -9.211  1.00 28.00 ? 95  PRO A CD  1 
ATOM   483  N N   . ASP A 1 55  ? 12.726  12.339  -11.100 1.00 18.38 ? 96  ASP A N   1 
ATOM   484  C CA  . ASP A 1 55  ? 12.097  11.523  -12.092 1.00 16.65 ? 96  ASP A CA  1 
ATOM   485  C C   . ASP A 1 55  ? 11.028  10.557  -11.509 1.00 13.42 ? 96  ASP A C   1 
ATOM   486  O O   . ASP A 1 55  ? 10.363  9.858   -12.230 1.00 14.75 ? 96  ASP A O   1 
ATOM   487  C CB  . ASP A 1 55  ? 13.088  10.757  -12.922 1.00 19.86 ? 96  ASP A CB  1 
ATOM   488  C CG  . ASP A 1 55  ? 13.932  9.814   -12.093 1.00 23.95 ? 96  ASP A CG  1 
ATOM   489  O OD1 . ASP A 1 55  ? 14.029  9.928   -10.816 1.00 24.87 ? 96  ASP A OD1 1 
ATOM   490  O OD2 . ASP A 1 55  ? 14.509  8.916   -12.791 1.00 31.87 ? 96  ASP A OD2 1 
ATOM   491  N N   . TYR A 1 56  ? 10.981  10.520  -10.154 1.00 14.59 ? 97  TYR A N   1 
ATOM   492  C CA  . TYR A 1 56  ? 10.065  9.476   -9.558  1.00 13.38 ? 97  TYR A CA  1 
ATOM   493  C C   . TYR A 1 56  ? 8.647   9.512   -10.128 1.00 11.15 ? 97  TYR A C   1 
ATOM   494  O O   . TYR A 1 56  ? 8.125   8.502   -10.579 1.00 11.77 ? 97  TYR A O   1 
ATOM   495  C CB  . TYR A 1 56  ? 10.109  9.486   -8.056  1.00 11.97 ? 97  TYR A CB  1 
ATOM   496  C CG  . TYR A 1 56  ? 9.326   8.346   -7.411  1.00 11.96 ? 97  TYR A CG  1 
ATOM   497  C CD1 . TYR A 1 56  ? 9.944   7.131   -7.187  1.00 12.26 ? 97  TYR A CD1 1 
ATOM   498  C CD2 . TYR A 1 56  ? 7.996   8.470   -7.056  1.00 12.23 ? 97  TYR A CD2 1 
ATOM   499  C CE1 . TYR A 1 56  ? 9.232   6.057   -6.748  1.00 12.63 ? 97  TYR A CE1 1 
ATOM   500  C CE2 . TYR A 1 56  ? 7.272   7.386   -6.605  1.00 11.50 ? 97  TYR A CE2 1 
ATOM   501  C CZ  . TYR A 1 56  ? 7.917   6.194   -6.442  1.00 11.54 ? 97  TYR A CZ  1 
ATOM   502  O OH  . TYR A 1 56  ? 7.209   5.088   -5.986  1.00 11.38 ? 97  TYR A OH  1 
ATOM   503  N N   . TYR A 1 57  ? 8.032   10.717  -10.072 1.00 11.37 ? 98  TYR A N   1 
ATOM   504  C CA  . TYR A 1 57  ? 6.668   10.916  -10.489 1.00 10.72 ? 98  TYR A CA  1 
ATOM   505  C C   . TYR A 1 57  ? 6.515   11.192  -11.961 1.00 13.60 ? 98  TYR A C   1 
ATOM   506  O O   . TYR A 1 57  ? 5.400   11.291  -12.423 1.00 13.18 ? 98  TYR A O   1 
ATOM   507  C CB  . TYR A 1 57  ? 5.960   11.913  -9.599  1.00 10.85 ? 98  TYR A CB  1 
ATOM   508  C CG  . TYR A 1 57  ? 5.793   11.418  -8.197  1.00 11.07 ? 98  TYR A CG  1 
ATOM   509  C CD1 . TYR A 1 57  ? 4.901   10.412  -7.922  1.00 11.91 ? 98  TYR A CD1 1 
ATOM   510  C CD2 . TYR A 1 57  ? 6.482   11.970  -7.126  1.00 10.98 ? 98  TYR A CD2 1 
ATOM   511  C CE1 . TYR A 1 57  ? 4.680   9.954   -6.642  1.00 11.60 ? 98  TYR A CE1 1 
ATOM   512  C CE2 . TYR A 1 57  ? 6.316   11.509  -5.793  1.00 10.94 ? 98  TYR A CE2 1 
ATOM   513  C CZ  . TYR A 1 57  ? 5.394   10.492  -5.584  1.00 10.44 ? 98  TYR A CZ  1 
ATOM   514  O OH  . TYR A 1 57  ? 5.114   10.052  -4.286  1.00 10.60 ? 98  TYR A OH  1 
ATOM   515  N N   A LYS A 1 58  ? 7.615   11.183  -12.714 0.30 13.39 ? 99  LYS A N   1 
ATOM   516  N N   B LYS A 1 58  ? 7.609   11.122  -12.713 0.70 13.22 ? 99  LYS A N   1 
ATOM   517  C CA  A LYS A 1 58  ? 7.581   10.994  -14.168 0.30 13.89 ? 99  LYS A CA  1 
ATOM   518  C CA  B LYS A 1 58  ? 7.592   10.989  -14.163 0.70 14.04 ? 99  LYS A CA  1 
ATOM   519  C C   A LYS A 1 58  ? 7.421   9.513   -14.574 0.30 14.00 ? 99  LYS A C   1 
ATOM   520  C C   B LYS A 1 58  ? 7.448   9.537   -14.591 0.70 13.93 ? 99  LYS A C   1 
ATOM   521  O O   A LYS A 1 58  ? 6.793   9.194   -15.574 0.30 15.73 ? 99  LYS A O   1 
ATOM   522  O O   B LYS A 1 58  ? 6.824   9.234   -15.584 0.70 17.98 ? 99  LYS A O   1 
ATOM   523  C CB  A LYS A 1 58  ? 8.846   11.564  -14.817 0.30 13.94 ? 99  LYS A CB  1 
ATOM   524  C CB  B LYS A 1 58  ? 8.848   11.574  -14.808 0.70 14.24 ? 99  LYS A CB  1 
ATOM   525  C CG  A LYS A 1 58  ? 9.112   13.029  -14.523 0.30 14.86 ? 99  LYS A CG  1 
ATOM   526  C CG  B LYS A 1 58  ? 9.039   13.024  -14.475 0.70 16.67 ? 99  LYS A CG  1 
ATOM   527  C CD  A LYS A 1 58  ? 10.360  13.474  -15.302 0.30 15.82 ? 99  LYS A CD  1 
ATOM   528  C CD  B LYS A 1 58  ? 10.327  13.566  -15.105 0.70 19.91 ? 99  LYS A CD  1 
ATOM   529  C CE  A LYS A 1 58  ? 10.410  14.964  -15.589 0.30 16.77 ? 99  LYS A CE  1 
ATOM   530  C CE  B LYS A 1 58  ? 10.580  14.971  -14.630 0.70 23.41 ? 99  LYS A CE  1 
ATOM   531  N NZ  A LYS A 1 58  ? 11.755  15.584  -15.314 0.30 18.20 ? 99  LYS A NZ  1 
ATOM   532  N NZ  B LYS A 1 58  ? 9.524   15.841  -15.259 0.70 25.55 ? 99  LYS A NZ  1 
ATOM   533  N N   . ILE A 1 59  ? 7.954   8.594   -13.755 1.00 13.55 ? 100 ILE A N   1 
ATOM   534  C CA  . ILE A 1 59  ? 7.927   7.159   -13.991 1.00 14.89 ? 100 ILE A CA  1 
ATOM   535  C C   . ILE A 1 59  ? 6.740   6.463   -13.305 1.00 13.26 ? 100 ILE A C   1 
ATOM   536  O O   . ILE A 1 59  ? 6.083   5.591   -13.891 1.00 16.81 ? 100 ILE A O   1 
ATOM   537  C CB  . ILE A 1 59  ? 9.304   6.557   -13.498 1.00 14.60 ? 100 ILE A CB  1 
ATOM   538  C CG1 . ILE A 1 59  ? 10.438  7.039   -14.452 1.00 17.68 ? 100 ILE A CG1 1 
ATOM   539  C CG2 . ILE A 1 59  ? 9.250   5.052   -13.470 1.00 17.86 ? 100 ILE A CG2 1 
ATOM   540  C CD1 . ILE A 1 59  ? 11.778  6.953   -13.755 1.00 19.16 ? 100 ILE A CD1 1 
ATOM   541  N N   . ILE A 1 60  ? 6.450   6.922   -12.085 1.00 11.79 ? 101 ILE A N   1 
ATOM   542  C CA  . ILE A 1 60  ? 5.350   6.333   -11.263 1.00 11.54 ? 101 ILE A CA  1 
ATOM   543  C C   . ILE A 1 60  ? 4.132   7.254   -11.337 1.00 10.42 ? 101 ILE A C   1 
ATOM   544  O O   . ILE A 1 60  ? 4.125   8.238   -10.706 1.00 13.27 ? 101 ILE A O   1 
ATOM   545  C CB  . ILE A 1 60  ? 5.867   6.127   -9.789  1.00 11.01 ? 101 ILE A CB  1 
ATOM   546  C CG1 . ILE A 1 60  ? 7.053   5.185   -9.795  1.00 12.18 ? 101 ILE A CG1 1 
ATOM   547  C CG2 . ILE A 1 60  ? 4.739   5.627   -8.904  1.00 10.85 ? 101 ILE A CG2 1 
ATOM   548  C CD1 . ILE A 1 60  ? 6.823   3.888   -10.439 1.00 11.29 ? 101 ILE A CD1 1 
ATOM   549  N N   . LYS A 1 61  ? 3.158   6.828   -12.112 1.00 11.44 ? 102 LYS A N   1 
ATOM   550  C CA  . LYS A 1 61  ? 1.913   7.583   -12.294 1.00 12.68 ? 102 LYS A CA  1 
ATOM   551  C C   . LYS A 1 61  ? 0.746   7.027   -11.478 1.00 12.68 ? 102 LYS A C   1 
ATOM   552  O O   . LYS A 1 61  ? -0.294  7.640   -11.415 1.00 13.43 ? 102 LYS A O   1 
ATOM   553  C CB  . LYS A 1 61  ? 1.513   7.659   -13.763 1.00 14.07 ? 102 LYS A CB  1 
ATOM   554  C CG  . LYS A 1 61  ? 2.594   8.384   -14.579 1.00 15.55 ? 102 LYS A CG  1 
ATOM   555  C CD  . LYS A 1 61  ? 2.739   9.868   -14.264 1.00 14.77 ? 102 LYS A CD  1 
ATOM   556  C CE  . LYS A 1 61  ? 3.550   10.722  -15.256 1.00 15.39 ? 102 LYS A CE  1 
ATOM   557  N NZ  . LYS A 1 61  ? 4.040   11.954  -14.780 1.00 15.57 ? 102 LYS A NZ  1 
ATOM   558  N N   . THR A 1 62  ? 0.930   5.923   -10.773 1.00 10.91 ? 103 THR A N   1 
ATOM   559  C CA  . THR A 1 62  ? -0.093  5.386   -9.867  1.00 10.50 ? 103 THR A CA  1 
ATOM   560  C C   . THR A 1 62  ? 0.610   5.156   -8.525  1.00 10.04 ? 103 THR A C   1 
ATOM   561  O O   . THR A 1 62  ? 0.836   4.013   -8.119  1.00 10.42 ? 103 THR A O   1 
ATOM   562  C CB  . THR A 1 62  ? -0.746  4.101   -10.328 1.00 13.24 ? 103 THR A CB  1 
ATOM   563  O OG1 . THR A 1 62  ? -1.307  4.363   -11.629 1.00 15.84 ? 103 THR A OG1 1 
ATOM   564  C CG2 . THR A 1 62  ? -1.885  3.723   -9.429  1.00 14.06 ? 103 THR A CG2 1 
ATOM   565  N N   . PRO A 1 63  ? 0.904   6.200   -7.765  1.00 9.53  ? 104 PRO A N   1 
ATOM   566  C CA  . PRO A 1 63  ? 1.578   6.053   -6.497  1.00 9.53  ? 104 PRO A CA  1 
ATOM   567  C C   . PRO A 1 63  ? 0.731   5.344   -5.478  1.00 10.00 ? 104 PRO A C   1 
ATOM   568  O O   . PRO A 1 63  ? -0.458  5.499   -5.448  1.00 10.57 ? 104 PRO A O   1 
ATOM   569  C CB  . PRO A 1 63  ? 1.823   7.543   -6.056  1.00 11.64 ? 104 PRO A CB  1 
ATOM   570  C CG  . PRO A 1 63  ? 1.535   8.361   -7.240  1.00 11.25 ? 104 PRO A CG  1 
ATOM   571  C CD  . PRO A 1 63  ? 0.660   7.608   -8.121  1.00 11.49 ? 104 PRO A CD  1 
ATOM   572  N N   . MET A 1 64  ? 1.402   4.623   -4.554  1.00 8.90  ? 105 MET A N   1 
ATOM   573  C CA  . MET A 1 64  ? 0.685   4.048   -3.450  1.00 8.88  ? 105 MET A CA  1 
ATOM   574  C C   . MET A 1 64  ? 1.653   3.721   -2.331  1.00 8.78  ? 105 MET A C   1 
ATOM   575  O O   . MET A 1 64  ? 2.833   3.434   -2.598  1.00 11.05 ? 105 MET A O   1 
ATOM   576  C CB  . MET A 1 64  ? -0.078  2.779   -3.860  1.00 9.63  ? 105 MET A CB  1 
ATOM   577  C CG  . MET A 1 64  ? -1.029  2.253   -2.798  1.00 9.85  ? 105 MET A CG  1 
ATOM   578  S SD  . MET A 1 64  ? -2.193  3.410   -2.051  1.00 10.65 ? 105 MET A SD  1 
ATOM   579  C CE  . MET A 1 64  ? -3.082  4.018   -3.478  1.00 10.78 ? 105 MET A CE  1 
ATOM   580  N N   . ASP A 1 65  ? 1.181   3.766   -1.097  1.00 8.70  ? 106 ASP A N   1 
ATOM   581  C CA  . ASP A 1 65  ? 2.024   3.533   0.089   1.00 8.97  ? 106 ASP A CA  1 
ATOM   582  C C   . ASP A 1 65  ? 1.126   3.001   1.192   1.00 8.80  ? 106 ASP A C   1 
ATOM   583  O O   . ASP A 1 65  ? -0.087  3.083   1.146   1.00 9.47  ? 106 ASP A O   1 
ATOM   584  C CB  . ASP A 1 65  ? 2.709   4.833   0.516   1.00 9.82  ? 106 ASP A CB  1 
ATOM   585  C CG  . ASP A 1 65  ? 1.739   5.843   0.981   1.00 9.85  ? 106 ASP A CG  1 
ATOM   586  O OD1 . ASP A 1 65  ? 1.098   6.546   0.095   1.00 11.33 ? 106 ASP A OD1 1 
ATOM   587  O OD2 . ASP A 1 65  ? 1.468   5.908   2.226   1.00 11.01 ? 106 ASP A OD2 1 
ATOM   588  N N   . MET A 1 66  ? 1.761   2.429   2.217   1.00 9.80  ? 107 MET A N   1 
ATOM   589  C CA  A MET A 1 66  ? 1.051   1.816   3.288   0.50 10.18 ? 107 MET A CA  1 
ATOM   590  C CA  B MET A 1 66  ? 1.004   1.801   3.303   0.50 9.23  ? 107 MET A CA  1 
ATOM   591  C C   . MET A 1 66  ? 0.380   2.794   4.204   1.00 9.84  ? 107 MET A C   1 
ATOM   592  O O   . MET A 1 66  ? -0.617  2.473   4.850   1.00 10.37 ? 107 MET A O   1 
ATOM   593  C CB  A MET A 1 66  ? 2.063   0.962   4.029   0.50 12.44 ? 107 MET A CB  1 
ATOM   594  C CB  B MET A 1 66  ? 1.869   0.839   4.137   0.50 10.04 ? 107 MET A CB  1 
ATOM   595  C CG  A MET A 1 66  ? 1.472   -0.346  4.353   0.50 13.48 ? 107 MET A CG  1 
ATOM   596  C CG  B MET A 1 66  ? 2.311   -0.418  3.452   0.50 9.15  ? 107 MET A CG  1 
ATOM   597  S SD  A MET A 1 66  ? 2.474   -1.325  5.462   0.50 15.55 ? 107 MET A SD  1 
ATOM   598  S SD  B MET A 1 66  ? 2.743   -1.769  4.548   0.50 9.77  ? 107 MET A SD  1 
ATOM   599  C CE  A MET A 1 66  ? 4.038   -1.483  4.614   0.50 15.16 ? 107 MET A CE  1 
ATOM   600  C CE  B MET A 1 66  ? 4.091   -1.013  5.377   0.50 10.41 ? 107 MET A CE  1 
ATOM   601  N N   . GLY A 1 67  ? 0.885   4.032   4.288   1.00 9.84  ? 108 GLY A N   1 
ATOM   602  C CA  . GLY A 1 67  ? 0.161   5.043   5.038   1.00 9.80  ? 108 GLY A CA  1 
ATOM   603  C C   . GLY A 1 67  ? -1.215  5.366   4.428   1.00 9.61  ? 108 GLY A C   1 
ATOM   604  O O   . GLY A 1 67  ? -2.213  5.538   5.147   1.00 10.64 ? 108 GLY A O   1 
ATOM   605  N N   . THR A 1 68  ? -1.197  5.509   3.136   1.00 8.96  ? 109 THR A N   1 
ATOM   606  C CA  . THR A 1 68  ? -2.481  5.685   2.400   1.00 9.37  ? 109 THR A CA  1 
ATOM   607  C C   . THR A 1 68  ? -3.402  4.510   2.626   1.00 8.49  ? 109 THR A C   1 
ATOM   608  O O   . THR A 1 68  ? -4.605  4.695   2.885   1.00 9.07  ? 109 THR A O   1 
ATOM   609  C CB  . THR A 1 68  ? -2.177  5.848   0.900   1.00 8.96  ? 109 THR A CB  1 
ATOM   610  O OG1 . THR A 1 68  ? -1.399  7.072   0.728   1.00 10.86 ? 109 THR A OG1 1 
ATOM   611  C CG2 . THR A 1 68  ? -3.431  5.892   0.103   1.00 10.36 ? 109 THR A CG2 1 
ATOM   612  N N   . ILE A 1 69  ? -2.901  3.284   2.522   1.00 7.69  ? 110 ILE A N   1 
ATOM   613  C CA  . ILE A 1 69  ? -3.725  2.107   2.721   1.00 8.28  ? 110 ILE A CA  1 
ATOM   614  C C   . ILE A 1 69  ? -4.269  2.119   4.149   1.00 8.71  ? 110 ILE A C   1 
ATOM   615  O O   . ILE A 1 69  ? -5.433  1.794   4.334   1.00 8.60  ? 110 ILE A O   1 
ATOM   616  C CB  . ILE A 1 69  ? -2.901  0.852   2.440   1.00 9.11  ? 110 ILE A CB  1 
ATOM   617  C CG1 . ILE A 1 69  ? -2.511  0.761   0.966   1.00 9.12  ? 110 ILE A CG1 1 
ATOM   618  C CG2 . ILE A 1 69  ? -3.632  -0.410  2.893   1.00 9.97  ? 110 ILE A CG2 1 
ATOM   619  C CD1 . ILE A 1 69  ? -1.481  -0.279  0.626   1.00 9.92  ? 110 ILE A CD1 1 
ATOM   620  N N   . LYS A 1 70  ? -3.406  2.400   5.167   1.00 9.19  ? 111 LYS A N   1 
ATOM   621  C CA  . LYS A 1 70  ? -3.851  2.400   6.563   1.00 9.97  ? 111 LYS A CA  1 
ATOM   622  C C   . LYS A 1 70  ? -5.015  3.405   6.758   1.00 10.02 ? 111 LYS A C   1 
ATOM   623  O O   . LYS A 1 70  ? -6.032  3.099   7.371   1.00 10.28 ? 111 LYS A O   1 
ATOM   624  C CB  . LYS A 1 70  ? -2.677  2.726   7.456   1.00 11.37 ? 111 LYS A CB  1 
ATOM   625  C CG  . LYS A 1 70  ? -2.991  2.800   8.935   1.00 13.53 ? 111 LYS A CG  1 
ATOM   626  C CD  . LYS A 1 70  ? -1.681  2.991   9.706   1.00 15.76 ? 111 LYS A CD  1 
ATOM   627  C CE  . LYS A 1 70  ? -1.917  2.961   11.202  1.00 20.54 ? 111 LYS A CE  1 
ATOM   628  N NZ  . LYS A 1 70  ? -2.489  4.249   11.643  1.00 23.36 ? 111 LYS A NZ  1 
ATOM   629  N N   . LYS A 1 71  ? -4.880  4.600   6.200   1.00 9.47  ? 112 LYS A N   1 
ATOM   630  C CA  . LYS A 1 71  ? -5.905  5.674   6.314   1.00 10.76 ? 112 LYS A CA  1 
ATOM   631  C C   . LYS A 1 71  ? -7.188  5.241   5.589   1.00 10.63 ? 112 LYS A C   1 
ATOM   632  O O   . LYS A 1 71  ? -8.290  5.405   6.086   1.00 10.96 ? 112 LYS A O   1 
ATOM   633  C CB  . LYS A 1 71  ? -5.381  6.998   5.794   1.00 10.84 ? 112 LYS A CB  1 
ATOM   634  C CG  . LYS A 1 71  ? -4.314  7.618   6.718   1.00 13.26 ? 112 LYS A CG  1 
ATOM   635  C CD  . LYS A 1 71  ? -3.647  8.822   6.022   1.00 16.89 ? 112 LYS A CD  1 
ATOM   636  C CE  . LYS A 1 71  ? -2.613  9.514   6.929   1.00 21.81 ? 112 LYS A CE  1 
ATOM   637  N NZ  . LYS A 1 71  ? -2.197  10.728  6.148   1.00 25.12 ? 112 LYS A NZ  1 
ATOM   638  N N   . ARG A 1 72  ? -7.027  4.626   4.389   1.00 9.02  ? 113 ARG A N   1 
ATOM   639  C CA  . ARG A 1 72  ? -8.203  4.096   3.648   1.00 8.62  ? 113 ARG A CA  1 
ATOM   640  C C   . ARG A 1 72  ? -8.938  3.058   4.491   1.00 10.01 ? 113 ARG A C   1 
ATOM   641  O O   . ARG A 1 72  ? -10.172 3.079   4.611   1.00 10.37 ? 113 ARG A O   1 
ATOM   642  C CB  . ARG A 1 72  ? -7.790  3.496   2.337   1.00 8.41  ? 113 ARG A CB  1 
ATOM   643  C CG  . ARG A 1 72  ? -7.477  4.587   1.271   1.00 7.94  ? 113 ARG A CG  1 
ATOM   644  C CD  . ARG A 1 72  ? -7.028  4.023   -0.062  1.00 8.58  ? 113 ARG A CD  1 
ATOM   645  N NE  . ARG A 1 72  ? -6.833  5.101   -1.012  1.00 8.83  ? 113 ARG A NE  1 
ATOM   646  C CZ  . ARG A 1 72  ? -6.742  4.907   -2.304  1.00 10.18 ? 113 ARG A CZ  1 
ATOM   647  N NH1 . ARG A 1 72  ? -6.733  3.703   -2.861  1.00 10.77 ? 113 ARG A NH1 1 
ATOM   648  N NH2 . ARG A 1 72  ? -6.714  5.969   -3.074  1.00 10.82 ? 113 ARG A NH2 1 
ATOM   649  N N   . LEU A 1 73  ? -8.216  2.107   5.091   1.00 9.19  ? 114 LEU A N   1 
ATOM   650  C CA  . LEU A 1 73  ? -8.892  1.120   5.957   1.00 10.05 ? 114 LEU A CA  1 
ATOM   651  C C   . LEU A 1 73  ? -9.518  1.788   7.178   1.00 10.72 ? 114 LEU A C   1 
ATOM   652  O O   . LEU A 1 73  ? -10.672 1.475   7.515   1.00 12.73 ? 114 LEU A O   1 
ATOM   653  C CB  . LEU A 1 73  ? -7.923  0.072   6.401   1.00 9.74  ? 114 LEU A CB  1 
ATOM   654  C CG  . LEU A 1 73  ? -7.455  -0.912  5.341   1.00 10.90 ? 114 LEU A CG  1 
ATOM   655  C CD1 . LEU A 1 73  ? -6.163  -1.638  5.741   1.00 10.87 ? 114 LEU A CD1 1 
ATOM   656  C CD2 . LEU A 1 73  ? -8.513  -1.903  4.998   1.00 11.77 ? 114 LEU A CD2 1 
ATOM   657  N N   . GLU A 1 74  ? -8.789  2.679   7.840   1.00 10.89 ? 115 GLU A N   1 
ATOM   658  C CA  . GLU A 1 74  ? -9.384  3.371   9.046   1.00 12.24 ? 115 GLU A CA  1 
ATOM   659  C C   . GLU A 1 74  ? -10.562 4.212   8.714   1.00 13.19 ? 115 GLU A C   1 
ATOM   660  O O   . GLU A 1 74  ? -11.463 4.320   9.554   1.00 15.83 ? 115 GLU A O   1 
ATOM   661  C CB  . GLU A 1 74  ? -8.324  4.173   9.682   1.00 12.96 ? 115 GLU A CB  1 
ATOM   662  C CG  . GLU A 1 74  ? -7.209  3.372   10.338  1.00 15.28 ? 115 GLU A CG  1 
ATOM   663  C CD  . GLU A 1 74  ? -5.992  4.295   10.708  1.00 16.76 ? 115 GLU A CD  1 
ATOM   664  O OE1 . GLU A 1 74  ? -5.699  5.424   10.129  1.00 21.54 ? 115 GLU A OE1 1 
ATOM   665  O OE2 . GLU A 1 74  ? -5.256  3.675   11.461  1.00 22.75 ? 115 GLU A OE2 1 
ATOM   666  N N   . ASN A 1 75  ? -10.622 4.787   7.540   1.00 11.67 ? 116 ASN A N   1 
ATOM   667  C CA  . ASN A 1 75  ? -11.728 5.682   7.084   1.00 11.90 ? 116 ASN A CA  1 
ATOM   668  C C   . ASN A 1 75  ? -12.842 4.880   6.474   1.00 12.60 ? 116 ASN A C   1 
ATOM   669  O O   . ASN A 1 75  ? -13.835 5.525   6.040   1.00 14.04 ? 116 ASN A O   1 
ATOM   670  C CB  . ASN A 1 75  ? -11.203 6.669   6.036   1.00 12.78 ? 116 ASN A CB  1 
ATOM   671  C CG  . ASN A 1 75  ? -10.286 7.747   6.611   1.00 13.66 ? 116 ASN A CG  1 
ATOM   672  O OD1 . ASN A 1 75  ? -10.133 7.925   7.858   1.00 16.81 ? 116 ASN A OD1 1 
ATOM   673  N ND2 . ASN A 1 75  ? -9.618  8.451   5.754   1.00 14.35 ? 116 ASN A ND2 1 
ATOM   674  N N   . ASN A 1 76  ? -12.746 3.563   6.371   1.00 13.27 ? 117 ASN A N   1 
ATOM   675  C CA  . ASN A 1 76  ? -13.693 2.713   5.682   1.00 14.24 ? 117 ASN A CA  1 
ATOM   676  C C   . ASN A 1 76  ? -13.909 3.210   4.299   1.00 14.42 ? 117 ASN A C   1 
ATOM   677  O O   . ASN A 1 76  ? -15.042 3.213   3.755   1.00 15.73 ? 117 ASN A O   1 
ATOM   678  C CB  . ASN A 1 76  ? -15.014 2.670   6.467   1.00 18.23 ? 117 ASN A CB  1 
ATOM   679  C CG  . ASN A 1 76  ? -14.849 1.943   7.787   1.00 23.28 ? 117 ASN A CG  1 
ATOM   680  O OD1 . ASN A 1 76  ? -14.234 0.834   7.895   1.00 23.68 ? 117 ASN A OD1 1 
ATOM   681  N ND2 . ASN A 1 76  ? -15.411 2.547   8.804   1.00 29.89 ? 117 ASN A ND2 1 
ATOM   682  N N   . TYR A 1 77  ? -12.819 3.500   3.582   1.00 9.72  ? 118 TYR A N   1 
ATOM   683  C CA  . TYR A 1 77  ? -12.859 3.979   2.235   1.00 10.34 ? 118 TYR A CA  1 
ATOM   684  C C   . TYR A 1 77  ? -13.267 2.926   1.173   1.00 9.81  ? 118 TYR A C   1 
ATOM   685  O O   . TYR A 1 77  ? -13.885 3.259   0.126   1.00 10.16 ? 118 TYR A O   1 
ATOM   686  C CB  . TYR A 1 77  ? -11.493 4.574   1.854   1.00 10.16 ? 118 TYR A CB  1 
ATOM   687  C CG  . TYR A 1 77  ? -11.236 4.955   0.429   1.00 9.88  ? 118 TYR A CG  1 
ATOM   688  C CD1 . TYR A 1 77  ? -11.587 6.224   -0.023  1.00 10.04 ? 118 TYR A CD1 1 
ATOM   689  C CD2 . TYR A 1 77  ? -10.697 4.073   -0.471  1.00 10.64 ? 118 TYR A CD2 1 
ATOM   690  C CE1 . TYR A 1 77  ? -11.360 6.619   -1.289  1.00 10.58 ? 118 TYR A CE1 1 
ATOM   691  C CE2 . TYR A 1 77  ? -10.396 4.503   -1.778  1.00 10.88 ? 118 TYR A CE2 1 
ATOM   692  C CZ  . TYR A 1 77  ? -10.770 5.790   -2.183  1.00 10.04 ? 118 TYR A CZ  1 
ATOM   693  O OH  . TYR A 1 77  ? -10.510 6.215   -3.487  1.00 12.85 ? 118 TYR A OH  1 
ATOM   694  N N   . TYR A 1 78  ? -12.899 1.695   1.423   1.00 9.58  ? 119 TYR A N   1 
ATOM   695  C CA  . TYR A 1 78  ? -13.089 0.599   0.467   1.00 9.29  ? 119 TYR A CA  1 
ATOM   696  C C   . TYR A 1 78  ? -14.525 0.053   0.586   1.00 10.03 ? 119 TYR A C   1 
ATOM   697  O O   . TYR A 1 78  ? -15.148 0.058   1.613   1.00 11.28 ? 119 TYR A O   1 
ATOM   698  C CB  . TYR A 1 78  ? -12.085 -0.507  0.776   1.00 10.25 ? 119 TYR A CB  1 
ATOM   699  C CG  . TYR A 1 78  ? -10.618 -0.125  0.684   1.00 9.61  ? 119 TYR A CG  1 
ATOM   700  C CD1 . TYR A 1 78  ? -10.027 0.214   -0.529  1.00 9.69  ? 119 TYR A CD1 1 
ATOM   701  C CD2 . TYR A 1 78  ? -9.821  -0.169  1.802   1.00 9.56  ? 119 TYR A CD2 1 
ATOM   702  C CE1 . TYR A 1 78  ? -8.675  0.491   -0.635  1.00 9.66  ? 119 TYR A CE1 1 
ATOM   703  C CE2 . TYR A 1 78  ? -8.479  0.131   1.688   1.00 9.68  ? 119 TYR A CE2 1 
ATOM   704  C CZ  . TYR A 1 78  ? -7.914  0.407   0.504   1.00 10.08 ? 119 TYR A CZ  1 
ATOM   705  O OH  . TYR A 1 78  ? -6.557  0.621   0.405   1.00 10.62 ? 119 TYR A OH  1 
ATOM   706  N N   . TRP A 1 79  ? -14.925 -0.477  -0.565  1.00 9.65  ? 120 TRP A N   1 
ATOM   707  C CA  . TRP A 1 79  ? -16.075 -1.390  -0.622  1.00 9.53  ? 120 TRP A CA  1 
ATOM   708  C C   . TRP A 1 79  ? -15.707 -2.835  -0.455  1.00 9.42  ? 120 TRP A C   1 
ATOM   709  O O   . TRP A 1 79  ? -16.462 -3.615  0.105   1.00 10.00 ? 120 TRP A O   1 
ATOM   710  C CB  . TRP A 1 79  ? -16.797 -1.181  -1.929  1.00 9.55  ? 120 TRP A CB  1 
ATOM   711  C CG  . TRP A 1 79  ? -18.163 -1.925  -2.004  1.00 8.82  ? 120 TRP A CG  1 
ATOM   712  C CD1 . TRP A 1 79  ? -18.447 -3.122  -2.650  1.00 10.64 ? 120 TRP A CD1 1 
ATOM   713  C CD2 . TRP A 1 79  ? -19.381 -1.453  -1.449  1.00 9.58  ? 120 TRP A CD2 1 
ATOM   714  N NE1 . TRP A 1 79  ? -19.766 -3.388  -2.481  1.00 10.57 ? 120 TRP A NE1 1 
ATOM   715  C CE2 . TRP A 1 79  ? -20.371 -2.394  -1.746  1.00 9.94  ? 120 TRP A CE2 1 
ATOM   716  C CE3 . TRP A 1 79  ? -19.743 -0.326  -0.720  1.00 9.80  ? 120 TRP A CE3 1 
ATOM   717  C CZ2 . TRP A 1 79  ? -21.685 -2.223  -1.356  1.00 10.45 ? 120 TRP A CZ2 1 
ATOM   718  C CZ3 . TRP A 1 79  ? -21.042 -0.195  -0.291  1.00 9.47  ? 120 TRP A CZ3 1 
ATOM   719  C CH2 . TRP A 1 79  ? -22.041 -1.114  -0.627  1.00 10.09 ? 120 TRP A CH2 1 
ATOM   720  N N   . ASN A 1 80  ? -14.599 -3.236  -1.031  1.00 9.65  ? 121 ASN A N   1 
ATOM   721  C CA  . ASN A 1 80  ? -14.184 -4.648  -0.927  1.00 9.42  ? 121 ASN A CA  1 
ATOM   722  C C   . ASN A 1 80  ? -12.690 -4.842  -0.714  1.00 9.66  ? 121 ASN A C   1 
ATOM   723  O O   . ASN A 1 80  ? -11.900 -3.902  -0.874  1.00 10.80 ? 121 ASN A O   1 
ATOM   724  C CB  . ASN A 1 80  ? -14.708 -5.439  -2.146  1.00 9.91  ? 121 ASN A CB  1 
ATOM   725  C CG  . ASN A 1 80  ? -14.068 -5.051  -3.424  1.00 11.42 ? 121 ASN A CG  1 
ATOM   726  O OD1 . ASN A 1 80  ? -12.867 -4.924  -3.501  1.00 12.14 ? 121 ASN A OD1 1 
ATOM   727  N ND2 . ASN A 1 80  ? -14.825 -4.989  -4.522  1.00 12.45 ? 121 ASN A ND2 1 
ATOM   728  N N   . ALA A 1 81  ? -12.312 -6.018  -0.266  1.00 9.82  ? 122 ALA A N   1 
ATOM   729  C CA  . ALA A 1 81  ? -10.923 -6.284  0.061   1.00 9.66  ? 122 ALA A CA  1 
ATOM   730  C C   . ALA A 1 81  ? -10.092 -6.314  -1.149  1.00 10.78 ? 122 ALA A C   1 
ATOM   731  O O   . ALA A 1 81  ? -8.902  -5.964  -1.059  1.00 10.05 ? 122 ALA A O   1 
ATOM   732  C CB  . ALA A 1 81  ? -10.883 -7.615  0.752   1.00 10.32 ? 122 ALA A CB  1 
ATOM   733  N N   . GLN A 1 82  ? -10.607 -6.670  -2.310  1.00 10.74 ? 123 GLN A N   1 
ATOM   734  C CA  . GLN A 1 82  ? -9.786  -6.672  -3.551  1.00 10.53 ? 123 GLN A CA  1 
ATOM   735  C C   . GLN A 1 82  ? -9.263  -5.272  -3.869  1.00 10.20 ? 123 GLN A C   1 
ATOM   736  O O   . GLN A 1 82  ? -8.092  -5.126  -4.340  1.00 10.02 ? 123 GLN A O   1 
ATOM   737  C CB  . GLN A 1 82  ? -10.598 -7.184  -4.732  1.00 12.14 ? 123 GLN A CB  1 
ATOM   738  C CG  . GLN A 1 82  ? -9.864  -7.216  -6.053  1.00 16.01 ? 123 GLN A CG  1 
ATOM   739  C CD  . GLN A 1 82  ? -8.546  -7.980  -6.139  1.00 20.08 ? 123 GLN A CD  1 
ATOM   740  O OE1 . GLN A 1 82  ? -7.746  -7.639  -7.101  1.00 25.52 ? 123 GLN A OE1 1 
ATOM   741  N NE2 . GLN A 1 82  ? -8.336  -8.990  -5.337  1.00 16.97 ? 123 GLN A NE2 1 
ATOM   742  N N   . GLU A 1 83  ? -10.019 -4.249  -3.567  1.00 9.04  ? 124 GLU A N   1 
ATOM   743  C CA  . GLU A 1 83  ? -9.466  -2.840  -3.786  1.00 9.71  ? 124 GLU A CA  1 
ATOM   744  C C   . GLU A 1 83  ? -8.249  -2.639  -2.935  1.00 9.38  ? 124 GLU A C   1 
ATOM   745  O O   . GLU A 1 83  ? -7.277  -1.968  -3.378  1.00 9.09  ? 124 GLU A O   1 
ATOM   746  C CB  . GLU A 1 83  ? -10.496 -1.787  -3.336  1.00 10.97 ? 124 GLU A CB  1 
ATOM   747  C CG  . GLU A 1 83  ? -11.770 -1.693  -4.207  1.00 11.38 ? 124 GLU A CG  1 
ATOM   748  C CD  . GLU A 1 83  ? -12.669 -0.677  -3.527  1.00 12.12 ? 124 GLU A CD  1 
ATOM   749  O OE1 . GLU A 1 83  ? -13.451 -1.066  -2.681  1.00 13.79 ? 124 GLU A OE1 1 
ATOM   750  O OE2 . GLU A 1 83  ? -12.492 0.554   -3.770  1.00 16.34 ? 124 GLU A OE2 1 
ATOM   751  N N   . CYS A 1 84  ? -8.262  -3.107  -1.697  1.00 9.20  ? 125 CYS A N   1 
ATOM   752  C CA  . CYS A 1 84  ? -7.108  -2.949  -0.766  1.00 9.01  ? 125 CYS A CA  1 
ATOM   753  C C   . CYS A 1 84  ? -5.950  -3.771  -1.247  1.00 8.93  ? 125 CYS A C   1 
ATOM   754  O O   . CYS A 1 84  ? -4.782  -3.298  -1.293  1.00 10.37 ? 125 CYS A O   1 
ATOM   755  C CB  . CYS A 1 84  ? -7.607  -3.249  0.633   1.00 9.42  ? 125 CYS A CB  1 
ATOM   756  S SG  . CYS A 1 84  ? -6.270  -3.084  1.840   1.00 12.29 ? 125 CYS A SG  1 
ATOM   757  N N   . ILE A 1 85  ? -6.170  -5.033  -1.583  1.00 8.90  ? 126 ILE A N   1 
ATOM   758  C CA  . ILE A 1 85  ? -5.127  -5.889  -2.133  1.00 9.75  ? 126 ILE A CA  1 
ATOM   759  C C   . ILE A 1 85  ? -4.474  -5.300  -3.339  1.00 9.80  ? 126 ILE A C   1 
ATOM   760  O O   . ILE A 1 85  ? -3.235  -5.270  -3.499  1.00 10.19 ? 126 ILE A O   1 
ATOM   761  C CB  . ILE A 1 85  ? -5.690  -7.307  -2.436  1.00 11.63 ? 126 ILE A CB  1 
ATOM   762  C CG1 . ILE A 1 85  ? -6.049  -7.951  -1.104  1.00 12.45 ? 126 ILE A CG1 1 
ATOM   763  C CG2 . ILE A 1 85  ? -4.749  -8.174  -3.308  1.00 11.81 ? 126 ILE A CG2 1 
ATOM   764  C CD1 . ILE A 1 85  ? -6.973  -9.218  -1.246  1.00 14.68 ? 126 ILE A CD1 1 
ATOM   765  N N   . GLN A 1 86  ? -5.256  -4.693  -4.219  1.00 9.51  ? 127 GLN A N   1 
ATOM   766  C CA  . GLN A 1 86  ? -4.743  -4.002  -5.393  1.00 9.86  ? 127 GLN A CA  1 
ATOM   767  C C   . GLN A 1 86  ? -3.803  -2.842  -4.963  1.00 9.03  ? 127 GLN A C   1 
ATOM   768  O O   . GLN A 1 86  ? -2.762  -2.627  -5.613  1.00 9.94  ? 127 GLN A O   1 
ATOM   769  C CB  . GLN A 1 86  ? -5.857  -3.451  -6.275  1.00 11.55 ? 127 GLN A CB  1 
ATOM   770  C CG  . GLN A 1 86  ? -6.539  -4.514  -7.047  1.00 14.49 ? 127 GLN A CG  1 
ATOM   771  C CD  . GLN A 1 86  ? -7.808  -4.069  -7.768  1.00 16.57 ? 127 GLN A CD  1 
ATOM   772  O OE1 . GLN A 1 86  ? -8.112  -2.871  -8.013  1.00 22.66 ? 127 GLN A OE1 1 
ATOM   773  N NE2 . GLN A 1 86  ? -8.563  -5.067  -8.148  1.00 16.19 ? 127 GLN A NE2 1 
ATOM   774  N N   . ASP A 1 87  ? -4.186  -2.105  -3.925  1.00 8.48  ? 128 ASP A N   1 
ATOM   775  C CA  . ASP A 1 87  ? -3.275  -1.061  -3.486  1.00 8.58  ? 128 ASP A CA  1 
ATOM   776  C C   . ASP A 1 87  ? -1.938  -1.574  -2.987  1.00 8.51  ? 128 ASP A C   1 
ATOM   777  O O   . ASP A 1 87  ? -0.903  -0.984  -3.300  1.00 8.84  ? 128 ASP A O   1 
ATOM   778  C CB  . ASP A 1 87  ? -3.953  -0.194  -2.411  1.00 8.63  ? 128 ASP A CB  1 
ATOM   779  C CG  . ASP A 1 87  ? -5.063  0.724   -2.928  1.00 9.41  ? 128 ASP A CG  1 
ATOM   780  O OD1 . ASP A 1 87  ? -5.066  1.015   -4.119  1.00 11.62 ? 128 ASP A OD1 1 
ATOM   781  O OD2 . ASP A 1 87  ? -5.813  1.203   -2.038  1.00 11.13 ? 128 ASP A OD2 1 
ATOM   782  N N   . PHE A 1 88  ? -1.936  -2.648  -2.173  1.00 8.95  ? 129 PHE A N   1 
ATOM   783  C CA  . PHE A 1 88  ? -0.639  -3.224  -1.817  1.00 8.32  ? 129 PHE A CA  1 
ATOM   784  C C   . PHE A 1 88  ? 0.134   -3.641  -3.039  1.00 8.83  ? 129 PHE A C   1 
ATOM   785  O O   . PHE A 1 88  ? 1.328   -3.362  -3.152  1.00 9.46  ? 129 PHE A O   1 
ATOM   786  C CB  . PHE A 1 88  ? -0.831  -4.469  -0.929  1.00 10.18 ? 129 PHE A CB  1 
ATOM   787  C CG  . PHE A 1 88  ? -1.121  -4.188  0.506   1.00 10.49 ? 129 PHE A CG  1 
ATOM   788  C CD1 . PHE A 1 88  ? -0.048  -3.945  1.394   1.00 11.24 ? 129 PHE A CD1 1 
ATOM   789  C CD2 . PHE A 1 88  ? -2.350  -4.187  1.031   1.00 11.61 ? 129 PHE A CD2 1 
ATOM   790  C CE1 . PHE A 1 88  ? -0.256  -3.712  2.730   1.00 11.90 ? 129 PHE A CE1 1 
ATOM   791  C CE2 . PHE A 1 88  ? -2.584  -3.923  2.398   1.00 11.50 ? 129 PHE A CE2 1 
ATOM   792  C CZ  . PHE A 1 88  ? -1.507  -3.709  3.235   1.00 12.09 ? 129 PHE A CZ  1 
ATOM   793  N N   . ASN A 1 89  ? -0.498  -4.308  -4.006  1.00 9.04  ? 130 ASN A N   1 
ATOM   794  C CA  A ASN A 1 89  ? 0.187   -4.705  -5.222  0.70 10.04 ? 130 ASN A CA  1 
ATOM   795  C CA  B ASN A 1 89  ? 0.144   -4.714  -5.199  0.30 10.08 ? 130 ASN A CA  1 
ATOM   796  C C   . ASN A 1 89  ? 0.770   -3.523  -5.977  1.00 9.64  ? 130 ASN A C   1 
ATOM   797  O O   . ASN A 1 89  ? 1.891   -3.617  -6.472  1.00 10.89 ? 130 ASN A O   1 
ATOM   798  C CB  A ASN A 1 89  ? -0.677  -5.540  -6.170  0.70 11.15 ? 130 ASN A CB  1 
ATOM   799  C CB  B ASN A 1 89  ? -0.888  -5.466  -6.012  0.30 11.06 ? 130 ASN A CB  1 
ATOM   800  C CG  A ASN A 1 89  ? -0.935  -6.925  -5.642  0.70 13.71 ? 130 ASN A CG  1 
ATOM   801  C CG  B ASN A 1 89  ? -0.288  -6.129  -7.195  0.30 12.85 ? 130 ASN A CG  1 
ATOM   802  O OD1 A ASN A 1 89  ? -0.253  -7.410  -4.766  0.70 17.11 ? 130 ASN A OD1 1 
ATOM   803  O OD1 B ASN A 1 89  ? 0.590   -6.994  -7.052  0.30 14.92 ? 130 ASN A OD1 1 
ATOM   804  N ND2 A ASN A 1 89  ? -2.007  -7.494  -6.096  0.70 14.60 ? 130 ASN A ND2 1 
ATOM   805  N ND2 B ASN A 1 89  ? -0.785  -5.798  -8.352  0.30 13.72 ? 130 ASN A ND2 1 
ATOM   806  N N   . THR A 1 90  ? 0.030   -2.406  -6.028  1.00 9.11  ? 131 THR A N   1 
ATOM   807  C CA  . THR A 1 90  ? 0.546   -1.210  -6.681  1.00 9.03  ? 131 THR A CA  1 
ATOM   808  C C   . THR A 1 90  ? 1.791   -0.713  -6.028  1.00 8.83  ? 131 THR A C   1 
ATOM   809  O O   . THR A 1 90  ? 2.758   -0.359  -6.646  1.00 9.10  ? 131 THR A O   1 
ATOM   810  C CB  . THR A 1 90  ? -0.533  -0.107  -6.696  1.00 9.70  ? 131 THR A CB  1 
ATOM   811  O OG1 . THR A 1 90  ? -1.654  -0.584  -7.461  1.00 11.96 ? 131 THR A OG1 1 
ATOM   812  C CG2 . THR A 1 90  ? 0.006   1.207   -7.248  1.00 10.94 ? 131 THR A CG2 1 
ATOM   813  N N   . MET A 1 91  ? 1.753   -0.651  -4.686  1.00 8.47  ? 132 MET A N   1 
ATOM   814  C CA  . MET A 1 91  ? 2.952   -0.231  -3.919  1.00 9.36  ? 132 MET A CA  1 
ATOM   815  C C   . MET A 1 91  ? 4.160   -1.062  -4.207  1.00 9.13  ? 132 MET A C   1 
ATOM   816  O O   . MET A 1 91  ? 5.210   -0.493  -4.482  1.00 10.19 ? 132 MET A O   1 
ATOM   817  C CB  . MET A 1 91  ? 2.571   -0.272  -2.440  1.00 9.62  ? 132 MET A CB  1 
ATOM   818  C CG  . MET A 1 91  ? 3.741   0.063   -1.500  1.00 10.00 ? 132 MET A CG  1 
ATOM   819  S SD  . MET A 1 91  ? 3.284   -0.111  0.211   1.00 11.40 ? 132 MET A SD  1 
ATOM   820  C CE  . MET A 1 91  ? 3.372   -1.885  0.352   1.00 13.60 ? 132 MET A CE  1 
ATOM   821  N N   . PHE A 1 92  ? 4.018   -2.384  -4.183  1.00 9.35  ? 133 PHE A N   1 
ATOM   822  C CA  . PHE A 1 92  ? 5.196   -3.186  -4.490  1.00 10.48 ? 133 PHE A CA  1 
ATOM   823  C C   . PHE A 1 92  ? 5.649   -2.977  -5.927  1.00 9.89  ? 133 PHE A C   1 
ATOM   824  O O   . PHE A 1 92  ? 6.868   -2.875  -6.190  1.00 10.32 ? 133 PHE A O   1 
ATOM   825  C CB  . PHE A 1 92  ? 4.874   -4.673  -4.238  1.00 10.50 ? 133 PHE A CB  1 
ATOM   826  C CG  . PHE A 1 92  ? 4.519   -4.994  -2.810  1.00 12.34 ? 133 PHE A CG  1 
ATOM   827  C CD1 . PHE A 1 92  ? 5.399   -4.663  -1.803  1.00 13.07 ? 133 PHE A CD1 1 
ATOM   828  C CD2 . PHE A 1 92  ? 3.317   -5.600  -2.450  1.00 11.57 ? 133 PHE A CD2 1 
ATOM   829  C CE1 . PHE A 1 92  ? 5.109   -4.900  -0.478  1.00 14.75 ? 133 PHE A CE1 1 
ATOM   830  C CE2 . PHE A 1 92  ? 3.061   -5.915  -1.090  1.00 13.00 ? 133 PHE A CE2 1 
ATOM   831  C CZ  . PHE A 1 92  ? 3.950   -5.541  -0.160  1.00 13.49 ? 133 PHE A CZ  1 
ATOM   832  N N   . THR A 1 93  ? 4.696   -2.983  -6.853  1.00 10.25 ? 134 THR A N   1 
ATOM   833  C CA  . THR A 1 93  ? 5.015   -2.872  -8.301  1.00 11.44 ? 134 THR A CA  1 
ATOM   834  C C   . THR A 1 93  ? 5.831   -1.597  -8.534  1.00 10.64 ? 134 THR A C   1 
ATOM   835  O O   . THR A 1 93  ? 6.819   -1.562  -9.259  1.00 10.34 ? 134 THR A O   1 
ATOM   836  C CB  . THR A 1 93  ? 3.744   -2.815  -9.160  1.00 12.74 ? 134 THR A CB  1 
ATOM   837  O OG1 . THR A 1 93  ? 3.085   -4.042  -8.987  1.00 15.96 ? 134 THR A OG1 1 
ATOM   838  C CG2 . THR A 1 93  ? 4.083   -2.654  -10.642 1.00 14.69 ? 134 THR A CG2 1 
ATOM   839  N N   . ASN A 1 94  ? 5.387   -0.492  -7.920  1.00 9.70  ? 135 ASN A N   1 
ATOM   840  C CA  . ASN A 1 94  ? 6.071   0.813   -8.116  1.00 9.08  ? 135 ASN A CA  1 
ATOM   841  C C   . ASN A 1 94  ? 7.522   0.722   -7.687  1.00 9.83  ? 135 ASN A C   1 
ATOM   842  O O   . ASN A 1 94  ? 8.438   1.237   -8.357  1.00 9.68  ? 135 ASN A O   1 
ATOM   843  C CB  . ASN A 1 94  ? 5.374   1.944   -7.342  1.00 9.27  ? 135 ASN A CB  1 
ATOM   844  C CG  . ASN A 1 94  ? 4.018   2.262   -7.860  1.00 10.34 ? 135 ASN A CG  1 
ATOM   845  O OD1 . ASN A 1 94  ? 3.660   1.921   -8.984  1.00 11.90 ? 135 ASN A OD1 1 
ATOM   846  N ND2 . ASN A 1 94  ? 3.277   2.976   -7.029  1.00 10.36 ? 135 ASN A ND2 1 
ATOM   847  N N   . CYS A 1 95  ? 7.749   0.092   -6.527  1.00 10.10 ? 136 CYS A N   1 
ATOM   848  C CA  . CYS A 1 95  ? 9.141   -0.082  -6.095  1.00 10.15 ? 136 CYS A CA  1 
ATOM   849  C C   . CYS A 1 95  ? 9.952   -0.858  -7.084  1.00 8.92  ? 136 CYS A C   1 
ATOM   850  O O   . CYS A 1 95  ? 11.136  -0.482  -7.345  1.00 10.87 ? 136 CYS A O   1 
ATOM   851  C CB  . CYS A 1 95  ? 9.075   -0.751  -4.706  1.00 9.75  ? 136 CYS A CB  1 
ATOM   852  S SG  . CYS A 1 95  ? 10.690  -0.824  -3.897  1.00 12.77 ? 136 CYS A SG  1 
ATOM   853  N N   . TYR A 1 96  ? 9.401   -1.944  -7.630  1.00 9.22  ? 137 TYR A N   1 
ATOM   854  C CA  . TYR A 1 96  ? 10.132  -2.768  -8.595  1.00 10.98 ? 137 TYR A CA  1 
ATOM   855  C C   . TYR A 1 96  ? 10.339  -2.045  -9.912  1.00 12.37 ? 137 TYR A C   1 
ATOM   856  O O   . TYR A 1 96  ? 11.346  -2.329  -10.596 1.00 12.49 ? 137 TYR A O   1 
ATOM   857  C CB  . TYR A 1 96  ? 9.358   -4.034  -8.853  1.00 11.25 ? 137 TYR A CB  1 
ATOM   858  C CG  . TYR A 1 96  ? 8.991   -4.895  -7.628  1.00 10.31 ? 137 TYR A CG  1 
ATOM   859  C CD1 . TYR A 1 96  ? 9.725   -4.808  -6.462  1.00 11.66 ? 137 TYR A CD1 1 
ATOM   860  C CD2 . TYR A 1 96  ? 7.866   -5.639  -7.610  1.00 10.52 ? 137 TYR A CD2 1 
ATOM   861  C CE1 . TYR A 1 96  ? 9.417   -5.553  -5.349  1.00 12.21 ? 137 TYR A CE1 1 
ATOM   862  C CE2 . TYR A 1 96  ? 7.566   -6.422  -6.553  1.00 11.88 ? 137 TYR A CE2 1 
ATOM   863  C CZ  . TYR A 1 96  ? 8.339   -6.360  -5.414  1.00 12.57 ? 137 TYR A CZ  1 
ATOM   864  O OH  . TYR A 1 96  ? 8.036   -7.106  -4.258  1.00 15.14 ? 137 TYR A OH  1 
ATOM   865  N N   . ILE A 1 97  ? 9.429   -1.147  -10.338 1.00 11.49 ? 138 ILE A N   1 
ATOM   866  C CA  . ILE A 1 97  ? 9.593   -0.466  -11.622 1.00 12.16 ? 138 ILE A CA  1 
ATOM   867  C C   . ILE A 1 97  ? 10.661  0.611   -11.485 1.00 12.18 ? 138 ILE A C   1 
ATOM   868  O O   . ILE A 1 97  ? 11.457  0.799   -12.419 1.00 14.86 ? 138 ILE A O   1 
ATOM   869  C CB  . ILE A 1 97  ? 8.282   0.229   -12.002 1.00 15.71 ? 138 ILE A CB  1 
ATOM   870  C CG1 . ILE A 1 97  ? 7.319   -0.852  -12.471 1.00 18.54 ? 138 ILE A CG1 1 
ATOM   871  C CG2 . ILE A 1 97  ? 8.532   1.259   -13.091 1.00 17.65 ? 138 ILE A CG2 1 
ATOM   872  C CD1 . ILE A 1 97  ? 5.930   -0.223  -12.573 1.00 22.20 ? 138 ILE A CD1 1 
ATOM   873  N N   . TYR A 1 98  ? 10.678  1.371   -10.375 1.00 10.75 ? 139 TYR A N   1 
ATOM   874  C CA  . TYR A 1 98  ? 11.540  2.547   -10.271 1.00 11.60 ? 139 TYR A CA  1 
ATOM   875  C C   . TYR A 1 98  ? 12.953  2.154   -9.955  1.00 13.58 ? 139 TYR A C   1 
ATOM   876  O O   . TYR A 1 98  ? 13.878  2.783   -10.511 1.00 14.34 ? 139 TYR A O   1 
ATOM   877  C CB  . TYR A 1 98  ? 11.039  3.533   -9.244  1.00 12.47 ? 139 TYR A CB  1 
ATOM   878  C CG  . TYR A 1 98  ? 11.894  4.720   -9.120  1.00 12.86 ? 139 TYR A CG  1 
ATOM   879  C CD1 . TYR A 1 98  ? 11.809  5.720   -10.111 1.00 14.00 ? 139 TYR A CD1 1 
ATOM   880  C CD2 . TYR A 1 98  ? 12.831  4.841   -8.142  1.00 13.90 ? 139 TYR A CD2 1 
ATOM   881  C CE1 . TYR A 1 98  ? 12.654  6.785   -10.072 1.00 14.50 ? 139 TYR A CE1 1 
ATOM   882  C CE2 . TYR A 1 98  ? 13.684  5.918   -8.107  1.00 15.86 ? 139 TYR A CE2 1 
ATOM   883  C CZ  . TYR A 1 98  ? 13.565  6.880   -9.088  1.00 16.27 ? 139 TYR A CZ  1 
ATOM   884  O OH  . TYR A 1 98  ? 14.503  7.979   -9.007  1.00 20.04 ? 139 TYR A OH  1 
ATOM   885  N N   . ASN A 1 99  ? 13.176  1.113   -9.130  1.00 12.42 ? 140 ASN A N   1 
ATOM   886  C CA  . ASN A 1 99  ? 14.501  0.802   -8.628  1.00 13.09 ? 140 ASN A CA  1 
ATOM   887  C C   . ASN A 1 99  ? 15.103  -0.372  -9.391  1.00 15.27 ? 140 ASN A C   1 
ATOM   888  O O   . ASN A 1 99  ? 14.447  -1.239  -9.897  1.00 16.19 ? 140 ASN A O   1 
ATOM   889  C CB  . ASN A 1 99  ? 14.388  0.495   -7.142  1.00 13.29 ? 140 ASN A CB  1 
ATOM   890  C CG  . ASN A 1 99  ? 13.903  1.668   -6.346  1.00 13.12 ? 140 ASN A CG  1 
ATOM   891  O OD1 . ASN A 1 99  ? 14.631  2.641   -6.080  1.00 14.29 ? 140 ASN A OD1 1 
ATOM   892  N ND2 . ASN A 1 99  ? 12.639  1.630   -5.943  1.00 11.92 ? 140 ASN A ND2 1 
ATOM   893  N N   A LYS A 1 100 ? 16.419  -0.469  -9.314  0.50 17.88 ? 141 LYS A N   1 
ATOM   894  N N   B LYS A 1 100 ? 16.420  -0.465  -9.298  0.50 17.93 ? 141 LYS A N   1 
ATOM   895  C CA  A LYS A 1 100 ? 17.095  -1.587  -9.985  0.50 18.36 ? 141 LYS A CA  1 
ATOM   896  C CA  B LYS A 1 100 ? 17.140  -1.574  -9.938  0.50 18.59 ? 141 LYS A CA  1 
ATOM   897  C C   A LYS A 1 100 ? 16.924  -2.886  -9.211  0.50 18.54 ? 141 LYS A C   1 
ATOM   898  C C   B LYS A 1 100 ? 16.923  -2.893  -9.195  0.50 18.63 ? 141 LYS A C   1 
ATOM   899  O O   A LYS A 1 100 ? 16.848  -2.860  -7.984  0.50 18.28 ? 141 LYS A O   1 
ATOM   900  O O   B LYS A 1 100 ? 16.816  -2.888  -7.973  0.50 18.28 ? 141 LYS A O   1 
ATOM   901  C CB  A LYS A 1 100 ? 18.572  -1.254  -10.156 0.50 21.72 ? 141 LYS A CB  1 
ATOM   902  C CB  B LYS A 1 100 ? 18.632  -1.217  -9.958  0.50 21.68 ? 141 LYS A CB  1 
ATOM   903  C CG  A LYS A 1 100 ? 18.841  -0.293  -11.319 0.50 24.67 ? 141 LYS A CG  1 
ATOM   904  C CG  B LYS A 1 100 ? 18.970  -0.003  -10.830 0.50 25.50 ? 141 LYS A CG  1 
ATOM   905  C CD  A LYS A 1 100 ? 20.333  -0.277  -11.645 0.50 28.12 ? 141 LYS A CD  1 
ATOM   906  C CD  B LYS A 1 100 ? 20.481  0.280   -10.833 0.50 28.41 ? 141 LYS A CD  1 
ATOM   907  C CE  A LYS A 1 100 ? 21.173  -0.531  -10.393 0.50 28.79 ? 141 LYS A CE  1 
ATOM   908  C CE  B LYS A 1 100 ? 20.814  1.676   -11.300 0.50 30.11 ? 141 LYS A CE  1 
ATOM   909  N NZ  A LYS A 1 100 ? 22.599  -0.147  -10.598 0.50 28.47 ? 141 LYS A NZ  1 
ATOM   910  N NZ  B LYS A 1 100 ? 20.610  2.663   -10.200 0.50 30.36 ? 141 LYS A NZ  1 
ATOM   911  N N   . PRO A 1 101 ? 16.811  -4.013  -9.910  1.00 19.33 ? 142 PRO A N   1 
ATOM   912  C CA  . PRO A 1 101 ? 16.517  -5.257  -9.287  1.00 20.31 ? 142 PRO A CA  1 
ATOM   913  C C   . PRO A 1 101 ? 17.635  -5.527  -8.293  1.00 23.74 ? 142 PRO A C   1 
ATOM   914  O O   . PRO A 1 101 ? 18.769  -5.146  -8.526  1.00 27.68 ? 142 PRO A O   1 
ATOM   915  C CB  . PRO A 1 101 ? 16.564  -6.288  -10.428 1.00 22.77 ? 142 PRO A CB  1 
ATOM   916  C CG  . PRO A 1 101 ? 16.508  -5.492  -11.641 1.00 24.71 ? 142 PRO A CG  1 
ATOM   917  C CD  . PRO A 1 101 ? 16.916  -4.140  -11.378 1.00 21.29 ? 142 PRO A CD  1 
ATOM   918  N N   . GLY A 1 102 ? 17.348  -6.064  -7.148  1.00 20.95 ? 143 GLY A N   1 
ATOM   919  C CA  . GLY A 1 102 ? 18.593  -6.193  -6.259  1.00 25.84 ? 143 GLY A CA  1 
ATOM   920  C C   . GLY A 1 102 ? 19.178  -4.946  -5.545  1.00 23.93 ? 143 GLY A C   1 
ATOM   921  O O   . GLY A 1 102 ? 20.119  -5.082  -4.728  1.00 23.89 ? 143 GLY A O   1 
ATOM   922  N N   . ASP A 1 103 ? 18.640  -3.733  -5.739  1.00 20.20 ? 144 ASP A N   1 
ATOM   923  C CA  . ASP A 1 103 ? 18.797  -2.648  -4.761  1.00 17.50 ? 144 ASP A CA  1 
ATOM   924  C C   . ASP A 1 103 ? 18.212  -3.114  -3.406  1.00 16.05 ? 144 ASP A C   1 
ATOM   925  O O   . ASP A 1 103 ? 17.244  -3.885  -3.346  1.00 14.85 ? 144 ASP A O   1 
ATOM   926  C CB  . ASP A 1 103 ? 18.018  -1.377  -5.129  1.00 18.70 ? 144 ASP A CB  1 
ATOM   927  C CG  . ASP A 1 103 ? 18.689  -0.514  -6.179  1.00 25.26 ? 144 ASP A CG  1 
ATOM   928  O OD1 . ASP A 1 103 ? 19.846  -0.838  -6.566  1.00 24.59 ? 144 ASP A OD1 1 
ATOM   929  O OD2 . ASP A 1 103 ? 18.052  0.523   -6.584  1.00 25.12 ? 144 ASP A OD2 1 
ATOM   930  N N   . ASP A 1 104 ? 18.750  -2.632  -2.318  1.00 12.95 ? 145 ASP A N   1 
ATOM   931  C CA  . ASP A 1 104 ? 18.282  -3.042  -1.006  1.00 14.53 ? 145 ASP A CA  1 
ATOM   932  C C   . ASP A 1 104 ? 16.803  -2.722  -0.828  1.00 13.85 ? 145 ASP A C   1 
ATOM   933  O O   . ASP A 1 104 ? 16.082  -3.501  -0.239  1.00 12.39 ? 145 ASP A O   1 
ATOM   934  C CB  . ASP A 1 104 ? 19.086  -2.423  0.099   1.00 14.90 ? 145 ASP A CB  1 
ATOM   935  C CG  . ASP A 1 104 ? 20.420  -3.138  0.324   1.00 21.31 ? 145 ASP A CG  1 
ATOM   936  O OD1 . ASP A 1 104 ? 20.713  -4.267  -0.172  1.00 23.93 ? 145 ASP A OD1 1 
ATOM   937  O OD2 . ASP A 1 104 ? 21.198  -2.509  1.025   1.00 23.77 ? 145 ASP A OD2 1 
ATOM   938  N N   . ILE A 1 105 ? 16.350  -1.583  -1.320  1.00 12.48 ? 146 ILE A N   1 
ATOM   939  C CA  . ILE A 1 105 ? 14.922  -1.282  -1.153  1.00 11.70 ? 146 ILE A CA  1 
ATOM   940  C C   . ILE A 1 105 ? 14.015  -2.268  -1.850  1.00 12.30 ? 146 ILE A C   1 
ATOM   941  O O   . ILE A 1 105 ? 12.918  -2.540  -1.412  1.00 11.48 ? 146 ILE A O   1 
ATOM   942  C CB  . ILE A 1 105 ? 14.613  0.179   -1.622  1.00 12.65 ? 146 ILE A CB  1 
ATOM   943  C CG1 . ILE A 1 105 ? 13.216  0.662   -1.121  1.00 12.98 ? 146 ILE A CG1 1 
ATOM   944  C CG2 . ILE A 1 105 ? 14.741  0.321   -3.130  1.00 12.27 ? 146 ILE A CG2 1 
ATOM   945  C CD1 . ILE A 1 105 ? 13.019  0.719   0.395   1.00 14.03 ? 146 ILE A CD1 1 
ATOM   946  N N   . VAL A 1 106 ? 14.495  -2.798  -2.964  1.00 11.06 ? 147 VAL A N   1 
ATOM   947  C CA  . VAL A 1 106 ? 13.747  -3.816  -3.704  1.00 12.39 ? 147 VAL A CA  1 
ATOM   948  C C   . VAL A 1 106 ? 13.713  -5.157  -2.949  1.00 12.05 ? 147 VAL A C   1 
ATOM   949  O O   . VAL A 1 106 ? 12.643  -5.796  -2.853  1.00 12.49 ? 147 VAL A O   1 
ATOM   950  C CB  . VAL A 1 106 ? 14.331  -4.006  -5.110  1.00 11.75 ? 147 VAL A CB  1 
ATOM   951  C CG1 . VAL A 1 106 ? 13.733  -5.218  -5.841  1.00 13.17 ? 147 VAL A CG1 1 
ATOM   952  C CG2 . VAL A 1 106 ? 14.073  -2.698  -5.916  1.00 13.91 ? 147 VAL A CG2 1 
ATOM   953  N N   . LEU A 1 107 ? 14.859  -5.563  -2.388  1.00 12.40 ? 148 LEU A N   1 
ATOM   954  C CA  . LEU A 1 107 ? 14.887  -6.794  -1.622  1.00 13.11 ? 148 LEU A CA  1 
ATOM   955  C C   . LEU A 1 107 ? 14.011  -6.703  -0.425  1.00 12.94 ? 148 LEU A C   1 
ATOM   956  O O   . LEU A 1 107 ? 13.325  -7.664  -0.040  1.00 13.87 ? 148 LEU A O   1 
ATOM   957  C CB  . LEU A 1 107 ? 16.346  -7.097  -1.208  1.00 14.96 ? 148 LEU A CB  1 
ATOM   958  C CG  . LEU A 1 107 ? 17.314  -7.322  -2.337  1.00 18.40 ? 148 LEU A CG  1 
ATOM   959  C CD1 . LEU A 1 107 ? 18.678  -7.486  -1.671  1.00 21.26 ? 148 LEU A CD1 1 
ATOM   960  C CD2 . LEU A 1 107 ? 16.924  -8.536  -3.160  1.00 21.50 ? 148 LEU A CD2 1 
ATOM   961  N N   . MET A 1 108 ? 13.932  -5.532  0.161   1.00 12.58 ? 149 MET A N   1 
ATOM   962  C CA  . MET A 1 108 ? 13.034  -5.299  1.292   1.00 13.24 ? 149 MET A CA  1 
ATOM   963  C C   . MET A 1 108 ? 11.591  -5.367  0.883   1.00 12.60 ? 149 MET A C   1 
ATOM   964  O O   . MET A 1 108 ? 10.731  -6.030  1.533   1.00 13.55 ? 149 MET A O   1 
ATOM   965  C CB  . MET A 1 108 ? 13.385  -3.998  2.019   1.00 16.25 ? 149 MET A CB  1 
ATOM   966  C CG  . MET A 1 108 ? 14.797  -4.199  2.659   1.00 20.05 ? 149 MET A CG  1 
ATOM   967  S SD  . MET A 1 108 ? 15.342  -3.080  3.954   1.00 23.70 ? 149 MET A SD  1 
ATOM   968  C CE  . MET A 1 108 ? 16.958  -3.797  4.474   1.00 24.04 ? 149 MET A CE  1 
ATOM   969  N N   . ALA A 1 109 ? 11.247  -4.678  -0.187  1.00 11.00 ? 150 ALA A N   1 
ATOM   970  C CA  . ALA A 1 109 ? 9.868   -4.775  -0.739  1.00 10.78 ? 150 ALA A CA  1 
ATOM   971  C C   . ALA A 1 109 ? 9.521   -6.197  -1.052  1.00 11.06 ? 150 ALA A C   1 
ATOM   972  O O   . ALA A 1 109 ? 8.389   -6.644  -0.815  1.00 11.44 ? 150 ALA A O   1 
ATOM   973  C CB  . ALA A 1 109 ? 9.781   -3.934  -1.990  1.00 12.09 ? 150 ALA A CB  1 
ATOM   974  N N   . GLU A 1 110 ? 10.419  -6.951  -1.685  1.00 11.13 ? 151 GLU A N   1 
ATOM   975  C CA  . GLU A 1 110 ? 10.148  -8.410  -1.966  1.00 12.42 ? 151 GLU A CA  1 
ATOM   976  C C   . GLU A 1 110 ? 9.839   -9.197  -0.727  1.00 11.48 ? 151 GLU A C   1 
ATOM   977  O O   . GLU A 1 110 ? 8.935   -10.031 -0.773  1.00 12.32 ? 151 GLU A O   1 
ATOM   978  C CB  . GLU A 1 110 ? 11.274  -9.024  -2.710  1.00 14.16 ? 151 GLU A CB  1 
ATOM   979  C CG  . GLU A 1 110 ? 11.457  -8.497  -4.118  1.00 15.56 ? 151 GLU A CG  1 
ATOM   980  C CD  . GLU A 1 110 ? 12.705  -9.008  -4.879  1.00 23.71 ? 151 GLU A CD  1 
ATOM   981  O OE1 . GLU A 1 110 ? 12.669  -8.953  -6.116  1.00 27.90 ? 151 GLU A OE1 1 
ATOM   982  O OE2 . GLU A 1 110 ? 13.688  -9.422  -4.273  1.00 25.82 ? 151 GLU A OE2 1 
ATOM   983  N N   . ALA A 1 111 ? 10.537  -8.933  0.361   1.00 10.61 ? 152 ALA A N   1 
ATOM   984  C CA  . ALA A 1 111 ? 10.302  -9.602  1.610   1.00 10.91 ? 152 ALA A CA  1 
ATOM   985  C C   . ALA A 1 111 ? 8.977   -9.248  2.170   1.00 11.09 ? 152 ALA A C   1 
ATOM   986  O O   . ALA A 1 111 ? 8.244   -10.114 2.643   1.00 12.06 ? 152 ALA A O   1 
ATOM   987  C CB  . ALA A 1 111 ? 11.390  -9.361  2.660   1.00 12.31 ? 152 ALA A CB  1 
ATOM   988  N N   . LEU A 1 112 ? 8.595   -7.972  2.128   1.00 11.76 ? 153 LEU A N   1 
ATOM   989  C CA  . LEU A 1 112 ? 7.250   -7.576  2.595   1.00 11.10 ? 153 LEU A CA  1 
ATOM   990  C C   . LEU A 1 112 ? 6.164   -8.181  1.707   1.00 10.84 ? 153 LEU A C   1 
ATOM   991  O O   . LEU A 1 112 ? 5.135   -8.562  2.235   1.00 11.98 ? 153 LEU A O   1 
ATOM   992  C CB  . LEU A 1 112 ? 7.149   -6.043  2.571   1.00 11.94 ? 153 LEU A CB  1 
ATOM   993  C CG  . LEU A 1 112 ? 7.987   -5.321  3.615   1.00 12.33 ? 153 LEU A CG  1 
ATOM   994  C CD1 . LEU A 1 112 ? 7.915   -3.819  3.366   1.00 13.90 ? 153 LEU A CD1 1 
ATOM   995  C CD2 . LEU A 1 112 ? 7.426   -5.582  5.017   1.00 12.76 ? 153 LEU A CD2 1 
ATOM   996  N N   . GLU A 1 113 ? 6.387   -8.262  0.413   1.00 10.68 ? 154 GLU A N   1 
ATOM   997  C CA  . GLU A 1 113 ? 5.328   -8.832  -0.492  1.00 10.65 ? 154 GLU A CA  1 
ATOM   998  C C   . GLU A 1 113 ? 5.163   -10.318 -0.205  1.00 10.98 ? 154 GLU A C   1 
ATOM   999  O O   . GLU A 1 113 ? 4.066   -10.778 -0.200  1.00 12.10 ? 154 GLU A O   1 
ATOM   1000 C CB  . GLU A 1 113 ? 5.684   -8.602  -1.950  1.00 11.49 ? 154 GLU A CB  1 
ATOM   1001 C CG  . GLU A 1 113 ? 4.652   -9.135  -2.895  1.00 13.42 ? 154 GLU A CG  1 
ATOM   1002 C CD  . GLU A 1 113 ? 4.868   -8.828  -4.355  1.00 18.12 ? 154 GLU A CD  1 
ATOM   1003 O OE1 . GLU A 1 113 ? 6.006   -8.668  -4.765  1.00 20.35 ? 154 GLU A OE1 1 
ATOM   1004 O OE2 . GLU A 1 113 ? 3.832   -8.837  -5.062  1.00 25.83 ? 154 GLU A OE2 1 
ATOM   1005 N N   . LYS A 1 114 ? 6.260   -11.005 0.070   1.00 11.00 ? 155 LYS A N   1 
ATOM   1006 C CA  . LYS A 1 114 ? 6.169   -12.444 0.401   1.00 11.45 ? 155 LYS A CA  1 
ATOM   1007 C C   . LYS A 1 114 ? 5.354   -12.607 1.644   1.00 12.24 ? 155 LYS A C   1 
ATOM   1008 O O   . LYS A 1 114 ? 4.419   -13.453 1.703   1.00 13.61 ? 155 LYS A O   1 
ATOM   1009 C CB  . LYS A 1 114 ? 7.568   -13.012 0.508   1.00 13.82 ? 155 LYS A CB  1 
ATOM   1010 C CG  . LYS A 1 114 ? 7.561   -14.513 0.764   1.00 18.15 ? 155 LYS A CG  1 
ATOM   1011 C CD  . LYS A 1 114 ? 8.978   -15.050 0.884   1.00 23.50 ? 155 LYS A CD  1 
ATOM   1012 C CE  . LYS A 1 114 ? 8.865   -16.593 1.016   1.00 31.14 ? 155 LYS A CE  1 
ATOM   1013 N NZ  . LYS A 1 114 ? 10.141  -17.145 1.482   1.00 38.49 ? 155 LYS A NZ  1 
ATOM   1014 N N   . LEU A 1 115 ? 5.597   -11.808 2.670   1.00 10.86 ? 156 LEU A N   1 
ATOM   1015 C CA  . LEU A 1 115 ? 4.873   -11.841 3.904   1.00 12.05 ? 156 LEU A CA  1 
ATOM   1016 C C   . LEU A 1 115 ? 3.392   -11.503 3.717   1.00 11.99 ? 156 LEU A C   1 
ATOM   1017 O O   . LEU A 1 115 ? 2.466   -12.166 4.215   1.00 12.09 ? 156 LEU A O   1 
ATOM   1018 C CB  . LEU A 1 115 ? 5.577   -10.973 4.960   1.00 14.50 ? 156 LEU A CB  1 
ATOM   1019 C CG  . LEU A 1 115 ? 4.984   -10.918 6.330   1.00 16.67 ? 156 LEU A CG  1 
ATOM   1020 C CD1 . LEU A 1 115 ? 4.987   -12.336 6.867   1.00 18.70 ? 156 LEU A CD1 1 
ATOM   1021 C CD2 . LEU A 1 115 ? 5.815   -9.947  7.171   1.00 16.19 ? 156 LEU A CD2 1 
ATOM   1022 N N   . PHE A 1 116 ? 3.142   -10.452 2.928   1.00 10.57 ? 157 PHE A N   1 
ATOM   1023 C CA  . PHE A 1 116 ? 1.787   -10.079 2.565   1.00 11.08 ? 157 PHE A CA  1 
ATOM   1024 C C   . PHE A 1 116 ? 0.999   -11.237 1.937   1.00 10.44 ? 157 PHE A C   1 
ATOM   1025 O O   . PHE A 1 116 ? -0.092  -11.499 2.365   1.00 11.38 ? 157 PHE A O   1 
ATOM   1026 C CB  . PHE A 1 116 ? 1.867   -8.885  1.571   1.00 10.98 ? 157 PHE A CB  1 
ATOM   1027 C CG  . PHE A 1 116 ? 0.586   -8.513  0.890   1.00 11.71 ? 157 PHE A CG  1 
ATOM   1028 C CD1 . PHE A 1 116 ? -0.399  -7.915  1.556   1.00 11.57 ? 157 PHE A CD1 1 
ATOM   1029 C CD2 . PHE A 1 116 ? 0.450   -8.781  -0.447  1.00 13.94 ? 157 PHE A CD2 1 
ATOM   1030 C CE1 . PHE A 1 116 ? -1.609  -7.600  0.873   1.00 13.44 ? 157 PHE A CE1 1 
ATOM   1031 C CE2 . PHE A 1 116 ? -0.736  -8.415  -1.138  1.00 15.27 ? 157 PHE A CE2 1 
ATOM   1032 C CZ  . PHE A 1 116 ? -1.734  -7.849  -0.408  1.00 13.64 ? 157 PHE A CZ  1 
ATOM   1033 N N   . LEU A 1 117 ? 1.605   -11.848 0.962   1.00 11.61 ? 158 LEU A N   1 
ATOM   1034 C CA  . LEU A 1 117 ? 0.916   -12.980 0.321   1.00 12.91 ? 158 LEU A CA  1 
ATOM   1035 C C   . LEU A 1 117 ? 0.671   -14.121 1.283   1.00 12.95 ? 158 LEU A C   1 
ATOM   1036 O O   . LEU A 1 117 ? -0.406  -14.745 1.202   1.00 13.83 ? 158 LEU A O   1 
ATOM   1037 C CB  . LEU A 1 117 ? 1.668   -13.427 -0.887  1.00 14.47 ? 158 LEU A CB  1 
ATOM   1038 C CG  . LEU A 1 117 ? 1.684   -12.387 -2.001  1.00 17.63 ? 158 LEU A CG  1 
ATOM   1039 C CD1 . LEU A 1 117 ? 2.692   -12.723 -3.091  1.00 19.90 ? 158 LEU A CD1 1 
ATOM   1040 C CD2 . LEU A 1 117 ? 0.313   -12.243 -2.641  1.00 17.35 ? 158 LEU A CD2 1 
ATOM   1041 N N   . GLN A 1 118 ? 1.603   -14.414 2.175   1.00 12.74 ? 159 GLN A N   1 
ATOM   1042 C CA  . GLN A 1 118 ? 1.371   -15.443 3.197   1.00 14.56 ? 159 GLN A CA  1 
ATOM   1043 C C   . GLN A 1 118 ? 0.163   -15.112 3.994   1.00 13.82 ? 159 GLN A C   1 
ATOM   1044 O O   . GLN A 1 118 ? -0.705  -15.976 4.215   1.00 16.98 ? 159 GLN A O   1 
ATOM   1045 C CB  . GLN A 1 118 ? 2.606   -15.624 4.095   1.00 16.83 ? 159 GLN A CB  1 
ATOM   1046 C CG  . GLN A 1 118 ? 3.732   -16.298 3.336   1.00 19.89 ? 159 GLN A CG  1 
ATOM   1047 C CD  . GLN A 1 118 ? 5.067   -16.282 4.038   1.00 22.80 ? 159 GLN A CD  1 
ATOM   1048 O OE1 . GLN A 1 118 ? 5.277   -15.612 5.015   1.00 31.00 ? 159 GLN A OE1 1 
ATOM   1049 N NE2 . GLN A 1 118 ? 6.014   -16.962 3.428   1.00 26.86 ? 159 GLN A NE2 1 
ATOM   1050 N N   . LYS A 1 119 ? 0.033   -13.874 4.480   1.00 12.46 ? 160 LYS A N   1 
ATOM   1051 C CA  . LYS A 1 119 ? -1.055  -13.491 5.336   1.00 13.37 ? 160 LYS A CA  1 
ATOM   1052 C C   . LYS A 1 119 ? -2.393  -13.429 4.605   1.00 13.11 ? 160 LYS A C   1 
ATOM   1053 O O   . LYS A 1 119 ? -3.412  -13.746 5.249   1.00 15.62 ? 160 LYS A O   1 
ATOM   1054 C CB  . LYS A 1 119 ? -0.708  -12.214 6.081   1.00 15.71 ? 160 LYS A CB  1 
ATOM   1055 C CG  . LYS A 1 119 ? 0.552   -12.376 7.013   1.00 17.91 ? 160 LYS A CG  1 
ATOM   1056 C CD  . LYS A 1 119 ? 0.483   -13.617 7.889   1.00 20.65 ? 160 LYS A CD  1 
ATOM   1057 C CE  . LYS A 1 119 ? 1.602   -13.694 8.892   1.00 23.87 ? 160 LYS A CE  1 
ATOM   1058 N NZ  . LYS A 1 119 ? 1.518   -15.019 9.644   1.00 27.78 ? 160 LYS A NZ  1 
ATOM   1059 N N   . ILE A 1 120 ? -2.404  -13.023 3.355   1.00 12.86 ? 161 ILE A N   1 
ATOM   1060 C CA  . ILE A 1 120 ? -3.679  -12.922 2.737   1.00 14.46 ? 161 ILE A CA  1 
ATOM   1061 C C   . ILE A 1 120 ? -4.244  -14.317 2.382   1.00 15.54 ? 161 ILE A C   1 
ATOM   1062 O O   . ILE A 1 120 ? -5.480  -14.432 2.243   1.00 17.63 ? 161 ILE A O   1 
ATOM   1063 C CB  . ILE A 1 120 ? -3.766  -11.952 1.536   1.00 17.63 ? 161 ILE A CB  1 
ATOM   1064 C CG1 . ILE A 1 120 ? -2.911  -12.352 0.430   1.00 18.72 ? 161 ILE A CG1 1 
ATOM   1065 C CG2 . ILE A 1 120 ? -3.585  -10.480 1.971   1.00 20.26 ? 161 ILE A CG2 1 
ATOM   1066 C CD1 . ILE A 1 120 ? -3.207  -11.502 -0.804  1.00 20.76 ? 161 ILE A CD1 1 
ATOM   1067 N N   . ASN A 1 121 ? -3.419  -15.354 2.332   1.00 15.67 ? 162 ASN A N   1 
ATOM   1068 C CA  . ASN A 1 121 ? -4.002  -16.760 2.362   1.00 17.93 ? 162 ASN A CA  1 
ATOM   1069 C C   . ASN A 1 121 ? -4.840  -17.038 3.571   1.00 19.24 ? 162 ASN A C   1 
ATOM   1070 O O   . ASN A 1 121 ? -5.684  -17.991 3.538   1.00 21.97 ? 162 ASN A O   1 
ATOM   1071 C CB  . ASN A 1 121 ? -2.877  -17.739 2.289   1.00 19.35 ? 162 ASN A CB  1 
ATOM   1072 C CG  . ASN A 1 121 ? -2.268  -17.818 0.951   1.00 22.44 ? 162 ASN A CG  1 
ATOM   1073 O OD1 . ASN A 1 121 ? -2.797  -17.309 -0.067  1.00 22.56 ? 162 ASN A OD1 1 
ATOM   1074 N ND2 . ASN A 1 121 ? -1.150  -18.496 0.894   1.00 29.90 ? 162 ASN A ND2 1 
ATOM   1075 N N   . GLU A 1 122 ? -4.798  -16.315 4.629   1.00 19.15 ? 163 GLU A N   1 
ATOM   1076 C CA  . GLU A 1 122 ? -5.576  -16.630 5.799   1.00 23.89 ? 163 GLU A CA  1 
ATOM   1077 C C   . GLU A 1 122 ? -6.819  -15.747 5.845   1.00 19.03 ? 163 GLU A C   1 
ATOM   1078 O O   . GLU A 1 122 ? -7.541  -15.715 6.813   1.00 22.23 ? 163 GLU A O   1 
ATOM   1079 C CB  . GLU A 1 122 ? -4.805  -16.529 7.158   1.00 29.58 ? 163 GLU A CB  1 
ATOM   1080 C CG  . GLU A 1 122 ? -3.262  -16.581 7.198   1.00 35.96 ? 163 GLU A CG  1 
ATOM   1081 C CD  . GLU A 1 122 ? -2.583  -15.919 8.463   1.00 42.48 ? 163 GLU A CD  1 
ATOM   1082 O OE1 . GLU A 1 122 ? -3.238  -15.290 9.348   1.00 39.74 ? 163 GLU A OE1 1 
ATOM   1083 O OE2 . GLU A 1 122 ? -1.338  -16.033 8.584   1.00 48.48 ? 163 GLU A OE2 1 
ATOM   1084 N N   . LEU A 1 123 ? -7.077  -14.939 4.786   1.00 19.21 ? 164 LEU A N   1 
ATOM   1085 C CA  . LEU A 1 123 ? -8.377  -14.253 4.695   1.00 19.39 ? 164 LEU A CA  1 
ATOM   1086 C C   . LEU A 1 123 ? -9.558  -15.209 4.787   1.00 17.13 ? 164 LEU A C   1 
ATOM   1087 O O   . LEU A 1 123 ? -9.504  -16.303 4.227   1.00 17.90 ? 164 LEU A O   1 
ATOM   1088 C CB  . LEU A 1 123 ? -8.560  -13.439 3.378   1.00 22.00 ? 164 LEU A CB  1 
ATOM   1089 C CG  . LEU A 1 123 ? -7.902  -12.070 3.195   1.00 22.78 ? 164 LEU A CG  1 
ATOM   1090 C CD1 . LEU A 1 123 ? -8.041  -11.544 1.785   1.00 24.07 ? 164 LEU A CD1 1 
ATOM   1091 C CD2 . LEU A 1 123 ? -8.498  -11.056 4.093   1.00 22.79 ? 164 LEU A CD2 1 
ATOM   1092 N N   . PRO A 1 124 ? -10.588 -14.767 5.473   1.00 17.73 ? 165 PRO A N   1 
ATOM   1093 C CA  . PRO A 1 124 ? -11.835 -15.534 5.430   1.00 17.50 ? 165 PRO A CA  1 
ATOM   1094 C C   . PRO A 1 124 ? -12.202 -15.793 3.995   1.00 18.74 ? 165 PRO A C   1 
ATOM   1095 O O   . PRO A 1 124 ? -12.064 -14.920 3.112   1.00 18.19 ? 165 PRO A O   1 
ATOM   1096 C CB  . PRO A 1 124 ? -12.834 -14.645 6.097   1.00 20.67 ? 165 PRO A CB  1 
ATOM   1097 C CG  . PRO A 1 124 ? -11.999 -13.706 6.911   1.00 21.62 ? 165 PRO A CG  1 
ATOM   1098 C CD  . PRO A 1 124 ? -10.744 -13.507 6.228   1.00 19.57 ? 165 PRO A CD  1 
ATOM   1099 N N   . THR A 1 125 ? -12.648 -17.005 3.692   1.00 17.57 ? 166 THR A N   1 
ATOM   1100 C CA  . THR A 1 125 ? -12.731 -17.408 2.327   0.50 17.07 ? 166 THR A CA  1 
ATOM   1101 C C   . THR A 1 125 ? -13.795 -16.606 1.540   1.00 19.73 ? 166 THR A C   1 
ATOM   1102 O O   . THR A 1 125 ? -13.596 -16.225 0.383   1.00 20.91 ? 166 THR A O   1 
ATOM   1103 C CB  . THR A 1 125 ? -12.989 -18.919 2.307   1.00 25.90 ? 166 THR A CB  1 
ATOM   1104 O OG1 . THR A 1 125 ? -11.944 -19.596 3.075   1.00 24.36 ? 166 THR A OG1 1 
ATOM   1105 C CG2 . THR A 1 125 ? -12.967 -19.400 0.891   1.00 26.08 ? 166 THR A CG2 1 
ATOM   1106 N N   . GLU A 1 126 ? -14.933 -16.365 2.166   1.00 18.29 ? 167 GLU A N   1 
ATOM   1107 C CA  . GLU A 1 126 ? -16.016 -15.613 1.533   1.00 17.19 ? 167 GLU A CA  1 
ATOM   1108 C C   . GLU A 1 126 ? -16.106 -14.244 2.160   1.00 17.02 ? 167 GLU A C   1 
ATOM   1109 O O   . GLU A 1 126 ? -16.117 -14.116 3.362   1.00 18.86 ? 167 GLU A O   1 
ATOM   1110 C CB  . GLU A 1 126 ? -17.339 -16.325 1.737   1.00 21.98 ? 167 GLU A CB  1 
ATOM   1111 C CG  . GLU A 1 126 ? -18.481 -15.733 0.934   1.00 28.37 ? 167 GLU A CG  1 
ATOM   1112 C CD  . GLU A 1 126 ? -19.784 -16.485 1.142   1.00 37.01 ? 167 GLU A CD  1 
ATOM   1113 O OE1 . GLU A 1 126 ? -20.839 -15.937 0.727   1.00 48.66 ? 167 GLU A OE1 1 
ATOM   1114 O OE2 . GLU A 1 126 ? -19.732 -17.587 1.752   1.00 43.23 ? 167 GLU A OE2 1 
ATOM   1115 N N   . GLU A 1 127 ? -16.239 -13.218 1.327   1.00 14.93 ? 168 GLU A N   1 
ATOM   1116 C CA  . GLU A 1 127 ? -16.424 -11.850 1.816   1.00 14.39 ? 168 GLU A CA  1 
ATOM   1117 C C   . GLU A 1 127 ? -17.855 -11.627 2.128   1.00 14.94 ? 168 GLU A C   1 
ATOM   1118 O O   . GLU A 1 127 ? -18.701 -11.754 1.255   1.00 17.38 ? 168 GLU A O   1 
ATOM   1119 C CB  . GLU A 1 127 ? -15.911 -10.845 0.797   1.00 14.42 ? 168 GLU A CB  1 
ATOM   1120 C CG  . GLU A 1 127 ? -15.811 -9.403  1.317   1.00 13.43 ? 168 GLU A CG  1 
ATOM   1121 C CD  . GLU A 1 127 ? -14.943 -8.470  0.475   1.00 12.21 ? 168 GLU A CD  1 
ATOM   1122 O OE1 . GLU A 1 127 ? -14.382 -7.562  1.072   1.00 12.63 ? 168 GLU A OE1 1 
ATOM   1123 O OE2 . GLU A 1 127 ? -15.078 -8.588  -0.765  1.00 14.50 ? 168 GLU A OE2 1 
ATOM   1124 N N   . THR A 1 128 ? -18.106 -11.183 3.342   1.00 13.05 ? 169 THR A N   1 
ATOM   1125 C CA  . THR A 1 128 ? -19.434 -10.895 3.890   1.00 14.37 ? 169 THR A CA  1 
ATOM   1126 C C   . THR A 1 128 ? -19.458 -9.560  4.611   1.00 15.41 ? 169 THR A C   1 
ATOM   1127 O O   . THR A 1 128 ? -18.452 -9.116  5.174   1.00 14.83 ? 169 THR A O   1 
ATOM   1128 C CB  . THR A 1 128 ? -19.960 -11.974 4.822   1.00 16.94 ? 169 THR A CB  1 
ATOM   1129 O OG1 . THR A 1 128 ? -19.045 -12.117 5.925   1.00 20.71 ? 169 THR A OG1 1 
ATOM   1130 C CG2 . THR A 1 128 ? -19.968 -13.301 4.197   1.00 17.66 ? 169 THR A CG2 1 
ATOM   1131 N N   . GLU A 1 129 ? -20.613 -8.952  4.683   1.00 17.95 ? 170 GLU A N   1 
ATOM   1132 C CA  . GLU A 1 129 ? -20.827 -7.781  5.488   1.00 20.76 ? 170 GLU A CA  1 
ATOM   1133 C C   . GLU A 1 129 ? -20.789 -8.245  6.975   1.00 25.38 ? 170 GLU A C   1 
ATOM   1134 O O   . GLU A 1 129 ? -20.606 -7.404  7.883   1.00 32.56 ? 170 GLU A O   1 
ATOM   1135 C CB  . GLU A 1 129 ? -22.125 -6.989  5.027   1.00 23.60 ? 170 GLU A CB  1 
ATOM   1136 C CG  . GLU A 1 129 ? -23.399 -7.737  5.431   1.00 24.39 ? 170 GLU A CG  1 
ATOM   1137 C CD  . GLU A 1 129 ? -24.630 -6.930  5.137   1.00 22.67 ? 170 GLU A CD  1 
ATOM   1138 O OE1 . GLU A 1 129 ? -25.261 -7.122  4.071   1.00 20.25 ? 170 GLU A OE1 1 
ATOM   1139 O OE2 . GLU A 1 129 ? -24.938 -5.985  5.899   1.00 23.65 ? 170 GLU A OE2 1 
ATOM   1140 O OXT . GLU A 1 129 ? -20.879 -9.431  7.361   1.00 27.29 ? 170 GLU A OXT 1 
HETATM 1141 C C1  . FP7 B 2 .   ? 15.712  1.738   3.437   1.00 20.29 ? 201 FP7 A C1  1 
HETATM 1142 C C2  . FP7 B 2 .   ? 15.609  2.966   2.844   1.00 16.46 ? 201 FP7 A C2  1 
HETATM 1143 C C3  . FP7 B 2 .   ? 16.261  3.256   1.664   1.00 19.39 ? 201 FP7 A C3  1 
HETATM 1144 C C4  . FP7 B 2 .   ? 16.992  2.263   1.076   1.00 19.83 ? 201 FP7 A C4  1 
HETATM 1145 C C5  . FP7 B 2 .   ? 17.123  1.006   1.673   1.00 21.13 ? 201 FP7 A C5  1 
HETATM 1146 C C6  . FP7 B 2 .   ? 16.256  4.581   0.961   1.00 19.18 ? 201 FP7 A C6  1 
HETATM 1147 C C7  . FP7 B 2 .   ? 14.206  4.606   -0.398  1.00 18.22 ? 201 FP7 A C7  1 
HETATM 1148 C C12 . FP7 B 2 .   ? 12.190  4.477   -1.822  1.00 16.05 ? 201 FP7 A C12 1 
HETATM 1149 O O   . FP7 B 2 .   ? 14.895  6.337   2.572   1.00 24.01 ? 201 FP7 A O   1 
HETATM 1150 C C11 . FP7 B 2 .   ? 14.249  5.902   1.549   1.00 21.05 ? 201 FP7 A C11 1 
HETATM 1151 N N   . FP7 B 2 .   ? 14.864  5.037   0.653   1.00 17.95 ? 201 FP7 A N   1 
HETATM 1152 C C   . FP7 B 2 .   ? 16.497  0.723   2.833   1.00 19.85 ? 201 FP7 A C   1 
HETATM 1153 C C17 . FP7 B 2 .   ? 16.528  -0.677  3.438   1.00 23.99 ? 201 FP7 A C17 1 
HETATM 1154 O O2  . FP7 B 2 .   ? 17.901  -1.199  3.316   1.00 30.74 ? 201 FP7 A O2  1 
HETATM 1155 C C18 . FP7 B 2 .   ? 15.479  -1.780  2.897   1.00 20.50 ? 201 FP7 A C18 1 
HETATM 1156 C C10 . FP7 B 2 .   ? 12.912  6.218   1.327   1.00 18.22 ? 201 FP7 A C10 1 
HETATM 1157 C C9  . FP7 B 2 .   ? 12.223  5.811   0.209   1.00 20.74 ? 201 FP7 A C9  1 
HETATM 1158 C C8  . FP7 B 2 .   ? 12.885  4.965   -0.659  1.00 16.72 ? 201 FP7 A C8  1 
HETATM 1159 C C15 . FP7 B 2 .   ? 10.935  3.740   -1.996  1.00 15.99 ? 201 FP7 A C15 1 
HETATM 1160 C C16 . FP7 B 2 .   ? 10.028  3.349   -0.882  1.00 16.10 ? 201 FP7 A C16 1 
HETATM 1161 N N1  . FP7 B 2 .   ? 10.714  3.483   -3.282  1.00 16.83 ? 201 FP7 A N1  1 
HETATM 1162 O O1  . FP7 B 2 .   ? 11.763  3.985   -4.058  1.00 17.90 ? 201 FP7 A O1  1 
HETATM 1163 C C13 . FP7 B 2 .   ? 12.652  4.565   -3.200  1.00 16.64 ? 201 FP7 A C13 1 
HETATM 1164 C C14 . FP7 B 2 .   ? 13.871  5.170   -3.789  1.00 18.45 ? 201 FP7 A C14 1 
HETATM 1165 C C1  . EDO C 3 .   ? -17.822 12.733  -8.442  1.00 34.65 ? 202 EDO A C1  1 
HETATM 1166 O O1  . EDO C 3 .   ? -16.917 11.976  -7.621  1.00 36.78 ? 202 EDO A O1  1 
HETATM 1167 C C2  . EDO C 3 .   ? -19.121 11.923  -8.436  1.00 35.32 ? 202 EDO A C2  1 
HETATM 1168 O O2  . EDO C 3 .   ? -19.840 12.119  -7.203  1.00 26.75 ? 202 EDO A O2  1 
HETATM 1169 C C1  . EDO D 3 .   ? -16.107 8.595   3.121   1.00 25.37 ? 203 EDO A C1  1 
HETATM 1170 O O1  . EDO D 3 .   ? -17.161 8.296   2.092   1.00 27.28 ? 203 EDO A O1  1 
HETATM 1171 C C2  . EDO D 3 .   ? -14.926 7.580   3.209   1.00 22.07 ? 203 EDO A C2  1 
HETATM 1172 O O2  . EDO D 3 .   ? -14.328 7.648   1.941   1.00 14.73 ? 203 EDO A O2  1 
HETATM 1173 C C1  . EDO E 3 .   ? 2.788   2.595   -11.983 1.00 16.77 ? 204 EDO A C1  1 
HETATM 1174 O O1  . EDO E 3 .   ? 2.700   3.583   -10.944 1.00 14.48 ? 204 EDO A O1  1 
HETATM 1175 C C2  . EDO E 3 .   ? 3.436   3.085   -13.238 1.00 17.65 ? 204 EDO A C2  1 
HETATM 1176 O O2  . EDO E 3 .   ? 2.853   4.320   -13.744 1.00 18.02 ? 204 EDO A O2  1 
HETATM 1177 S S   . DMS F 4 .   ? -22.630 4.909   4.715   1.00 33.59 ? 205 DMS A S   1 
HETATM 1178 O O   . DMS F 4 .   ? -23.175 3.577   4.549   1.00 24.18 ? 205 DMS A O   1 
HETATM 1179 C C1  . DMS F 4 .   ? -22.042 5.470   3.262   1.00 30.09 ? 205 DMS A C1  1 
HETATM 1180 C C2  . DMS F 4 .   ? -23.862 6.032   4.941   1.00 34.57 ? 205 DMS A C2  1 
HETATM 1181 C C1  A EDO G 3 .   ? -10.338 -10.487 -1.839  0.50 19.91 ? 206 EDO A C1  1 
HETATM 1182 C C1  B EDO G 3 .   ? -10.308 -11.325 -1.977  0.50 23.44 ? 206 EDO A C1  1 
HETATM 1183 O O1  A EDO G 3 .   ? -11.723 -10.693 -1.722  0.50 16.47 ? 206 EDO A O1  1 
HETATM 1184 O O1  B EDO G 3 .   ? -11.630 -10.794 -1.847  0.50 19.91 ? 206 EDO A O1  1 
HETATM 1185 C C2  A EDO G 3 .   ? -9.784  -11.428 -2.903  0.50 18.86 ? 206 EDO A C2  1 
HETATM 1186 C C2  B EDO G 3 .   ? -10.074 -12.285 -3.135  0.50 24.06 ? 206 EDO A C2  1 
HETATM 1187 O O2  A EDO G 3 .   ? -10.039 -10.849 -4.184  0.50 19.10 ? 206 EDO A O2  1 
HETATM 1188 O O2  B EDO G 3 .   ? -10.267 -13.672 -2.773  0.50 24.55 ? 206 EDO A O2  1 
HETATM 1189 C C1  A EDO H 3 .   ? 5.487   -7.285  12.403  0.50 20.06 ? 207 EDO A C1  1 
HETATM 1190 C C1  B EDO H 3 .   ? 6.097   -7.101  12.967  0.50 22.55 ? 207 EDO A C1  1 
HETATM 1191 O O1  A EDO H 3 .   ? 5.986   -7.819  11.189  0.50 20.88 ? 207 EDO A O1  1 
HETATM 1192 O O1  B EDO H 3 .   ? 5.781   -7.954  11.852  0.50 22.09 ? 207 EDO A O1  1 
HETATM 1193 C C2  A EDO H 3 .   ? 6.582   -7.445  13.438  0.50 20.66 ? 207 EDO A C2  1 
HETATM 1194 C C2  B EDO H 3 .   ? 6.632   -7.844  14.196  0.50 21.05 ? 207 EDO A C2  1 
HETATM 1195 O O2  A EDO H 3 .   ? 6.384   -6.489  14.418  0.50 18.14 ? 207 EDO A O2  1 
HETATM 1196 O O2  B EDO H 3 .   ? 7.252   -9.168  14.009  0.50 18.37 ? 207 EDO A O2  1 
HETATM 1197 C C1  . EDO I 3 .   ? -20.511 1.898   6.136   1.00 38.10 ? 208 EDO A C1  1 
HETATM 1198 O O1  . EDO I 3 .   ? -20.985 3.007   6.950   1.00 42.36 ? 208 EDO A O1  1 
HETATM 1199 C C2  . EDO I 3 .   ? -19.265 1.320   6.788   1.00 40.69 ? 208 EDO A C2  1 
HETATM 1200 O O2  . EDO I 3 .   ? -19.532 -0.047  7.145   1.00 49.11 ? 208 EDO A O2  1 
HETATM 1201 C C1  . EDO J 3 .   ? -21.490 7.826   -0.145  1.00 37.11 ? 209 EDO A C1  1 
HETATM 1202 O O1  . EDO J 3 .   ? -22.776 7.189   0.055   1.00 40.11 ? 209 EDO A O1  1 
HETATM 1203 C C2  . EDO J 3 .   ? -20.435 7.332   0.853   1.00 36.48 ? 209 EDO A C2  1 
HETATM 1204 O O2  . EDO J 3 .   ? -20.900 7.570   2.184   1.00 43.54 ? 209 EDO A O2  1 
HETATM 1205 O O   . HOH K 5 .   ? -0.670  -10.973 9.952   1.00 45.29 ? 301 HOH A O   1 
HETATM 1206 O O   . HOH K 5 .   ? -5.788  -14.457 12.062  1.00 41.20 ? 302 HOH A O   1 
HETATM 1207 O O   . HOH K 5 .   ? 18.075  1.878   -8.506  1.00 32.94 ? 303 HOH A O   1 
HETATM 1208 O O   . HOH K 5 .   ? -21.570 -19.054 1.889   1.00 26.00 ? 304 HOH A O   1 
HETATM 1209 O O   . HOH K 5 .   ? -18.950 -10.932 8.046   1.00 39.29 ? 305 HOH A O   1 
HETATM 1210 O O   . HOH K 5 .   ? -16.072 10.285  -9.170  1.00 48.35 ? 306 HOH A O   1 
HETATM 1211 O O   . HOH K 5 .   ? 20.380  -4.491  -10.245 1.00 37.44 ? 307 HOH A O   1 
HETATM 1212 O O   . HOH K 5 .   ? 16.954  2.856   -5.310  1.00 23.83 ? 308 HOH A O   1 
HETATM 1213 O O   . HOH K 5 .   ? 22.015  -6.031  0.938   1.00 43.36 ? 309 HOH A O   1 
HETATM 1214 O O   . HOH K 5 .   ? -23.390 4.885   -0.549  1.00 25.83 ? 310 HOH A O   1 
HETATM 1215 O O   . HOH K 5 .   ? -24.448 -5.440  8.256   1.00 41.21 ? 311 HOH A O   1 
HETATM 1216 O O   . HOH K 5 .   ? -20.353 -4.802  7.787   1.00 30.94 ? 312 HOH A O   1 
HETATM 1217 O O   . HOH K 5 .   ? -3.272  -5.989  -8.585  1.00 20.09 ? 313 HOH A O   1 
HETATM 1218 O O   . HOH K 5 .   ? -20.752 -1.963  6.078   1.00 23.18 ? 314 HOH A O   1 
HETATM 1219 O O   . HOH K 5 .   ? 1.429   -9.499  -4.763  1.00 27.45 ? 315 HOH A O   1 
HETATM 1220 O O   . HOH K 5 .   ? 19.292  0.033   5.040   1.00 31.75 ? 316 HOH A O   1 
HETATM 1221 O O   . HOH K 5 .   ? -1.647  -15.325 -1.246  1.00 23.56 ? 317 HOH A O   1 
HETATM 1222 O O   . HOH K 5 .   ? 14.014  -11.282 -2.515  1.00 44.81 ? 318 HOH A O   1 
HETATM 1223 O O   . HOH K 5 .   ? 5.841   -0.710  15.268  1.00 51.25 ? 319 HOH A O   1 
HETATM 1224 O O   . HOH K 5 .   ? -12.424 -14.227 -1.386  1.00 25.38 ? 320 HOH A O   1 
HETATM 1225 O O   . HOH K 5 .   ? -7.523  -18.507 1.739   1.00 20.78 ? 321 HOH A O   1 
HETATM 1226 O O   . HOH K 5 .   ? 13.577  21.715  -8.880  1.00 36.26 ? 322 HOH A O   1 
HETATM 1227 O O   . HOH K 5 .   ? 8.894   13.382  3.912   1.00 34.55 ? 323 HOH A O   1 
HETATM 1228 O O   . HOH K 5 .   ? -10.943 4.729   -5.611  1.00 25.60 ? 324 HOH A O   1 
HETATM 1229 O O   . HOH K 5 .   ? -19.131 9.240   3.563   1.00 29.84 ? 325 HOH A O   1 
HETATM 1230 O O   . HOH K 5 .   ? 5.883   -17.706 0.902   1.00 39.83 ? 326 HOH A O   1 
HETATM 1231 O O   . HOH K 5 .   ? -16.570 12.628  -5.081  1.00 22.94 ? 327 HOH A O   1 
HETATM 1232 O O   . HOH K 5 .   ? -12.034 -2.517  10.259  1.00 35.85 ? 328 HOH A O   1 
HETATM 1233 O O   . HOH K 5 .   ? -17.399 -8.507  -2.038  1.00 19.13 ? 329 HOH A O   1 
HETATM 1234 O O   . HOH K 5 .   ? 8.433   2.941   -5.032  1.00 13.96 ? 330 HOH A O   1 
HETATM 1235 O O   . HOH K 5 .   ? -5.059  14.131  -2.298  1.00 24.34 ? 331 HOH A O   1 
HETATM 1236 O O   . HOH K 5 .   ? 15.512  6.475   -13.153 1.00 39.10 ? 332 HOH A O   1 
HETATM 1237 O O   . HOH K 5 .   ? -4.030  0.759   -6.561  1.00 19.15 ? 333 HOH A O   1 
HETATM 1238 O O   . HOH K 5 .   ? 8.644   15.421  -8.188  1.00 27.05 ? 334 HOH A O   1 
HETATM 1239 O O   . HOH K 5 .   ? -15.392 5.657   0.496   1.00 12.28 ? 335 HOH A O   1 
HETATM 1240 O O   . HOH K 5 .   ? 10.464  -8.623  12.520  1.00 29.50 ? 336 HOH A O   1 
HETATM 1241 O O   . HOH K 5 .   ? -7.087  10.463  5.958   1.00 23.98 ? 337 HOH A O   1 
HETATM 1242 O O   . HOH K 5 .   ? -13.013 -8.470  -2.521  1.00 11.96 ? 338 HOH A O   1 
HETATM 1243 O O   . HOH K 5 .   ? -20.605 11.210  2.419   1.00 34.09 ? 339 HOH A O   1 
HETATM 1244 O O   . HOH K 5 .   ? 14.019  -10.272 -0.162  1.00 27.76 ? 340 HOH A O   1 
HETATM 1245 O O   . HOH K 5 .   ? 7.674   6.284   8.644   1.00 24.43 ? 341 HOH A O   1 
HETATM 1246 O O   . HOH K 5 .   ? 14.458  17.894  -5.064  1.00 40.57 ? 342 HOH A O   1 
HETATM 1247 O O   . HOH K 5 .   ? -25.252 2.929   6.164   1.00 34.27 ? 343 HOH A O   1 
HETATM 1248 O O   . HOH K 5 .   ? 8.397   7.131   1.697   1.00 30.89 ? 344 HOH A O   1 
HETATM 1249 O O   . HOH K 5 .   ? -13.438 -12.540 -2.877  1.00 33.63 ? 345 HOH A O   1 
HETATM 1250 O O   . HOH K 5 .   ? 5.679   11.581  2.391   1.00 20.30 ? 346 HOH A O   1 
HETATM 1251 O O   . HOH K 5 .   ? -11.017 7.964   10.430  1.00 25.29 ? 347 HOH A O   1 
HETATM 1252 O O   . HOH K 5 .   ? -22.024 -9.712  9.812   1.00 29.94 ? 348 HOH A O   1 
HETATM 1253 O O   . HOH K 5 .   ? -2.541  9.526   0.994   1.00 14.63 ? 349 HOH A O   1 
HETATM 1254 O O   . HOH K 5 .   ? 7.387   4.087   12.008  1.00 48.30 ? 350 HOH A O   1 
HETATM 1255 O O   . HOH K 5 .   ? 13.904  4.198   -12.837 1.00 29.08 ? 351 HOH A O   1 
HETATM 1256 O O   . HOH K 5 .   ? -9.340  -16.481 1.513   1.00 26.90 ? 352 HOH A O   1 
HETATM 1257 O O   . HOH K 5 .   ? 21.691  -7.313  -4.629  1.00 34.48 ? 353 HOH A O   1 
HETATM 1258 O O   . HOH K 5 .   ? -4.193  -2.057  12.332  1.00 30.85 ? 354 HOH A O   1 
HETATM 1259 O O   . HOH K 5 .   ? -8.523  12.254  -5.502  1.00 13.49 ? 355 HOH A O   1 
HETATM 1260 O O   . HOH K 5 .   ? -12.100 13.809  0.932   1.00 19.52 ? 356 HOH A O   1 
HETATM 1261 O O   . HOH K 5 .   ? 0.056   10.706  -5.370  1.00 13.90 ? 357 HOH A O   1 
HETATM 1262 O O   . HOH K 5 .   ? 4.846   -10.261 14.729  1.00 26.42 ? 358 HOH A O   1 
HETATM 1263 O O   . HOH K 5 .   ? -17.696 4.464   8.297   1.00 39.34 ? 359 HOH A O   1 
HETATM 1264 O O   . HOH K 5 .   ? 9.699   -0.106  9.979   1.00 17.00 ? 360 HOH A O   1 
HETATM 1265 O O   . HOH K 5 .   ? -0.473  -17.543 6.459   1.00 36.52 ? 361 HOH A O   1 
HETATM 1266 O O   . HOH K 5 .   ? -23.162 10.681  -2.596  1.00 33.20 ? 362 HOH A O   1 
HETATM 1267 O O   . HOH K 5 .   ? 6.676   4.957   0.166   1.00 13.03 ? 363 HOH A O   1 
HETATM 1268 O O   . HOH K 5 .   ? -3.859  3.630   -12.383 1.00 20.46 ? 364 HOH A O   1 
HETATM 1269 O O   . HOH K 5 .   ? -16.859 1.991   -3.244  1.00 10.37 ? 365 HOH A O   1 
HETATM 1270 O O   . HOH K 5 .   ? -10.108 1.878   -4.250  1.00 23.35 ? 366 HOH A O   1 
HETATM 1271 O O   . HOH K 5 .   ? 21.314  1.278   -7.586  1.00 42.73 ? 367 HOH A O   1 
HETATM 1272 O O   . HOH K 5 .   ? -11.061 -11.724 -6.610  1.00 27.86 ? 368 HOH A O   1 
HETATM 1273 O O   . HOH K 5 .   ? 13.412  -3.869  -9.571  1.00 18.65 ? 369 HOH A O   1 
HETATM 1274 O O   . HOH K 5 .   ? -12.561 -10.715 9.968   1.00 25.41 ? 370 HOH A O   1 
HETATM 1275 O O   . HOH K 5 .   ? 1.881   18.906  -7.129  1.00 13.46 ? 371 HOH A O   1 
HETATM 1276 O O   . HOH K 5 .   ? 1.707   7.345   -2.503  1.00 11.93 ? 372 HOH A O   1 
HETATM 1277 O O   . HOH K 5 .   ? 14.186  8.427   4.282   1.00 30.45 ? 373 HOH A O   1 
HETATM 1278 O O   . HOH K 5 .   ? 4.694   4.633   -4.856  1.00 13.53 ? 374 HOH A O   1 
HETATM 1279 O O   . HOH K 5 .   ? 12.683  -1.302  3.780   1.00 22.98 ? 375 HOH A O   1 
HETATM 1280 O O   . HOH K 5 .   ? 5.421   3.303   -1.548  1.00 19.80 ? 376 HOH A O   1 
HETATM 1281 O O   . HOH K 5 .   ? 5.316   7.289   -16.993 1.00 39.94 ? 377 HOH A O   1 
HETATM 1282 O O   . HOH K 5 .   ? 2.358   12.702  -2.542  1.00 14.68 ? 378 HOH A O   1 
HETATM 1283 O O   . HOH K 5 .   ? 1.606   -17.174 7.852   1.00 40.24 ? 379 HOH A O   1 
HETATM 1284 O O   . HOH K 5 .   ? -7.726  0.483   -4.863  1.00 22.53 ? 380 HOH A O   1 
HETATM 1285 O O   . HOH K 5 .   ? -9.441  -20.388 2.060   1.00 18.90 ? 381 HOH A O   1 
HETATM 1286 O O   . HOH K 5 .   ? 12.538  -18.592 1.781   1.00 37.19 ? 382 HOH A O   1 
HETATM 1287 O O   . HOH K 5 .   ? 13.455  16.969  -13.545 1.00 45.92 ? 383 HOH A O   1 
HETATM 1288 O O   . HOH K 5 .   ? -15.274 7.181   7.815   1.00 43.95 ? 384 HOH A O   1 
HETATM 1289 O O   . HOH K 5 .   ? 9.275   -12.243 4.187   1.00 22.50 ? 385 HOH A O   1 
HETATM 1290 O O   . HOH K 5 .   ? 8.884   13.485  -9.993  1.00 22.05 ? 386 HOH A O   1 
HETATM 1291 O O   . HOH K 5 .   ? 6.339   1.933   -3.575  1.00 17.49 ? 387 HOH A O   1 
HETATM 1292 O O   . HOH K 5 .   ? 15.390  -8.106  -7.122  1.00 35.43 ? 388 HOH A O   1 
HETATM 1293 O O   . HOH K 5 .   ? -5.414  1.074   12.586  1.00 37.74 ? 389 HOH A O   1 
HETATM 1294 O O   . HOH K 5 .   ? 4.970   12.916  -1.821  1.00 15.19 ? 390 HOH A O   1 
HETATM 1295 O O   . HOH K 5 .   ? 8.416   -11.477 -3.172  1.00 24.87 ? 391 HOH A O   1 
HETATM 1296 O O   . HOH K 5 .   ? 1.515   8.264   6.522   1.00 38.22 ? 392 HOH A O   1 
HETATM 1297 O O   . HOH K 5 .   ? 21.159  -2.923  -8.018  1.00 48.08 ? 393 HOH A O   1 
HETATM 1298 O O   . HOH K 5 .   ? -13.427 0.005   3.897   1.00 20.65 ? 394 HOH A O   1 
HETATM 1299 O O   . HOH K 5 .   ? -12.090 -0.694  6.285   1.00 27.78 ? 395 HOH A O   1 
HETATM 1300 O O   . HOH K 5 .   ? 17.069  7.016   -8.159  1.00 36.41 ? 396 HOH A O   1 
HETATM 1301 O O   . HOH K 5 .   ? -9.229  -18.836 5.547   1.00 38.48 ? 397 HOH A O   1 
HETATM 1302 O O   . HOH K 5 .   ? 14.557  8.944   -15.660 1.00 42.02 ? 398 HOH A O   1 
HETATM 1303 O O   . HOH K 5 .   ? -5.059  -8.055  -8.026  1.00 28.59 ? 399 HOH A O   1 
HETATM 1304 O O   . HOH K 5 .   ? 15.968  -10.695 -5.472  1.00 48.11 ? 400 HOH A O   1 
HETATM 1305 O O   . HOH K 5 .   ? 9.299   9.452   1.448   1.00 30.06 ? 401 HOH A O   1 
HETATM 1306 O O   . HOH K 5 .   ? -13.984 5.646   9.975   1.00 39.13 ? 402 HOH A O   1 
HETATM 1307 O O   . HOH K 5 .   ? -15.533 -8.872  14.375  1.00 45.51 ? 403 HOH A O   1 
HETATM 1308 O O   . HOH K 5 .   ? -12.752 1.008   -6.607  1.00 30.09 ? 404 HOH A O   1 
HETATM 1309 O O   . HOH K 5 .   ? -26.700 -9.534  4.729   1.00 38.03 ? 405 HOH A O   1 
HETATM 1310 O O   . HOH K 5 .   ? -14.752 1.661   11.471  1.00 43.84 ? 406 HOH A O   1 
HETATM 1311 O O   . HOH K 5 .   ? -3.068  6.609   10.054  1.00 31.83 ? 407 HOH A O   1 
HETATM 1312 O O   . HOH K 5 .   ? -21.550 -12.076 0.888   1.00 26.20 ? 408 HOH A O   1 
HETATM 1313 O O   . HOH K 5 .   ? -6.546  -0.442  -8.038  1.00 32.51 ? 409 HOH A O   1 
HETATM 1314 O O   . HOH K 5 .   ? -6.837  -11.461 -5.457  1.00 34.64 ? 410 HOH A O   1 
HETATM 1315 O O   . HOH K 5 .   ? 4.937   9.442   7.942   1.00 41.64 ? 411 HOH A O   1 
HETATM 1316 O O   . HOH K 5 .   ? 18.068  0.631   -2.063  1.00 16.14 ? 412 HOH A O   1 
HETATM 1317 O O   . HOH K 5 .   ? 5.239   14.468  -13.964 1.00 21.13 ? 413 HOH A O   1 
HETATM 1318 O O   . HOH K 5 .   ? -6.585  4.472   -5.658  1.00 33.60 ? 414 HOH A O   1 
HETATM 1319 O O   . HOH K 5 .   ? 4.030   -10.258 12.185  1.00 37.03 ? 415 HOH A O   1 
HETATM 1320 O O   . HOH K 5 .   ? -8.282  12.241  0.949   1.00 19.19 ? 416 HOH A O   1 
HETATM 1321 O O   . HOH K 5 .   ? -19.811 16.038  -3.651  1.00 39.90 ? 417 HOH A O   1 
HETATM 1322 O O   . HOH K 5 .   ? 13.917  14.137  -13.975 1.00 40.93 ? 418 HOH A O   1 
HETATM 1323 O O   . HOH K 5 .   ? -2.741  -3.345  -8.453  1.00 17.28 ? 419 HOH A O   1 
HETATM 1324 O O   . HOH K 5 .   ? -9.233  -15.885 9.201   1.00 44.87 ? 420 HOH A O   1 
HETATM 1325 O O   . HOH K 5 .   ? -15.735 -17.477 4.764   1.00 28.50 ? 421 HOH A O   1 
HETATM 1326 O O   . HOH K 5 .   ? 12.183  2.731   -14.513 1.00 24.43 ? 422 HOH A O   1 
HETATM 1327 O O   . HOH K 5 .   ? 6.360   3.468   -15.915 1.00 30.49 ? 423 HOH A O   1 
HETATM 1328 O O   . HOH K 5 .   ? -17.640 -5.780  -4.890  1.00 13.10 ? 424 HOH A O   1 
HETATM 1329 O O   . HOH K 5 .   ? 11.200  -10.970 8.191   1.00 31.61 ? 425 HOH A O   1 
HETATM 1330 O O   . HOH K 5 .   ? 14.002  -0.186  10.610  1.00 30.99 ? 426 HOH A O   1 
HETATM 1331 O O   . HOH K 5 .   ? 4.490   -15.715 -0.195  1.00 25.89 ? 427 HOH A O   1 
HETATM 1332 O O   . HOH K 5 .   ? 21.278  -1.093  -2.460  1.00 23.86 ? 428 HOH A O   1 
HETATM 1333 O O   . HOH K 5 .   ? -15.243 -17.091 -1.927  1.00 26.12 ? 429 HOH A O   1 
HETATM 1334 O O   . HOH K 5 .   ? 4.336   6.694   -2.838  1.00 18.92 ? 430 HOH A O   1 
HETATM 1335 O O   . HOH K 5 .   ? -20.352 15.036  -6.949  1.00 28.52 ? 431 HOH A O   1 
HETATM 1336 O O   . HOH K 5 .   ? -15.998 -13.539 -1.623  1.00 27.33 ? 432 HOH A O   1 
HETATM 1337 O O   . HOH K 5 .   ? -12.893 -18.736 6.112   1.00 31.96 ? 433 HOH A O   1 
HETATM 1338 O O   . HOH K 5 .   ? -6.360  10.596  -5.505  1.00 14.26 ? 434 HOH A O   1 
HETATM 1339 O O   . HOH K 5 .   ? 16.173  -7.754  8.900   1.00 24.86 ? 435 HOH A O   1 
HETATM 1340 O O   . HOH K 5 .   ? 13.551  -1.313  -12.749 1.00 24.23 ? 436 HOH A O   1 
HETATM 1341 O O   . HOH K 5 .   ? -7.673  9.549   8.372   1.00 27.29 ? 437 HOH A O   1 
HETATM 1342 O O   . HOH K 5 .   ? -13.251 -4.452  -7.012  1.00 29.85 ? 438 HOH A O   1 
HETATM 1343 O O   . HOH K 5 .   ? -23.011 8.096   -3.807  1.00 23.40 ? 439 HOH A O   1 
HETATM 1344 O O   . HOH K 5 .   ? -20.292 -6.034  -3.816  1.00 13.29 ? 440 HOH A O   1 
HETATM 1345 O O   . HOH K 5 .   ? -11.217 -3.020  13.094  1.00 37.77 ? 441 HOH A O   1 
HETATM 1346 O O   . HOH K 5 .   ? -11.103 -2.430  7.820   1.00 23.17 ? 442 HOH A O   1 
HETATM 1347 O O   . HOH K 5 .   ? 1.912   16.913  -1.761  1.00 41.24 ? 443 HOH A O   1 
HETATM 1348 O O   . HOH K 5 .   ? -15.504 -14.135 8.772   1.00 28.24 ? 444 HOH A O   1 
HETATM 1349 O O   . HOH K 5 .   ? 12.988  16.005  -6.949  1.00 37.15 ? 445 HOH A O   1 
HETATM 1350 O O   . HOH K 5 .   ? 0.039   -18.920 3.976   1.00 40.81 ? 446 HOH A O   1 
HETATM 1351 O O   . HOH K 5 .   ? 3.837   0.945   14.905  1.00 36.48 ? 447 HOH A O   1 
HETATM 1352 O O   . HOH K 5 .   ? 2.126   10.059  -3.659  1.00 12.23 ? 448 HOH A O   1 
HETATM 1353 O O   . HOH K 5 .   ? -2.509  -10.469 -5.581  1.00 32.74 ? 449 HOH A O   1 
HETATM 1354 O O   . HOH K 5 .   ? 12.602  -10.577 10.383  1.00 33.46 ? 450 HOH A O   1 
HETATM 1355 O O   . HOH K 5 .   ? -1.283  6.319   7.966   1.00 21.29 ? 451 HOH A O   1 
HETATM 1356 O O   . HOH K 5 .   ? 3.512   3.942   13.684  1.00 43.27 ? 452 HOH A O   1 
HETATM 1357 O O   . HOH K 5 .   ? 4.720   17.438  -0.560  1.00 38.16 ? 453 HOH A O   1 
HETATM 1358 O O   . HOH K 5 .   ? -10.855 4.433   12.579  1.00 44.39 ? 454 HOH A O   1 
HETATM 1359 O O   . HOH K 5 .   ? 5.295   6.596   10.343  1.00 49.04 ? 455 HOH A O   1 
HETATM 1360 O O   . HOH K 5 .   ? -0.020  6.207   11.729  1.00 42.87 ? 456 HOH A O   1 
HETATM 1361 O O   . HOH K 5 .   ? 13.839  -0.761  6.179   1.00 35.38 ? 457 HOH A O   1 
HETATM 1362 O O   . HOH K 5 .   ? -12.145 0.725   10.288  1.00 34.87 ? 458 HOH A O   1 
HETATM 1363 O O   . HOH K 5 .   ? 3.261   7.253   8.790   1.00 45.32 ? 459 HOH A O   1 
HETATM 1364 O O   . HOH K 5 .   ? 8.103   1.325   11.943  1.00 35.58 ? 460 HOH A O   1 
HETATM 1365 O O   . HOH K 5 .   ? -10.710 -9.396  11.831  1.00 38.40 ? 461 HOH A O   1 
HETATM 1366 O O   . HOH K 5 .   ? 16.813  3.839   -9.599  1.00 44.04 ? 462 HOH A O   1 
HETATM 1367 O O   . HOH K 5 .   ? -1.107  10.641  3.067   1.00 31.59 ? 463 HOH A O   1 
HETATM 1368 O O   . HOH K 5 .   ? 15.368  -1.653  7.559   1.00 42.42 ? 464 HOH A O   1 
HETATM 1369 O O   . HOH K 5 .   ? 5.845   1.728   13.188  1.00 46.05 ? 465 HOH A O   1 
HETATM 1370 O O   . HOH K 5 .   ? -7.305  -16.629 11.255  1.00 45.71 ? 466 HOH A O   1 
HETATM 1371 O O   . HOH K 5 .   ? -9.362  -9.773  15.856  1.00 40.01 ? 467 HOH A O   1 
HETATM 1372 O O   . HOH K 5 .   ? -0.316  10.628  9.021   1.00 37.77 ? 468 HOH A O   1 
HETATM 1373 O O   . HOH K 5 .   ? -3.416  0.696   14.739  1.00 42.75 ? 469 HOH A O   1 
HETATM 1374 O O   . HOH K 5 .   ? 10.302  7.621   7.014   1.00 37.88 ? 470 HOH A O   1 
HETATM 1375 O O   . HOH K 5 .   ? 11.937  -12.149 0.112   1.00 33.63 ? 471 HOH A O   1 
HETATM 1376 O O   . HOH K 5 .   ? -14.248 -6.606  18.381  1.00 50.29 ? 472 HOH A O   1 
HETATM 1377 O O   . HOH K 5 .   ? 11.103  7.880   4.264   1.00 34.26 ? 473 HOH A O   1 
HETATM 1378 O O   . HOH K 5 .   ? -20.391 -3.190  10.003  1.00 42.64 ? 474 HOH A O   1 
HETATM 1379 O O   . HOH K 5 .   ? 0.121   8.637   4.197   1.00 42.52 ? 475 HOH A O   1 
HETATM 1380 O O   . HOH K 5 .   ? -11.916 14.153  -1.629  1.00 40.02 ? 476 HOH A O   1 
HETATM 1381 O O   . HOH K 5 .   ? 5.493   15.871  1.911   1.00 43.50 ? 477 HOH A O   1 
HETATM 1382 O O   . HOH K 5 .   ? 2.221   -17.255 -0.203  1.00 32.08 ? 478 HOH A O   1 
HETATM 1383 O O   . HOH K 5 .   ? -13.581 -7.266  -7.245  1.00 22.96 ? 479 HOH A O   1 
HETATM 1384 O O   . HOH K 5 .   ? 9.119   10.070  6.230   1.00 38.91 ? 480 HOH A O   1 
HETATM 1385 O O   . HOH K 5 .   ? 11.683  0.250   11.937  1.00 33.56 ? 481 HOH A O   1 
HETATM 1386 O O   . HOH K 5 .   ? 10.587  -13.246 -2.061  1.00 41.46 ? 482 HOH A O   1 
HETATM 1387 O O   . HOH K 5 .   ? 4.941   -12.423 -5.862  1.00 36.24 ? 483 HOH A O   1 
HETATM 1388 O O   . HOH K 5 .   ? 6.217   -12.768 -3.371  1.00 36.14 ? 484 HOH A O   1 
HETATM 1389 O O   . HOH K 5 .   ? -5.353  -3.449  18.325  1.00 28.17 ? 485 HOH A O   1 
HETATM 1390 O O   . HOH K 5 .   ? 1.229   1.336   15.227  1.00 50.14 ? 486 HOH A O   1 
HETATM 1391 O O   . HOH K 5 .   ? 4.974   13.575  0.739   1.00 27.31 ? 487 HOH A O   1 
HETATM 1392 O O   . HOH K 5 .   ? -9.173  13.909  -1.254  1.00 29.08 ? 488 HOH A O   1 
HETATM 1393 O O   . HOH K 5 .   ? 0.340   -16.624 -2.488  1.00 37.22 ? 489 HOH A O   1 
HETATM 1394 O O   . HOH K 5 .   ? -12.436 6.962   12.465  1.00 45.19 ? 490 HOH A O   1 
HETATM 1395 O O   . HOH K 5 .   ? -4.628  3.427   -7.354  1.00 24.70 ? 491 HOH A O   1 
HETATM 1396 O O   . HOH K 5 .   ? -24.006 -11.294 5.486   1.00 34.63 ? 492 HOH A O   1 
HETATM 1397 O O   . HOH K 5 .   ? -20.136 9.214   8.389   1.00 43.74 ? 493 HOH A O   1 
HETATM 1398 O O   . HOH K 5 .   ? 0.693   -11.198 -6.313  1.00 39.65 ? 494 HOH A O   1 
HETATM 1399 O O   . HOH K 5 .   ? -10.417 1.596   12.477  1.00 42.84 ? 495 HOH A O   1 
HETATM 1400 O O   . HOH K 5 .   ? -20.946 14.151  1.989   1.00 45.47 ? 496 HOH A O   1 
HETATM 1401 O O   . HOH K 5 .   ? -15.748 -19.590 -0.921  1.00 24.79 ? 497 HOH A O   1 
HETATM 1402 O O   . HOH K 5 .   ? 16.974  3.168   -2.473  1.00 21.29 ? 498 HOH A O   1 
HETATM 1403 O O   . HOH K 5 .   ? -18.087 16.571  -6.532  1.00 41.99 ? 499 HOH A O   1 
HETATM 1404 O O   . HOH K 5 .   ? 2.128   13.518  0.089   1.00 22.29 ? 500 HOH A O   1 
HETATM 1405 O O   . HOH K 5 .   ? -1.051  -0.971  12.017  1.00 30.51 ? 501 HOH A O   1 
HETATM 1406 O O   . HOH K 5 .   ? 17.444  5.941   -5.660  1.00 30.73 ? 502 HOH A O   1 
HETATM 1407 O O   . HOH K 5 .   ? 9.567   10.899  3.644   1.00 38.64 ? 503 HOH A O   1 
HETATM 1408 O O   . HOH K 5 .   ? -8.030  1.056   13.622  1.00 36.99 ? 504 HOH A O   1 
HETATM 1409 O O   . HOH K 5 .   ? -1.440  14.074  3.353   1.00 45.77 ? 505 HOH A O   1 
HETATM 1410 O O   . HOH K 5 .   ? 14.040  -8.943  -10.323 1.00 48.77 ? 506 HOH A O   1 
HETATM 1411 O O   . HOH K 5 .   ? 11.712  -12.898 3.114   1.00 36.40 ? 507 HOH A O   1 
HETATM 1412 O O   . HOH K 5 .   ? -4.369  16.419  -1.205  1.00 37.86 ? 508 HOH A O   1 
HETATM 1413 O O   . HOH K 5 .   ? -20.905 -15.754 7.981   1.00 49.20 ? 509 HOH A O   1 
HETATM 1414 O O   . HOH K 5 .   ? 2.163   11.778  4.883   1.00 44.36 ? 510 HOH A O   1 
HETATM 1415 O O   . HOH K 5 .   ? 15.270  -10.175 3.685   1.00 37.71 ? 511 HOH A O   1 
HETATM 1416 O O   . HOH K 5 .   ? 6.171   -15.228 -2.520  1.00 37.11 ? 512 HOH A O   1 
HETATM 1417 O O   . HOH K 5 .   ? -11.682 -7.075  -11.361 1.00 31.47 ? 513 HOH A O   1 
HETATM 1418 O O   . HOH K 5 .   ? 0.781   12.740  2.526   1.00 35.35 ? 514 HOH A O   1 
HETATM 1419 O O   . HOH K 5 .   ? 16.574  16.392  -13.302 1.00 44.88 ? 515 HOH A O   1 
HETATM 1420 O O   . HOH K 5 .   ? 0.906   -14.141 -6.277  1.00 45.41 ? 516 HOH A O   1 
# 
